data_5B88
#
_entry.id   5B88
#
_entity_poly.entity_id   1
_entity_poly.type   'polypeptide(L)'
_entity_poly.pdbx_seq_one_letter_code
;MADVGDMQLYRIEVGRDDGVEVRHIVGAIANEGDISSRYIGNIKLFASHSTIELPKGMPGEVLQHFTRTRILNKPMNMQL
LGDAQ
;
_entity_poly.pdbx_strand_id   A
#
# COMPACT_ATOMS: atom_id res chain seq x y z
N MET A 1 -1.90 10.09 -13.02
CA MET A 1 -1.13 10.30 -14.24
C MET A 1 -0.11 9.17 -14.43
N ALA A 2 -0.51 7.95 -14.07
CA ALA A 2 0.37 6.80 -14.20
C ALA A 2 0.38 6.28 -15.64
N ASP A 3 1.07 5.18 -15.86
CA ASP A 3 1.15 4.58 -17.19
C ASP A 3 -0.20 4.03 -17.63
N VAL A 4 -0.92 3.43 -16.69
CA VAL A 4 -2.24 2.86 -16.98
C VAL A 4 -3.31 3.52 -16.13
N GLY A 5 -3.08 3.57 -14.82
CA GLY A 5 -4.05 4.17 -13.92
C GLY A 5 -4.54 3.21 -12.86
N ASP A 6 -3.78 2.13 -12.65
CA ASP A 6 -4.15 1.13 -11.66
C ASP A 6 -4.45 1.79 -10.31
N MET A 7 -5.73 1.89 -9.98
CA MET A 7 -6.15 2.49 -8.73
C MET A 7 -7.10 1.56 -7.96
N GLN A 8 -6.68 1.17 -6.76
CA GLN A 8 -7.49 0.28 -5.93
C GLN A 8 -7.21 0.51 -4.45
N LEU A 9 -7.96 -0.17 -3.59
CA LEU A 9 -7.79 -0.04 -2.15
C LEU A 9 -7.43 -1.38 -1.51
N TYR A 10 -6.19 -1.51 -1.07
CA TYR A 10 -5.73 -2.74 -0.45
C TYR A 10 -5.53 -2.55 1.05
N ARG A 11 -6.14 -3.43 1.84
CA ARG A 11 -6.03 -3.36 3.29
C ARG A 11 -5.13 -4.48 3.82
N ILE A 12 -4.19 -4.11 4.69
CA ILE A 12 -3.27 -5.07 5.27
C ILE A 12 -3.72 -5.49 6.67
N GLU A 13 -3.13 -6.57 7.18
CA GLU A 13 -3.47 -7.07 8.50
C GLU A 13 -2.51 -6.52 9.56
N VAL A 14 -2.32 -5.20 9.54
CA VAL A 14 -1.43 -4.54 10.49
C VAL A 14 -1.98 -3.18 10.90
N GLY A 15 -1.93 -2.88 12.19
CA GLY A 15 -2.41 -1.61 12.69
C GLY A 15 -1.59 -1.09 13.85
N ARG A 16 -2.09 -0.04 14.50
CA ARG A 16 -1.40 0.55 15.64
C ARG A 16 -1.11 -0.49 16.71
N ASP A 17 -2.08 -1.38 16.94
CA ASP A 17 -1.92 -2.43 17.94
C ASP A 17 -0.84 -3.43 17.52
N ASP A 18 -0.51 -3.43 16.23
CA ASP A 18 0.50 -4.33 15.69
C ASP A 18 1.87 -3.66 15.70
N GLY A 19 1.90 -2.37 15.34
CA GLY A 19 3.15 -1.64 15.31
C GLY A 19 3.32 -0.83 14.04
N VAL A 20 2.20 -0.34 13.50
CA VAL A 20 2.22 0.45 12.28
C VAL A 20 1.35 1.70 12.42
N GLU A 21 1.74 2.76 11.72
CA GLU A 21 0.99 4.01 11.76
C GLU A 21 0.63 4.48 10.35
N VAL A 22 0.08 5.68 10.26
CA VAL A 22 -0.31 6.25 8.97
C VAL A 22 0.89 6.74 8.20
N ARG A 23 1.91 7.20 8.93
CA ARG A 23 3.13 7.71 8.32
C ARG A 23 4.13 6.59 8.08
N HIS A 24 3.78 5.38 8.52
CA HIS A 24 4.64 4.22 8.36
C HIS A 24 4.47 3.59 6.97
N ILE A 25 3.24 3.20 6.65
CA ILE A 25 2.95 2.60 5.36
C ILE A 25 3.06 3.62 4.23
N VAL A 26 2.88 4.89 4.58
CA VAL A 26 2.96 5.97 3.59
C VAL A 26 4.42 6.33 3.29
N GLY A 27 5.16 6.70 4.34
CA GLY A 27 6.54 7.06 4.18
C GLY A 27 7.38 5.92 3.62
N ALA A 28 6.88 4.70 3.76
CA ALA A 28 7.59 3.53 3.27
C ALA A 28 7.50 3.42 1.75
N ILE A 29 6.27 3.39 1.24
CA ILE A 29 6.04 3.30 -0.20
C ILE A 29 6.39 4.61 -0.90
N ALA A 30 6.28 5.71 -0.16
CA ALA A 30 6.59 7.03 -0.71
C ALA A 30 8.10 7.24 -0.81
N ASN A 31 8.85 6.53 0.02
CA ASN A 31 10.30 6.63 0.02
C ASN A 31 10.93 5.59 -0.89
N GLU A 32 10.25 4.47 -1.06
CA GLU A 32 10.74 3.39 -1.92
C GLU A 32 10.73 3.81 -3.38
N GLY A 33 9.62 4.41 -3.80
CA GLY A 33 9.51 4.85 -5.18
C GLY A 33 9.37 6.36 -5.30
N ASP A 34 8.68 6.81 -6.34
CA ASP A 34 8.48 8.23 -6.56
C ASP A 34 7.22 8.72 -5.88
N ILE A 35 6.39 7.78 -5.42
CA ILE A 35 5.15 8.12 -4.74
C ILE A 35 5.39 9.11 -3.62
N SER A 36 4.44 10.03 -3.43
CA SER A 36 4.56 11.04 -2.38
C SER A 36 3.43 10.87 -1.35
N SER A 37 3.56 11.61 -0.25
CA SER A 37 2.56 11.55 0.82
C SER A 37 1.21 12.10 0.35
N ARG A 38 1.26 12.93 -0.69
CA ARG A 38 0.05 13.54 -1.24
C ARG A 38 -0.45 12.73 -2.44
N TYR A 39 0.47 12.20 -3.22
CA TYR A 39 0.12 11.42 -4.40
C TYR A 39 -0.77 10.23 -4.02
N ILE A 40 -0.51 9.65 -2.85
CA ILE A 40 -1.28 8.52 -2.38
C ILE A 40 -2.76 8.88 -2.22
N GLY A 41 -3.63 7.93 -2.51
CA GLY A 41 -5.05 8.16 -2.40
C GLY A 41 -5.52 8.20 -0.96
N ASN A 42 -6.47 7.32 -0.63
CA ASN A 42 -7.00 7.26 0.73
C ASN A 42 -6.25 6.22 1.56
N ILE A 43 -5.78 6.63 2.73
CA ILE A 43 -5.05 5.73 3.62
C ILE A 43 -5.76 5.60 4.97
N LYS A 44 -5.93 4.36 5.43
CA LYS A 44 -6.58 4.08 6.69
C LYS A 44 -5.62 3.43 7.68
N LEU A 45 -5.86 3.65 8.96
CA LEU A 45 -5.01 3.08 10.00
C LEU A 45 -5.85 2.62 11.19
N PHE A 46 -6.25 1.36 11.18
CA PHE A 46 -7.05 0.79 12.26
C PHE A 46 -6.16 0.18 13.34
N ALA A 47 -6.77 -0.58 14.25
CA ALA A 47 -6.04 -1.23 15.32
C ALA A 47 -5.09 -2.28 14.79
N SER A 48 -5.58 -3.09 13.86
CA SER A 48 -4.77 -4.16 13.27
C SER A 48 -4.98 -4.22 11.76
N HIS A 49 -5.22 -3.06 11.15
CA HIS A 49 -5.45 -2.99 9.71
C HIS A 49 -5.09 -1.60 9.17
N SER A 50 -4.95 -1.50 7.86
CA SER A 50 -4.60 -0.24 7.23
C SER A 50 -4.78 -0.31 5.72
N THR A 51 -5.45 0.70 5.15
CA THR A 51 -5.69 0.74 3.71
C THR A 51 -4.83 1.79 3.04
N ILE A 52 -4.75 1.73 1.71
CA ILE A 52 -3.96 2.68 0.95
C ILE A 52 -4.16 2.50 -0.55
N GLU A 53 -4.21 3.60 -1.28
CA GLU A 53 -4.41 3.57 -2.72
C GLU A 53 -3.20 4.16 -3.45
N LEU A 54 -2.63 3.39 -4.36
CA LEU A 54 -1.47 3.83 -5.13
C LEU A 54 -1.87 4.16 -6.57
N PRO A 55 -1.49 5.37 -7.02
CA PRO A 55 -1.78 5.82 -8.39
C PRO A 55 -0.99 5.05 -9.44
N LYS A 56 -0.06 4.23 -8.99
CA LYS A 56 0.76 3.43 -9.89
C LYS A 56 -0.08 2.76 -10.96
N GLY A 57 0.49 2.58 -12.15
CA GLY A 57 -0.23 1.95 -13.23
C GLY A 57 0.57 0.85 -13.90
N MET A 58 1.20 0.00 -13.08
CA MET A 58 2.00 -1.10 -13.60
C MET A 58 2.55 -1.96 -12.46
N PRO A 59 1.64 -2.65 -11.76
CA PRO A 59 2.00 -3.52 -10.64
C PRO A 59 2.75 -4.77 -11.09
N GLY A 60 2.94 -5.71 -10.17
CA GLY A 60 3.64 -6.94 -10.49
C GLY A 60 5.13 -6.86 -10.18
N GLU A 61 5.58 -5.68 -9.75
CA GLU A 61 6.98 -5.47 -9.42
C GLU A 61 7.29 -6.00 -8.02
N VAL A 62 6.47 -5.59 -7.05
CA VAL A 62 6.65 -6.01 -5.67
C VAL A 62 6.14 -7.44 -5.46
N LEU A 63 5.09 -7.80 -6.19
CA LEU A 63 4.51 -9.13 -6.08
C LEU A 63 5.48 -10.20 -6.56
N GLN A 64 6.45 -9.78 -7.38
CA GLN A 64 7.45 -10.69 -7.92
C GLN A 64 8.58 -10.89 -6.92
N HIS A 65 9.25 -9.80 -6.56
CA HIS A 65 10.36 -9.86 -5.62
C HIS A 65 9.86 -10.17 -4.22
N PHE A 66 8.93 -9.37 -3.72
CA PHE A 66 8.37 -9.56 -2.39
C PHE A 66 7.18 -10.52 -2.44
N THR A 67 7.34 -11.62 -3.16
CA THR A 67 6.28 -12.62 -3.28
C THR A 67 6.18 -13.46 -2.02
N ARG A 68 7.30 -13.68 -1.35
CA ARG A 68 7.32 -14.48 -0.12
C ARG A 68 7.79 -13.63 1.05
N THR A 69 8.51 -12.55 0.76
CA THR A 69 9.03 -11.66 1.80
C THR A 69 8.20 -10.38 1.89
N ARG A 70 7.62 -10.13 3.06
CA ARG A 70 6.81 -8.94 3.26
C ARG A 70 6.92 -8.46 4.70
N ILE A 71 6.26 -7.34 5.00
CA ILE A 71 6.28 -6.77 6.34
C ILE A 71 5.23 -5.68 6.50
N LEU A 72 5.19 -5.07 7.67
CA LEU A 72 4.23 -4.00 7.95
C LEU A 72 4.01 -3.14 6.71
N ASN A 73 5.09 -2.82 6.01
CA ASN A 73 5.00 -2.01 4.80
C ASN A 73 4.52 -2.84 3.62
N LYS A 74 5.29 -3.86 3.25
CA LYS A 74 4.94 -4.73 2.14
C LYS A 74 3.62 -5.44 2.40
N PRO A 75 3.02 -5.98 1.33
CA PRO A 75 1.74 -6.70 1.42
C PRO A 75 1.88 -8.03 2.14
N MET A 76 1.98 -7.98 3.47
CA MET A 76 2.12 -9.19 4.27
C MET A 76 0.90 -10.09 4.12
N ASN A 77 -0.26 -9.57 4.50
CA ASN A 77 -1.51 -10.33 4.40
C ASN A 77 -2.67 -9.42 4.02
N MET A 78 -2.56 -8.76 2.88
CA MET A 78 -3.60 -7.85 2.41
C MET A 78 -4.40 -8.50 1.29
N GLN A 79 -5.51 -7.85 0.91
CA GLN A 79 -6.36 -8.35 -0.15
C GLN A 79 -6.91 -7.21 -1.00
N LEU A 80 -7.32 -7.55 -2.23
CA LEU A 80 -7.87 -6.55 -3.14
C LEU A 80 -9.38 -6.41 -2.96
N LEU A 81 -9.83 -5.22 -2.60
CA LEU A 81 -11.25 -4.95 -2.39
C LEU A 81 -11.76 -3.91 -3.39
N GLY A 82 -10.86 -3.06 -3.86
CA GLY A 82 -11.24 -2.03 -4.80
C GLY A 82 -11.18 -2.52 -6.24
N ASP A 83 -10.95 -1.60 -7.17
CA ASP A 83 -10.88 -1.95 -8.58
C ASP A 83 -10.42 -0.75 -9.42
N ALA A 84 -9.75 -1.03 -10.52
CA ALA A 84 -9.25 0.02 -11.40
C ALA A 84 -10.38 0.69 -12.16
N GLN A 85 -10.56 1.99 -11.94
CA GLN A 85 -11.62 2.75 -12.61
C GLN A 85 -11.52 2.59 -14.13
N MET A 1 2.36 9.94 -12.10
CA MET A 1 2.54 9.45 -13.46
C MET A 1 2.53 7.92 -13.50
N ALA A 2 1.47 7.36 -14.06
CA ALA A 2 1.33 5.92 -14.16
C ALA A 2 1.30 5.47 -15.62
N ASP A 3 1.10 4.17 -15.83
CA ASP A 3 1.05 3.61 -17.17
C ASP A 3 -0.39 3.56 -17.68
N VAL A 4 -1.31 3.22 -16.79
CA VAL A 4 -2.73 3.13 -17.14
C VAL A 4 -3.60 3.84 -16.11
N GLY A 5 -3.24 3.69 -14.83
CA GLY A 5 -4.00 4.33 -13.77
C GLY A 5 -4.52 3.33 -12.75
N ASP A 6 -3.77 2.25 -12.56
CA ASP A 6 -4.15 1.22 -11.60
C ASP A 6 -4.39 1.82 -10.23
N MET A 7 -5.66 2.02 -9.87
CA MET A 7 -6.02 2.59 -8.59
C MET A 7 -6.99 1.68 -7.84
N GLN A 8 -6.58 1.22 -6.66
CA GLN A 8 -7.43 0.34 -5.86
C GLN A 8 -7.13 0.52 -4.37
N LEU A 9 -7.92 -0.14 -3.54
CA LEU A 9 -7.75 -0.05 -2.09
C LEU A 9 -7.26 -1.38 -1.51
N TYR A 10 -6.00 -1.40 -1.09
CA TYR A 10 -5.41 -2.60 -0.52
C TYR A 10 -5.30 -2.49 1.00
N ARG A 11 -6.05 -3.35 1.70
CA ARG A 11 -6.04 -3.35 3.16
C ARG A 11 -5.15 -4.46 3.70
N ILE A 12 -4.27 -4.11 4.64
CA ILE A 12 -3.36 -5.08 5.24
C ILE A 12 -3.83 -5.48 6.64
N GLU A 13 -3.19 -6.51 7.19
CA GLU A 13 -3.55 -6.98 8.52
C GLU A 13 -2.57 -6.43 9.57
N VAL A 14 -2.37 -5.13 9.55
CA VAL A 14 -1.48 -4.48 10.49
C VAL A 14 -2.01 -3.12 10.93
N GLY A 15 -1.87 -2.81 12.21
CA GLY A 15 -2.34 -1.53 12.73
C GLY A 15 -1.51 -1.04 13.89
N ARG A 16 -2.00 0.00 14.56
CA ARG A 16 -1.29 0.57 15.70
C ARG A 16 -1.03 -0.49 16.76
N ASP A 17 -1.93 -1.45 16.86
CA ASP A 17 -1.79 -2.52 17.85
C ASP A 17 -0.74 -3.54 17.40
N ASP A 18 -0.41 -3.52 16.12
CA ASP A 18 0.59 -4.43 15.57
C ASP A 18 1.97 -3.77 15.54
N GLY A 19 2.00 -2.48 15.19
CA GLY A 19 3.25 -1.76 15.14
C GLY A 19 3.39 -0.94 13.86
N VAL A 20 2.28 -0.40 13.39
CA VAL A 20 2.28 0.41 12.17
C VAL A 20 1.44 1.66 12.35
N GLU A 21 1.81 2.73 11.65
CA GLU A 21 1.08 3.98 11.73
C GLU A 21 0.71 4.49 10.34
N VAL A 22 0.16 5.70 10.27
CA VAL A 22 -0.24 6.29 9.00
C VAL A 22 0.96 6.81 8.22
N ARG A 23 1.98 7.25 8.95
CA ARG A 23 3.20 7.77 8.33
C ARG A 23 4.21 6.65 8.09
N HIS A 24 3.85 5.44 8.51
CA HIS A 24 4.72 4.29 8.34
C HIS A 24 4.56 3.69 6.94
N ILE A 25 3.33 3.31 6.61
CA ILE A 25 3.04 2.72 5.30
C ILE A 25 3.15 3.75 4.20
N VAL A 26 2.95 5.02 4.56
CA VAL A 26 3.01 6.11 3.59
C VAL A 26 4.46 6.51 3.32
N GLY A 27 5.18 6.89 4.37
CA GLY A 27 6.56 7.29 4.22
C GLY A 27 7.42 6.19 3.62
N ALA A 28 6.95 4.96 3.71
CA ALA A 28 7.67 3.82 3.17
C ALA A 28 7.57 3.77 1.64
N ILE A 29 6.34 3.65 1.14
CA ILE A 29 6.10 3.60 -0.29
C ILE A 29 6.42 4.94 -0.95
N ALA A 30 6.21 6.03 -0.21
CA ALA A 30 6.47 7.37 -0.72
C ALA A 30 7.96 7.62 -0.85
N ASN A 31 8.75 6.90 -0.06
CA ASN A 31 10.20 7.05 -0.07
C ASN A 31 10.84 6.00 -0.97
N GLU A 32 10.18 4.86 -1.11
CA GLU A 32 10.67 3.77 -1.93
C GLU A 32 10.71 4.18 -3.41
N GLY A 33 9.63 4.80 -3.88
CA GLY A 33 9.56 5.23 -5.25
C GLY A 33 9.40 6.73 -5.38
N ASP A 34 8.63 7.15 -6.38
CA ASP A 34 8.41 8.58 -6.62
C ASP A 34 7.13 9.05 -5.92
N ILE A 35 6.32 8.09 -5.49
CA ILE A 35 5.06 8.41 -4.81
C ILE A 35 5.30 9.39 -3.66
N SER A 36 4.35 10.29 -3.46
CA SER A 36 4.45 11.29 -2.41
C SER A 36 3.35 11.09 -1.37
N SER A 37 3.46 11.81 -0.26
CA SER A 37 2.46 11.72 0.82
C SER A 37 1.12 12.27 0.36
N ARG A 38 1.15 13.14 -0.64
CA ARG A 38 -0.08 13.74 -1.16
C ARG A 38 -0.60 12.95 -2.36
N TYR A 39 0.33 12.39 -3.14
CA TYR A 39 -0.04 11.61 -4.32
C TYR A 39 -0.91 10.41 -3.93
N ILE A 40 -0.59 9.80 -2.80
CA ILE A 40 -1.34 8.65 -2.32
C ILE A 40 -2.82 8.98 -2.18
N GLY A 41 -3.66 7.99 -2.49
CA GLY A 41 -5.11 8.19 -2.39
C GLY A 41 -5.59 8.21 -0.96
N ASN A 42 -6.49 7.29 -0.63
CA ASN A 42 -7.05 7.20 0.72
C ASN A 42 -6.27 6.20 1.55
N ILE A 43 -5.79 6.65 2.71
CA ILE A 43 -5.04 5.78 3.61
C ILE A 43 -5.74 5.63 4.95
N LYS A 44 -5.84 4.39 5.43
CA LYS A 44 -6.48 4.11 6.70
C LYS A 44 -5.50 3.48 7.68
N LEU A 45 -5.77 3.64 8.97
CA LEU A 45 -4.91 3.09 10.01
C LEU A 45 -5.73 2.64 11.22
N PHE A 46 -6.12 1.37 11.21
CA PHE A 46 -6.91 0.81 12.30
C PHE A 46 -6.01 0.20 13.37
N ALA A 47 -6.61 -0.57 14.28
CA ALA A 47 -5.86 -1.21 15.35
C ALA A 47 -4.99 -2.34 14.81
N SER A 48 -5.48 -3.03 13.78
CA SER A 48 -4.75 -4.13 13.18
C SER A 48 -4.99 -4.18 11.68
N HIS A 49 -5.21 -3.02 11.08
CA HIS A 49 -5.45 -2.93 9.64
C HIS A 49 -5.05 -1.56 9.10
N SER A 50 -4.91 -1.46 7.79
CA SER A 50 -4.54 -0.20 7.15
C SER A 50 -4.73 -0.27 5.63
N THR A 51 -5.35 0.76 5.08
CA THR A 51 -5.60 0.81 3.65
C THR A 51 -4.73 1.87 2.97
N ILE A 52 -4.68 1.82 1.65
CA ILE A 52 -3.88 2.78 0.89
C ILE A 52 -4.09 2.59 -0.61
N GLU A 53 -4.12 3.70 -1.35
CA GLU A 53 -4.31 3.65 -2.79
C GLU A 53 -3.14 4.32 -3.52
N LEU A 54 -2.55 3.60 -4.45
CA LEU A 54 -1.42 4.12 -5.22
C LEU A 54 -1.81 4.35 -6.68
N PRO A 55 -1.43 5.52 -7.22
CA PRO A 55 -1.72 5.88 -8.60
C PRO A 55 -0.93 5.04 -9.61
N LYS A 56 -0.02 4.22 -9.09
CA LYS A 56 0.80 3.36 -9.95
C LYS A 56 -0.05 2.68 -11.01
N GLY A 57 0.53 2.49 -12.20
CA GLY A 57 -0.20 1.85 -13.28
C GLY A 57 0.57 0.67 -13.85
N MET A 58 1.14 -0.15 -12.98
CA MET A 58 1.90 -1.32 -13.41
C MET A 58 2.37 -2.14 -12.22
N PRO A 59 1.42 -2.76 -11.50
CA PRO A 59 1.72 -3.58 -10.33
C PRO A 59 2.43 -4.88 -10.69
N GLY A 60 2.67 -5.71 -9.69
CA GLY A 60 3.33 -6.98 -9.92
C GLY A 60 4.84 -6.88 -9.75
N GLU A 61 5.30 -5.71 -9.31
CA GLU A 61 6.73 -5.48 -9.10
C GLU A 61 7.20 -6.08 -7.78
N VAL A 62 6.55 -5.65 -6.69
CA VAL A 62 6.89 -6.14 -5.36
C VAL A 62 6.22 -7.47 -5.08
N LEU A 63 5.03 -7.66 -5.63
CA LEU A 63 4.28 -8.90 -5.43
C LEU A 63 5.02 -10.09 -6.05
N GLN A 64 5.89 -9.79 -7.00
CA GLN A 64 6.66 -10.84 -7.66
C GLN A 64 7.90 -11.21 -6.85
N HIS A 65 8.76 -10.22 -6.60
CA HIS A 65 9.98 -10.43 -5.84
C HIS A 65 9.65 -10.74 -4.37
N PHE A 66 8.90 -9.85 -3.74
CA PHE A 66 8.51 -10.02 -2.35
C PHE A 66 7.24 -10.84 -2.23
N THR A 67 7.17 -11.93 -2.98
CA THR A 67 6.01 -12.81 -2.97
C THR A 67 6.04 -13.74 -1.76
N ARG A 68 7.23 -14.00 -1.25
CA ARG A 68 7.39 -14.88 -0.10
C ARG A 68 7.76 -14.09 1.15
N THR A 69 8.32 -12.89 0.94
CA THR A 69 8.71 -12.03 2.05
C THR A 69 7.90 -10.74 2.06
N ARG A 70 7.46 -10.33 3.24
CA ARG A 70 6.68 -9.11 3.39
C ARG A 70 6.81 -8.54 4.80
N ILE A 71 6.18 -7.40 5.03
CA ILE A 71 6.22 -6.76 6.34
C ILE A 71 5.17 -5.67 6.46
N LEU A 72 5.14 -5.00 7.60
CA LEU A 72 4.17 -3.93 7.84
C LEU A 72 3.92 -3.13 6.57
N ASN A 73 4.99 -2.83 5.84
CA ASN A 73 4.89 -2.07 4.60
C ASN A 73 4.37 -2.96 3.46
N LYS A 74 5.15 -3.99 3.13
CA LYS A 74 4.76 -4.92 2.06
C LYS A 74 3.46 -5.64 2.39
N PRO A 75 2.83 -6.23 1.37
CA PRO A 75 1.57 -6.96 1.53
C PRO A 75 1.75 -8.26 2.30
N MET A 76 1.85 -8.14 3.62
CA MET A 76 2.02 -9.32 4.48
C MET A 76 0.79 -10.23 4.39
N ASN A 77 -0.38 -9.66 4.62
CA ASN A 77 -1.62 -10.42 4.57
C ASN A 77 -2.78 -9.55 4.11
N MET A 78 -2.56 -8.80 3.02
CA MET A 78 -3.59 -7.92 2.47
C MET A 78 -4.36 -8.63 1.37
N GLN A 79 -5.34 -7.93 0.80
CA GLN A 79 -6.15 -8.49 -0.27
C GLN A 79 -6.87 -7.38 -1.04
N LEU A 80 -6.83 -7.47 -2.37
CA LEU A 80 -7.47 -6.49 -3.23
C LEU A 80 -8.97 -6.42 -2.96
N LEU A 81 -9.44 -5.25 -2.57
CA LEU A 81 -10.86 -5.06 -2.28
C LEU A 81 -11.47 -4.03 -3.23
N GLY A 82 -10.64 -3.13 -3.73
CA GLY A 82 -11.11 -2.11 -4.64
C GLY A 82 -11.01 -2.53 -6.10
N ASP A 83 -10.97 -1.55 -7.00
CA ASP A 83 -10.88 -1.84 -8.43
C ASP A 83 -10.42 -0.60 -9.20
N ALA A 84 -9.74 -0.82 -10.31
CA ALA A 84 -9.25 0.28 -11.14
C ALA A 84 -10.41 1.00 -11.82
N GLN A 85 -10.45 2.31 -11.66
CA GLN A 85 -11.51 3.13 -12.27
C GLN A 85 -11.54 2.94 -13.77
N MET A 1 0.28 10.46 -14.84
CA MET A 1 0.42 10.11 -13.44
C MET A 1 0.99 8.69 -13.29
N ALA A 2 0.68 7.84 -14.26
CA ALA A 2 1.16 6.46 -14.24
C ALA A 2 1.14 5.86 -15.64
N ASP A 3 1.48 4.57 -15.73
CA ASP A 3 1.51 3.88 -17.01
C ASP A 3 0.09 3.71 -17.56
N VAL A 4 -0.84 3.36 -16.68
CA VAL A 4 -2.23 3.18 -17.08
C VAL A 4 -3.18 3.88 -16.12
N GLY A 5 -2.87 3.82 -14.83
CA GLY A 5 -3.71 4.45 -13.82
C GLY A 5 -4.28 3.46 -12.83
N ASP A 6 -3.56 2.35 -12.63
CA ASP A 6 -4.01 1.32 -11.70
C ASP A 6 -4.33 1.92 -10.34
N MET A 7 -5.61 2.10 -10.06
CA MET A 7 -6.05 2.67 -8.78
C MET A 7 -6.97 1.71 -8.04
N GLN A 8 -6.56 1.29 -6.85
CA GLN A 8 -7.36 0.37 -6.05
C GLN A 8 -7.08 0.57 -4.56
N LEU A 9 -7.83 -0.13 -3.72
CA LEU A 9 -7.67 -0.03 -2.28
C LEU A 9 -7.15 -1.34 -1.70
N TYR A 10 -5.90 -1.33 -1.26
CA TYR A 10 -5.27 -2.52 -0.68
C TYR A 10 -5.18 -2.40 0.83
N ARG A 11 -5.93 -3.25 1.54
CA ARG A 11 -5.92 -3.24 3.00
C ARG A 11 -5.07 -4.37 3.55
N ILE A 12 -4.19 -4.04 4.49
CA ILE A 12 -3.31 -5.03 5.10
C ILE A 12 -3.79 -5.40 6.51
N GLU A 13 -3.19 -6.45 7.06
CA GLU A 13 -3.55 -6.90 8.40
C GLU A 13 -2.58 -6.36 9.44
N VAL A 14 -2.37 -5.05 9.43
CA VAL A 14 -1.46 -4.42 10.37
C VAL A 14 -1.98 -3.05 10.80
N GLY A 15 -1.93 -2.77 12.10
CA GLY A 15 -2.40 -1.50 12.61
C GLY A 15 -1.58 -1.02 13.80
N ARG A 16 -2.08 0.01 14.47
CA ARG A 16 -1.39 0.57 15.63
C ARG A 16 -1.13 -0.51 16.67
N ASP A 17 -2.04 -1.47 16.78
CA ASP A 17 -1.91 -2.55 17.75
C ASP A 17 -0.84 -3.54 17.29
N ASP A 18 -0.50 -3.50 16.01
CA ASP A 18 0.52 -4.40 15.46
C ASP A 18 1.88 -3.73 15.45
N GLY A 19 1.91 -2.44 15.12
CA GLY A 19 3.16 -1.71 15.09
C GLY A 19 3.30 -0.87 13.83
N VAL A 20 2.20 -0.33 13.35
CA VAL A 20 2.20 0.50 12.14
C VAL A 20 1.34 1.74 12.32
N GLU A 21 1.72 2.82 11.64
CA GLU A 21 0.98 4.07 11.73
C GLU A 21 0.61 4.58 10.34
N VAL A 22 0.05 5.78 10.29
CA VAL A 22 -0.35 6.39 9.02
C VAL A 22 0.85 6.92 8.26
N ARG A 23 1.86 7.37 8.99
CA ARG A 23 3.07 7.90 8.38
C ARG A 23 4.09 6.79 8.13
N HIS A 24 3.74 5.57 8.53
CA HIS A 24 4.62 4.43 8.35
C HIS A 24 4.47 3.84 6.95
N ILE A 25 3.24 3.45 6.61
CA ILE A 25 2.96 2.87 5.30
C ILE A 25 3.06 3.92 4.20
N VAL A 26 2.86 5.19 4.57
CA VAL A 26 2.95 6.29 3.62
C VAL A 26 4.40 6.68 3.35
N GLY A 27 5.12 7.03 4.40
CA GLY A 27 6.50 7.42 4.25
C GLY A 27 7.36 6.31 3.66
N ALA A 28 6.87 5.08 3.78
CA ALA A 28 7.60 3.93 3.25
C ALA A 28 7.47 3.85 1.73
N ILE A 29 6.24 3.73 1.25
CA ILE A 29 5.99 3.64 -0.19
C ILE A 29 6.34 4.94 -0.89
N ALA A 30 6.16 6.06 -0.18
CA ALA A 30 6.46 7.37 -0.73
C ALA A 30 7.96 7.55 -0.92
N ASN A 31 8.75 6.83 -0.13
CA ASN A 31 10.20 6.92 -0.22
C ASN A 31 10.76 5.81 -1.12
N GLU A 32 10.02 4.72 -1.22
CA GLU A 32 10.45 3.59 -2.05
C GLU A 32 10.54 3.99 -3.52
N GLY A 33 9.60 4.83 -3.96
CA GLY A 33 9.59 5.27 -5.34
C GLY A 33 9.44 6.78 -5.46
N ASP A 34 8.62 7.22 -6.40
CA ASP A 34 8.40 8.64 -6.63
C ASP A 34 7.12 9.10 -5.91
N ILE A 35 6.30 8.14 -5.50
CA ILE A 35 5.06 8.45 -4.80
C ILE A 35 5.30 9.41 -3.65
N SER A 36 4.35 10.32 -3.43
CA SER A 36 4.45 11.30 -2.35
C SER A 36 3.35 11.09 -1.32
N SER A 37 3.50 11.74 -0.17
CA SER A 37 2.51 11.62 0.90
C SER A 37 1.18 12.25 0.49
N ARG A 38 1.24 13.18 -0.46
CA ARG A 38 0.05 13.85 -0.95
C ARG A 38 -0.52 13.15 -2.18
N TYR A 39 0.38 12.54 -2.96
CA TYR A 39 -0.03 11.83 -4.16
C TYR A 39 -0.89 10.62 -3.83
N ILE A 40 -0.57 9.96 -2.73
CA ILE A 40 -1.32 8.79 -2.30
C ILE A 40 -2.81 9.10 -2.15
N GLY A 41 -3.65 8.13 -2.50
CA GLY A 41 -5.09 8.33 -2.40
C GLY A 41 -5.58 8.33 -0.98
N ASN A 42 -6.49 7.42 -0.66
CA ASN A 42 -7.04 7.31 0.68
C ASN A 42 -6.26 6.29 1.52
N ILE A 43 -5.83 6.72 2.70
CA ILE A 43 -5.07 5.84 3.59
C ILE A 43 -5.77 5.69 4.93
N LYS A 44 -5.92 4.44 5.38
CA LYS A 44 -6.57 4.16 6.66
C LYS A 44 -5.59 3.52 7.64
N LEU A 45 -5.85 3.70 8.92
CA LEU A 45 -5.00 3.14 9.96
C LEU A 45 -5.83 2.67 11.15
N PHE A 46 -6.22 1.40 11.15
CA PHE A 46 -7.00 0.83 12.23
C PHE A 46 -6.11 0.19 13.29
N ALA A 47 -6.72 -0.59 14.18
CA ALA A 47 -5.98 -1.27 15.22
C ALA A 47 -5.07 -2.34 14.65
N SER A 48 -5.61 -3.14 13.72
CA SER A 48 -4.85 -4.21 13.10
C SER A 48 -5.09 -4.24 11.59
N HIS A 49 -5.30 -3.07 11.00
CA HIS A 49 -5.54 -2.95 9.57
C HIS A 49 -5.16 -1.56 9.06
N SER A 50 -4.98 -1.45 7.75
CA SER A 50 -4.62 -0.18 7.14
C SER A 50 -4.78 -0.24 5.63
N THR A 51 -5.41 0.80 5.06
CA THR A 51 -5.64 0.86 3.63
C THR A 51 -4.76 1.93 2.98
N ILE A 52 -4.66 1.88 1.65
CA ILE A 52 -3.86 2.85 0.92
C ILE A 52 -4.05 2.69 -0.58
N GLU A 53 -4.13 3.82 -1.29
CA GLU A 53 -4.31 3.79 -2.74
C GLU A 53 -3.14 4.47 -3.44
N LEU A 54 -2.55 3.77 -4.41
CA LEU A 54 -1.42 4.31 -5.16
C LEU A 54 -1.79 4.51 -6.62
N PRO A 55 -1.40 5.68 -7.17
CA PRO A 55 -1.67 6.02 -8.58
C PRO A 55 -0.87 5.18 -9.55
N LYS A 56 0.04 4.37 -9.01
CA LYS A 56 0.88 3.49 -9.83
C LYS A 56 0.05 2.81 -10.92
N GLY A 57 0.68 2.56 -12.06
CA GLY A 57 -0.01 1.90 -13.16
C GLY A 57 0.77 0.74 -13.72
N MET A 58 1.30 -0.11 -12.83
CA MET A 58 2.07 -1.27 -13.25
C MET A 58 2.48 -2.11 -12.04
N PRO A 59 1.48 -2.74 -11.40
CA PRO A 59 1.71 -3.59 -10.22
C PRO A 59 2.43 -4.89 -10.58
N GLY A 60 2.63 -5.74 -9.57
CA GLY A 60 3.31 -7.00 -9.80
C GLY A 60 4.81 -6.88 -9.63
N GLU A 61 5.27 -5.73 -9.17
CA GLU A 61 6.70 -5.49 -8.95
C GLU A 61 7.16 -6.11 -7.64
N VAL A 62 6.54 -5.68 -6.54
CA VAL A 62 6.89 -6.18 -5.22
C VAL A 62 6.21 -7.51 -4.94
N LEU A 63 5.00 -7.68 -5.48
CA LEU A 63 4.23 -8.91 -5.29
C LEU A 63 4.94 -10.09 -5.94
N GLN A 64 5.81 -9.80 -6.90
CA GLN A 64 6.55 -10.85 -7.60
C GLN A 64 7.79 -11.24 -6.82
N HIS A 65 8.67 -10.28 -6.58
CA HIS A 65 9.91 -10.52 -5.84
C HIS A 65 9.60 -10.84 -4.37
N PHE A 66 8.88 -9.94 -3.72
CA PHE A 66 8.53 -10.12 -2.32
C PHE A 66 7.24 -10.91 -2.18
N THR A 67 7.14 -12.00 -2.93
CA THR A 67 5.95 -12.85 -2.91
C THR A 67 5.99 -13.79 -1.71
N ARG A 68 7.18 -14.00 -1.16
CA ARG A 68 7.35 -14.88 0.00
C ARG A 68 7.73 -14.08 1.24
N THR A 69 8.29 -12.90 1.02
CA THR A 69 8.69 -12.03 2.12
C THR A 69 7.90 -10.74 2.13
N ARG A 70 7.43 -10.34 3.32
CA ARG A 70 6.66 -9.12 3.46
C ARG A 70 6.76 -8.57 4.88
N ILE A 71 6.14 -7.42 5.11
CA ILE A 71 6.17 -6.78 6.42
C ILE A 71 5.12 -5.68 6.53
N LEU A 72 5.10 -4.99 7.67
CA LEU A 72 4.14 -3.92 7.89
C LEU A 72 3.93 -3.11 6.61
N ASN A 73 5.01 -2.85 5.89
CA ASN A 73 4.94 -2.10 4.64
C ASN A 73 4.43 -2.97 3.50
N LYS A 74 5.20 -4.01 3.19
CA LYS A 74 4.84 -4.93 2.11
C LYS A 74 3.52 -5.62 2.41
N PRO A 75 2.90 -6.19 1.37
CA PRO A 75 1.62 -6.90 1.50
C PRO A 75 1.76 -8.21 2.27
N MET A 76 1.83 -8.11 3.59
CA MET A 76 1.96 -9.28 4.44
C MET A 76 0.75 -10.20 4.29
N ASN A 77 -0.44 -9.64 4.51
CA ASN A 77 -1.68 -10.41 4.40
C ASN A 77 -2.82 -9.52 3.91
N MET A 78 -2.55 -8.75 2.86
CA MET A 78 -3.56 -7.85 2.30
C MET A 78 -4.33 -8.56 1.18
N GLN A 79 -5.32 -7.86 0.62
CA GLN A 79 -6.13 -8.41 -0.46
C GLN A 79 -6.85 -7.30 -1.22
N LEU A 80 -6.79 -7.37 -2.55
CA LEU A 80 -7.44 -6.37 -3.39
C LEU A 80 -8.93 -6.28 -3.08
N LEU A 81 -9.37 -5.10 -2.66
CA LEU A 81 -10.78 -4.88 -2.34
C LEU A 81 -11.41 -3.90 -3.32
N GLY A 82 -10.59 -3.04 -3.90
CA GLY A 82 -11.09 -2.06 -4.85
C GLY A 82 -11.12 -2.58 -6.26
N ASP A 83 -10.80 -1.72 -7.22
CA ASP A 83 -10.79 -2.10 -8.63
C ASP A 83 -10.38 -0.93 -9.51
N ALA A 84 -9.41 -1.16 -10.39
CA ALA A 84 -8.94 -0.11 -11.29
C ALA A 84 -10.06 0.42 -12.16
N GLN A 85 -10.20 1.74 -12.22
CA GLN A 85 -11.23 2.37 -13.02
C GLN A 85 -11.18 1.90 -14.47
N MET A 1 2.01 10.90 -13.49
CA MET A 1 1.08 10.14 -14.32
C MET A 1 1.47 8.67 -14.36
N ALA A 2 0.47 7.80 -14.24
CA ALA A 2 0.70 6.36 -14.26
C ALA A 2 0.78 5.84 -15.69
N ASP A 3 0.86 4.53 -15.84
CA ASP A 3 0.93 3.90 -17.15
C ASP A 3 -0.46 3.62 -17.71
N VAL A 4 -1.39 3.29 -16.81
CA VAL A 4 -2.76 3.00 -17.22
C VAL A 4 -3.76 3.65 -16.26
N GLY A 5 -3.45 3.60 -14.97
CA GLY A 5 -4.34 4.19 -13.98
C GLY A 5 -4.76 3.20 -12.92
N ASP A 6 -3.89 2.23 -12.62
CA ASP A 6 -4.19 1.21 -11.62
C ASP A 6 -4.46 1.85 -10.27
N MET A 7 -5.74 2.03 -9.95
CA MET A 7 -6.13 2.63 -8.68
C MET A 7 -7.14 1.74 -7.94
N GLN A 8 -6.77 1.29 -6.76
CA GLN A 8 -7.65 0.44 -5.96
C GLN A 8 -7.36 0.59 -4.48
N LEU A 9 -8.17 -0.06 -3.64
CA LEU A 9 -8.00 0.01 -2.19
C LEU A 9 -7.46 -1.30 -1.65
N TYR A 10 -6.20 -1.29 -1.23
CA TYR A 10 -5.56 -2.49 -0.69
C TYR A 10 -5.41 -2.38 0.83
N ARG A 11 -6.14 -3.24 1.55
CA ARG A 11 -6.09 -3.24 3.01
C ARG A 11 -5.22 -4.38 3.52
N ILE A 12 -4.31 -4.07 4.43
CA ILE A 12 -3.41 -5.07 5.00
C ILE A 12 -3.88 -5.50 6.39
N GLU A 13 -3.24 -6.53 6.92
CA GLU A 13 -3.59 -7.04 8.24
C GLU A 13 -2.60 -6.54 9.29
N VAL A 14 -2.39 -5.23 9.32
CA VAL A 14 -1.48 -4.63 10.28
C VAL A 14 -1.99 -3.28 10.76
N GLY A 15 -1.82 -3.01 12.05
CA GLY A 15 -2.28 -1.75 12.62
C GLY A 15 -1.44 -1.30 13.80
N ARG A 16 -1.90 -0.28 14.50
CA ARG A 16 -1.18 0.24 15.65
C ARG A 16 -0.93 -0.85 16.69
N ASP A 17 -1.85 -1.82 16.74
CA ASP A 17 -1.72 -2.92 17.69
C ASP A 17 -0.69 -3.93 17.21
N ASP A 18 -0.36 -3.88 15.92
CA ASP A 18 0.62 -4.79 15.34
C ASP A 18 2.00 -4.15 15.32
N GLY A 19 2.06 -2.86 15.01
CA GLY A 19 3.33 -2.16 14.95
C GLY A 19 3.46 -1.31 13.70
N VAL A 20 2.35 -0.74 13.26
CA VAL A 20 2.36 0.11 12.07
C VAL A 20 1.53 1.37 12.28
N GLU A 21 1.92 2.45 11.61
CA GLU A 21 1.22 3.72 11.72
C GLU A 21 0.83 4.26 10.36
N VAL A 22 0.31 5.48 10.33
CA VAL A 22 -0.12 6.11 9.08
C VAL A 22 1.09 6.62 8.29
N ARG A 23 2.13 7.03 9.02
CA ARG A 23 3.34 7.54 8.38
C ARG A 23 4.32 6.40 8.10
N HIS A 24 3.94 5.19 8.49
CA HIS A 24 4.80 4.03 8.29
C HIS A 24 4.60 3.46 6.88
N ILE A 25 3.35 3.10 6.56
CA ILE A 25 3.04 2.54 5.26
C ILE A 25 3.15 3.60 4.16
N VAL A 26 2.98 4.87 4.55
CA VAL A 26 3.07 5.97 3.61
C VAL A 26 4.52 6.32 3.31
N GLY A 27 5.28 6.66 4.35
CA GLY A 27 6.67 7.01 4.17
C GLY A 27 7.49 5.88 3.58
N ALA A 28 6.98 4.65 3.70
CA ALA A 28 7.66 3.48 3.17
C ALA A 28 7.53 3.41 1.66
N ILE A 29 6.29 3.33 1.18
CA ILE A 29 6.03 3.25 -0.25
C ILE A 29 6.41 4.55 -0.95
N ALA A 30 6.29 5.66 -0.22
CA ALA A 30 6.62 6.97 -0.78
C ALA A 30 8.13 7.12 -0.98
N ASN A 31 8.89 6.37 -0.19
CA ASN A 31 10.35 6.42 -0.27
C ASN A 31 10.88 5.30 -1.16
N GLU A 32 10.10 4.23 -1.29
CA GLU A 32 10.50 3.10 -2.11
C GLU A 32 10.53 3.48 -3.59
N GLY A 33 9.53 4.25 -4.02
CA GLY A 33 9.46 4.67 -5.40
C GLY A 33 9.35 6.18 -5.54
N ASP A 34 8.62 6.62 -6.57
CA ASP A 34 8.43 8.05 -6.81
C ASP A 34 7.21 8.57 -6.06
N ILE A 35 6.38 7.65 -5.58
CA ILE A 35 5.18 8.02 -4.85
C ILE A 35 5.50 8.99 -3.72
N SER A 36 4.59 9.95 -3.50
CA SER A 36 4.78 10.94 -2.44
C SER A 36 3.67 10.83 -1.39
N SER A 37 3.89 11.49 -0.25
CA SER A 37 2.92 11.46 0.84
C SER A 37 1.60 12.11 0.40
N ARG A 38 1.69 12.99 -0.59
CA ARG A 38 0.50 13.68 -1.09
C ARG A 38 -0.10 12.93 -2.27
N TYR A 39 0.77 12.34 -3.09
CA TYR A 39 0.33 11.60 -4.26
C TYR A 39 -0.60 10.44 -3.86
N ILE A 40 -0.30 9.81 -2.73
CA ILE A 40 -1.10 8.70 -2.23
C ILE A 40 -2.55 9.13 -2.01
N GLY A 41 -3.48 8.22 -2.29
CA GLY A 41 -4.89 8.52 -2.12
C GLY A 41 -5.30 8.51 -0.65
N ASN A 42 -6.28 7.68 -0.32
CA ASN A 42 -6.77 7.58 1.04
C ASN A 42 -6.06 6.46 1.80
N ILE A 43 -5.51 6.79 2.96
CA ILE A 43 -4.81 5.82 3.78
C ILE A 43 -5.48 5.65 5.15
N LYS A 44 -5.74 4.41 5.52
CA LYS A 44 -6.38 4.12 6.80
C LYS A 44 -5.39 3.43 7.76
N LEU A 45 -5.66 3.56 9.05
CA LEU A 45 -4.79 2.94 10.06
C LEU A 45 -5.62 2.46 11.25
N PHE A 46 -6.02 1.20 11.20
CA PHE A 46 -6.82 0.61 12.27
C PHE A 46 -5.91 -0.04 13.32
N ALA A 47 -6.52 -0.84 14.20
CA ALA A 47 -5.77 -1.52 15.25
C ALA A 47 -4.90 -2.63 14.68
N SER A 48 -5.42 -3.29 13.64
CA SER A 48 -4.69 -4.38 12.99
C SER A 48 -4.95 -4.39 11.49
N HIS A 49 -5.17 -3.20 10.92
CA HIS A 49 -5.42 -3.07 9.49
C HIS A 49 -5.02 -1.69 8.99
N SER A 50 -4.89 -1.55 7.67
CA SER A 50 -4.51 -0.28 7.08
C SER A 50 -4.74 -0.30 5.56
N THR A 51 -5.38 0.75 5.05
CA THR A 51 -5.65 0.85 3.62
C THR A 51 -4.78 1.91 2.96
N ILE A 52 -4.76 1.91 1.64
CA ILE A 52 -3.97 2.87 0.88
C ILE A 52 -4.23 2.76 -0.61
N GLU A 53 -4.22 3.90 -1.29
CA GLU A 53 -4.46 3.93 -2.73
C GLU A 53 -3.26 4.49 -3.48
N LEU A 54 -2.74 3.73 -4.43
CA LEU A 54 -1.59 4.15 -5.21
C LEU A 54 -1.98 4.42 -6.66
N PRO A 55 -1.64 5.61 -7.16
CA PRO A 55 -1.95 6.02 -8.54
C PRO A 55 -1.12 5.25 -9.56
N LYS A 56 -0.18 4.45 -9.08
CA LYS A 56 0.68 3.66 -9.95
C LYS A 56 -0.15 2.94 -11.02
N GLY A 57 0.45 2.75 -12.19
CA GLY A 57 -0.25 2.07 -13.28
C GLY A 57 0.56 0.94 -13.85
N MET A 58 1.17 0.14 -12.99
CA MET A 58 1.98 -0.99 -13.42
C MET A 58 2.50 -1.78 -12.23
N PRO A 59 1.59 -2.44 -11.50
CA PRO A 59 1.94 -3.24 -10.32
C PRO A 59 2.70 -4.50 -10.69
N GLY A 60 2.98 -5.33 -9.68
CA GLY A 60 3.71 -6.56 -9.92
C GLY A 60 5.20 -6.42 -9.67
N GLU A 61 5.60 -5.25 -9.16
CA GLU A 61 7.01 -5.00 -8.88
C GLU A 61 7.43 -5.62 -7.55
N VAL A 62 6.75 -5.24 -6.48
CA VAL A 62 7.05 -5.76 -5.15
C VAL A 62 6.40 -7.13 -4.95
N LEU A 63 5.23 -7.32 -5.55
CA LEU A 63 4.51 -8.59 -5.43
C LEU A 63 5.30 -9.72 -6.07
N GLN A 64 6.20 -9.38 -6.98
CA GLN A 64 7.01 -10.37 -7.67
C GLN A 64 8.24 -10.74 -6.83
N HIS A 65 9.05 -9.73 -6.53
CA HIS A 65 10.25 -9.95 -5.74
C HIS A 65 9.90 -10.32 -4.31
N PHE A 66 9.12 -9.47 -3.65
CA PHE A 66 8.70 -9.71 -2.28
C PHE A 66 7.43 -10.56 -2.23
N THR A 67 7.42 -11.62 -3.03
CA THR A 67 6.27 -12.53 -3.07
C THR A 67 6.28 -13.50 -1.90
N ARG A 68 7.48 -13.82 -1.43
CA ARG A 68 7.62 -14.74 -0.30
C ARG A 68 7.97 -13.99 0.98
N THR A 69 8.51 -12.78 0.83
CA THR A 69 8.88 -11.97 1.97
C THR A 69 8.05 -10.69 2.04
N ARG A 70 7.51 -10.40 3.21
CA ARG A 70 6.69 -9.21 3.41
C ARG A 70 6.80 -8.70 4.84
N ILE A 71 6.15 -7.58 5.12
CA ILE A 71 6.17 -6.99 6.45
C ILE A 71 5.12 -5.89 6.58
N LEU A 72 5.07 -5.26 7.75
CA LEU A 72 4.11 -4.19 8.01
C LEU A 72 3.90 -3.34 6.76
N ASN A 73 4.98 -3.05 6.05
CA ASN A 73 4.91 -2.24 4.84
C ASN A 73 4.42 -3.08 3.66
N LYS A 74 5.20 -4.11 3.32
CA LYS A 74 4.85 -4.99 2.21
C LYS A 74 3.53 -5.70 2.47
N PRO A 75 2.92 -6.26 1.41
CA PRO A 75 1.66 -6.97 1.50
C PRO A 75 1.79 -8.30 2.24
N MET A 76 1.90 -8.23 3.56
CA MET A 76 2.04 -9.43 4.38
C MET A 76 0.76 -10.27 4.33
N ASN A 77 -0.37 -9.61 4.55
CA ASN A 77 -1.67 -10.29 4.54
C ASN A 77 -2.78 -9.33 4.14
N MET A 78 -2.70 -8.80 2.93
CA MET A 78 -3.71 -7.87 2.43
C MET A 78 -4.61 -8.54 1.40
N GLN A 79 -5.53 -7.78 0.83
CA GLN A 79 -6.45 -8.31 -0.17
C GLN A 79 -7.09 -7.18 -0.96
N LEU A 80 -7.15 -7.35 -2.29
CA LEU A 80 -7.74 -6.35 -3.16
C LEU A 80 -9.24 -6.26 -2.95
N LEU A 81 -9.72 -5.07 -2.60
CA LEU A 81 -11.14 -4.84 -2.38
C LEU A 81 -11.70 -3.84 -3.38
N GLY A 82 -10.83 -2.99 -3.91
CA GLY A 82 -11.25 -1.99 -4.88
C GLY A 82 -11.30 -2.54 -6.29
N ASP A 83 -11.18 -1.65 -7.27
CA ASP A 83 -11.21 -2.05 -8.67
C ASP A 83 -10.74 -0.92 -9.58
N ALA A 84 -9.68 -1.18 -10.34
CA ALA A 84 -9.12 -0.19 -11.24
C ALA A 84 -10.21 0.42 -12.13
N GLN A 85 -10.24 1.75 -12.20
CA GLN A 85 -11.24 2.43 -13.01
C GLN A 85 -11.16 1.97 -14.47
N MET A 1 -0.18 10.01 -13.34
CA MET A 1 0.96 9.85 -14.25
C MET A 1 1.47 8.42 -14.22
N ALA A 2 0.55 7.47 -14.37
CA ALA A 2 0.91 6.06 -14.37
C ALA A 2 0.92 5.50 -15.78
N ASP A 3 1.03 4.17 -15.89
CA ASP A 3 1.05 3.51 -17.19
C ASP A 3 -0.36 3.30 -17.71
N VAL A 4 -1.32 3.22 -16.81
CA VAL A 4 -2.72 3.02 -17.17
C VAL A 4 -3.66 3.68 -16.18
N GLY A 5 -3.33 3.55 -14.89
CA GLY A 5 -4.16 4.15 -13.86
C GLY A 5 -4.65 3.13 -12.84
N ASP A 6 -3.81 2.13 -12.57
CA ASP A 6 -4.17 1.09 -11.62
C ASP A 6 -4.39 1.68 -10.23
N MET A 7 -5.64 1.98 -9.90
CA MET A 7 -5.98 2.55 -8.60
C MET A 7 -7.01 1.68 -7.89
N GLN A 8 -6.63 1.17 -6.72
CA GLN A 8 -7.52 0.33 -5.92
C GLN A 8 -7.25 0.49 -4.44
N LEU A 9 -8.08 -0.14 -3.62
CA LEU A 9 -7.92 -0.08 -2.17
C LEU A 9 -7.40 -1.40 -1.61
N TYR A 10 -6.15 -1.40 -1.18
CA TYR A 10 -5.54 -2.60 -0.62
C TYR A 10 -5.40 -2.49 0.90
N ARG A 11 -6.12 -3.34 1.61
CA ARG A 11 -6.09 -3.35 3.07
C ARG A 11 -5.18 -4.46 3.59
N ILE A 12 -4.29 -4.11 4.51
CA ILE A 12 -3.37 -5.08 5.09
C ILE A 12 -3.82 -5.50 6.49
N GLU A 13 -3.18 -6.54 7.02
CA GLU A 13 -3.52 -7.05 8.35
C GLU A 13 -2.56 -6.49 9.39
N VAL A 14 -2.39 -5.17 9.41
CA VAL A 14 -1.51 -4.51 10.36
C VAL A 14 -2.09 -3.17 10.80
N GLY A 15 -1.92 -2.86 12.08
CA GLY A 15 -2.42 -1.60 12.62
C GLY A 15 -1.61 -1.10 13.79
N ARG A 16 -2.12 -0.08 14.47
CA ARG A 16 -1.43 0.50 15.61
C ARG A 16 -1.16 -0.56 16.68
N ASP A 17 -2.06 -1.54 16.77
CA ASP A 17 -1.92 -2.62 17.74
C ASP A 17 -0.84 -3.60 17.30
N ASP A 18 -0.50 -3.56 16.03
CA ASP A 18 0.52 -4.46 15.48
C ASP A 18 1.89 -3.78 15.47
N GLY A 19 1.90 -2.49 15.13
CA GLY A 19 3.16 -1.76 15.09
C GLY A 19 3.30 -0.92 13.83
N VAL A 20 2.17 -0.41 13.34
CA VAL A 20 2.18 0.41 12.13
C VAL A 20 1.32 1.66 12.31
N GLU A 21 1.70 2.74 11.62
CA GLU A 21 0.97 3.99 11.72
C GLU A 21 0.58 4.49 10.32
N VAL A 22 0.00 5.68 10.27
CA VAL A 22 -0.43 6.27 9.01
C VAL A 22 0.77 6.80 8.22
N ARG A 23 1.79 7.28 8.94
CA ARG A 23 2.98 7.82 8.31
C ARG A 23 4.01 6.72 8.07
N HIS A 24 3.68 5.50 8.48
CA HIS A 24 4.56 4.35 8.30
C HIS A 24 4.42 3.75 6.91
N ILE A 25 3.19 3.35 6.59
CA ILE A 25 2.92 2.76 5.28
C ILE A 25 2.99 3.80 4.17
N VAL A 26 2.76 5.06 4.54
CA VAL A 26 2.81 6.16 3.58
C VAL A 26 4.25 6.57 3.28
N GLY A 27 4.97 6.96 4.33
CA GLY A 27 6.35 7.38 4.17
C GLY A 27 7.22 6.27 3.59
N ALA A 28 6.78 5.03 3.74
CA ALA A 28 7.53 3.88 3.23
C ALA A 28 7.45 3.80 1.71
N ILE A 29 6.22 3.73 1.19
CA ILE A 29 6.02 3.65 -0.25
C ILE A 29 6.31 4.98 -0.92
N ALA A 30 6.12 6.07 -0.18
CA ALA A 30 6.37 7.40 -0.70
C ALA A 30 7.86 7.68 -0.81
N ASN A 31 8.66 6.99 0.00
CA ASN A 31 10.10 7.16 0.00
C ASN A 31 10.77 6.12 -0.89
N GLU A 32 10.13 4.96 -1.03
CA GLU A 32 10.66 3.89 -1.85
C GLU A 32 10.70 4.29 -3.32
N GLY A 33 9.59 4.86 -3.80
CA GLY A 33 9.50 5.29 -5.18
C GLY A 33 9.34 6.78 -5.33
N ASP A 34 8.59 7.20 -6.34
CA ASP A 34 8.36 8.61 -6.58
C ASP A 34 7.07 9.08 -5.90
N ILE A 35 6.26 8.12 -5.47
CA ILE A 35 5.01 8.43 -4.80
C ILE A 35 5.22 9.42 -3.65
N SER A 36 4.26 10.32 -3.46
CA SER A 36 4.35 11.31 -2.40
C SER A 36 3.24 11.11 -1.37
N SER A 37 3.33 11.84 -0.26
CA SER A 37 2.34 11.73 0.80
C SER A 37 0.98 12.24 0.33
N ARG A 38 0.99 13.06 -0.71
CA ARG A 38 -0.24 13.63 -1.25
C ARG A 38 -0.73 12.81 -2.44
N TYR A 39 0.21 12.30 -3.24
CA TYR A 39 -0.12 11.51 -4.41
C TYR A 39 -0.99 10.31 -4.03
N ILE A 40 -0.70 9.72 -2.88
CA ILE A 40 -1.46 8.57 -2.39
C ILE A 40 -2.93 8.91 -2.26
N GLY A 41 -3.79 7.93 -2.54
CA GLY A 41 -5.22 8.14 -2.44
C GLY A 41 -5.71 8.17 -1.00
N ASN A 42 -6.62 7.27 -0.67
CA ASN A 42 -7.17 7.18 0.68
C ASN A 42 -6.39 6.17 1.51
N ILE A 43 -5.92 6.60 2.67
CA ILE A 43 -5.16 5.73 3.57
C ILE A 43 -5.87 5.59 4.92
N LYS A 44 -5.97 4.36 5.40
CA LYS A 44 -6.61 4.09 6.68
C LYS A 44 -5.63 3.44 7.66
N LEU A 45 -5.90 3.59 8.95
CA LEU A 45 -5.04 3.01 9.98
C LEU A 45 -5.86 2.55 11.17
N PHE A 46 -6.24 1.27 11.16
CA PHE A 46 -7.04 0.71 12.24
C PHE A 46 -6.14 0.06 13.29
N ALA A 47 -6.75 -0.72 14.18
CA ALA A 47 -6.01 -1.40 15.24
C ALA A 47 -5.08 -2.47 14.66
N SER A 48 -5.61 -3.23 13.71
CA SER A 48 -4.83 -4.30 13.08
C SER A 48 -5.08 -4.32 11.58
N HIS A 49 -5.30 -3.16 10.99
CA HIS A 49 -5.54 -3.05 9.56
C HIS A 49 -5.17 -1.66 9.04
N SER A 50 -5.03 -1.54 7.73
CA SER A 50 -4.66 -0.26 7.12
C SER A 50 -4.87 -0.32 5.60
N THR A 51 -5.53 0.70 5.06
CA THR A 51 -5.79 0.77 3.63
C THR A 51 -4.90 1.82 2.96
N ILE A 52 -4.83 1.77 1.64
CA ILE A 52 -4.02 2.72 0.88
C ILE A 52 -4.21 2.54 -0.61
N GLU A 53 -4.21 3.65 -1.35
CA GLU A 53 -4.39 3.60 -2.79
C GLU A 53 -3.21 4.26 -3.51
N LEU A 54 -2.62 3.54 -4.45
CA LEU A 54 -1.47 4.06 -5.20
C LEU A 54 -1.84 4.28 -6.66
N PRO A 55 -1.44 5.43 -7.22
CA PRO A 55 -1.71 5.78 -8.62
C PRO A 55 -0.91 4.93 -9.59
N LYS A 56 -0.03 4.09 -9.07
CA LYS A 56 0.79 3.22 -9.89
C LYS A 56 -0.05 2.54 -10.97
N GLY A 57 0.55 2.35 -12.15
CA GLY A 57 -0.16 1.73 -13.24
C GLY A 57 0.54 0.49 -13.75
N MET A 58 1.10 -0.29 -12.83
CA MET A 58 1.81 -1.51 -13.20
C MET A 58 2.29 -2.26 -11.96
N PRO A 59 1.32 -2.80 -11.19
CA PRO A 59 1.62 -3.54 -9.96
C PRO A 59 2.28 -4.89 -10.25
N GLY A 60 2.62 -5.62 -9.19
CA GLY A 60 3.25 -6.91 -9.35
C GLY A 60 4.76 -6.83 -9.32
N GLU A 61 5.28 -5.67 -8.91
CA GLU A 61 6.72 -5.47 -8.83
C GLU A 61 7.30 -6.09 -7.57
N VAL A 62 6.80 -5.65 -6.42
CA VAL A 62 7.27 -6.15 -5.13
C VAL A 62 6.58 -7.46 -4.78
N LEU A 63 5.32 -7.60 -5.21
CA LEU A 63 4.56 -8.82 -4.94
C LEU A 63 5.16 -10.02 -5.65
N GLN A 64 5.93 -9.76 -6.70
CA GLN A 64 6.58 -10.82 -7.46
C GLN A 64 7.88 -11.24 -6.80
N HIS A 65 8.80 -10.30 -6.65
CA HIS A 65 10.10 -10.58 -6.03
C HIS A 65 9.93 -10.87 -4.55
N PHE A 66 9.32 -9.95 -3.82
CA PHE A 66 9.10 -10.11 -2.40
C PHE A 66 7.79 -10.84 -2.12
N THR A 67 7.55 -11.92 -2.85
CA THR A 67 6.33 -12.70 -2.69
C THR A 67 6.41 -13.59 -1.45
N ARG A 68 7.63 -13.99 -1.09
CA ARG A 68 7.83 -14.84 0.07
C ARG A 68 8.17 -14.00 1.30
N THR A 69 8.68 -12.79 1.06
CA THR A 69 9.04 -11.89 2.14
C THR A 69 8.17 -10.64 2.14
N ARG A 70 7.65 -10.28 3.32
CA ARG A 70 6.80 -9.11 3.45
C ARG A 70 6.89 -8.53 4.85
N ILE A 71 6.20 -7.41 5.07
CA ILE A 71 6.20 -6.76 6.37
C ILE A 71 5.12 -5.68 6.45
N LEU A 72 5.07 -4.98 7.59
CA LEU A 72 4.09 -3.92 7.78
C LEU A 72 3.86 -3.14 6.48
N ASN A 73 4.95 -2.87 5.77
CA ASN A 73 4.86 -2.14 4.51
C ASN A 73 4.40 -3.06 3.37
N LYS A 74 5.21 -4.08 3.09
CA LYS A 74 4.88 -5.02 2.02
C LYS A 74 3.57 -5.74 2.31
N PRO A 75 2.99 -6.35 1.27
CA PRO A 75 1.72 -7.08 1.39
C PRO A 75 1.87 -8.37 2.20
N MET A 76 1.99 -8.22 3.52
CA MET A 76 2.13 -9.37 4.40
C MET A 76 0.89 -10.24 4.37
N ASN A 77 -0.27 -9.61 4.56
CA ASN A 77 -1.55 -10.33 4.55
C ASN A 77 -2.69 -9.41 4.13
N MET A 78 -2.56 -8.82 2.95
CA MET A 78 -3.58 -7.92 2.43
C MET A 78 -4.42 -8.60 1.37
N GLN A 79 -5.37 -7.87 0.80
CA GLN A 79 -6.24 -8.41 -0.24
C GLN A 79 -6.90 -7.29 -1.04
N LEU A 80 -6.97 -7.47 -2.35
CA LEU A 80 -7.58 -6.48 -3.23
C LEU A 80 -9.09 -6.41 -3.02
N LEU A 81 -9.58 -5.23 -2.67
CA LEU A 81 -11.01 -5.03 -2.44
C LEU A 81 -11.58 -4.01 -3.41
N GLY A 82 -10.73 -3.07 -3.84
CA GLY A 82 -11.18 -2.05 -4.77
C GLY A 82 -11.00 -2.46 -6.21
N ASP A 83 -11.06 -1.49 -7.12
CA ASP A 83 -10.90 -1.77 -8.54
C ASP A 83 -10.48 -0.51 -9.29
N ALA A 84 -9.78 -0.71 -10.41
CA ALA A 84 -9.32 0.41 -11.23
C ALA A 84 -10.49 1.18 -11.83
N GLN A 85 -10.53 2.49 -11.57
CA GLN A 85 -11.59 3.34 -12.09
C GLN A 85 -11.70 3.20 -13.61
N MET A 1 2.00 10.33 -14.22
CA MET A 1 1.40 9.79 -13.01
C MET A 1 1.60 8.28 -12.91
N ALA A 2 1.42 7.60 -14.05
CA ALA A 2 1.59 6.15 -14.09
C ALA A 2 1.60 5.65 -15.53
N ASP A 3 1.53 4.33 -15.69
CA ASP A 3 1.53 3.72 -17.02
C ASP A 3 0.11 3.63 -17.57
N VAL A 4 -0.84 3.30 -16.70
CA VAL A 4 -2.24 3.18 -17.10
C VAL A 4 -3.15 3.92 -16.13
N GLY A 5 -2.84 3.81 -14.84
CA GLY A 5 -3.65 4.46 -13.82
C GLY A 5 -4.24 3.47 -12.83
N ASP A 6 -3.55 2.35 -12.64
CA ASP A 6 -4.02 1.33 -11.71
C ASP A 6 -4.30 1.93 -10.34
N MET A 7 -5.58 2.14 -10.05
CA MET A 7 -5.99 2.71 -8.76
C MET A 7 -6.93 1.76 -8.03
N GLN A 8 -6.52 1.34 -6.83
CA GLN A 8 -7.33 0.43 -6.03
C GLN A 8 -7.05 0.63 -4.54
N LEU A 9 -7.82 -0.06 -3.70
CA LEU A 9 -7.65 0.04 -2.26
C LEU A 9 -7.25 -1.31 -1.66
N TYR A 10 -6.01 -1.40 -1.20
CA TYR A 10 -5.51 -2.62 -0.61
C TYR A 10 -5.33 -2.47 0.90
N ARG A 11 -6.06 -3.29 1.67
CA ARG A 11 -5.99 -3.24 3.12
C ARG A 11 -5.11 -4.38 3.65
N ILE A 12 -4.20 -4.03 4.55
CA ILE A 12 -3.30 -5.02 5.14
C ILE A 12 -3.76 -5.42 6.53
N GLU A 13 -3.14 -6.46 7.08
CA GLU A 13 -3.49 -6.95 8.41
C GLU A 13 -2.53 -6.40 9.46
N VAL A 14 -2.32 -5.09 9.44
CA VAL A 14 -1.41 -4.45 10.39
C VAL A 14 -1.94 -3.09 10.80
N GLY A 15 -1.88 -2.81 12.10
CA GLY A 15 -2.35 -1.53 12.62
C GLY A 15 -1.54 -1.05 13.79
N ARG A 16 -2.03 -0.01 14.46
CA ARG A 16 -1.34 0.56 15.62
C ARG A 16 -1.09 -0.51 16.68
N ASP A 17 -1.99 -1.47 16.76
CA ASP A 17 -1.87 -2.56 17.74
C ASP A 17 -0.80 -3.56 17.30
N ASP A 18 -0.45 -3.53 16.02
CA ASP A 18 0.55 -4.43 15.47
C ASP A 18 1.93 -3.76 15.46
N GLY A 19 1.96 -2.48 15.12
CA GLY A 19 3.22 -1.76 15.07
C GLY A 19 3.37 -0.93 13.82
N VAL A 20 2.26 -0.37 13.34
CA VAL A 20 2.26 0.44 12.14
C VAL A 20 1.42 1.70 12.33
N GLU A 21 1.80 2.77 11.63
CA GLU A 21 1.08 4.04 11.73
C GLU A 21 0.71 4.55 10.33
N VAL A 22 0.17 5.77 10.29
CA VAL A 22 -0.23 6.38 9.02
C VAL A 22 0.98 6.89 8.25
N ARG A 23 2.01 7.31 8.98
CA ARG A 23 3.23 7.83 8.37
C ARG A 23 4.22 6.70 8.11
N HIS A 24 3.85 5.48 8.51
CA HIS A 24 4.71 4.33 8.32
C HIS A 24 4.53 3.74 6.92
N ILE A 25 3.30 3.37 6.59
CA ILE A 25 3.00 2.81 5.28
C ILE A 25 3.12 3.86 4.18
N VAL A 26 2.93 5.12 4.56
CA VAL A 26 3.03 6.22 3.60
C VAL A 26 4.48 6.59 3.33
N GLY A 27 5.20 6.94 4.39
CA GLY A 27 6.60 7.31 4.23
C GLY A 27 7.44 6.20 3.62
N ALA A 28 6.93 4.97 3.73
CA ALA A 28 7.64 3.82 3.18
C ALA A 28 7.53 3.77 1.66
N ILE A 29 6.29 3.69 1.17
CA ILE A 29 6.05 3.64 -0.26
C ILE A 29 6.39 4.96 -0.93
N ALA A 30 6.22 6.05 -0.19
CA ALA A 30 6.51 7.38 -0.71
C ALA A 30 8.01 7.58 -0.88
N ASN A 31 8.79 6.85 -0.10
CA ASN A 31 10.25 6.96 -0.17
C ASN A 31 10.84 5.87 -1.06
N GLU A 32 10.11 4.76 -1.17
CA GLU A 32 10.57 3.64 -2.00
C GLU A 32 10.60 4.03 -3.48
N GLY A 33 9.68 4.89 -3.88
CA GLY A 33 9.62 5.33 -5.26
C GLY A 33 9.47 6.84 -5.38
N ASP A 34 8.65 7.27 -6.34
CA ASP A 34 8.42 8.70 -6.56
C ASP A 34 7.15 9.15 -5.86
N ILE A 35 6.33 8.19 -5.43
CA ILE A 35 5.09 8.50 -4.74
C ILE A 35 5.31 9.47 -3.60
N SER A 36 4.36 10.37 -3.39
CA SER A 36 4.46 11.36 -2.33
C SER A 36 3.35 11.16 -1.29
N SER A 37 3.52 11.74 -0.11
CA SER A 37 2.54 11.63 0.96
C SER A 37 1.20 12.21 0.53
N ARG A 38 1.25 13.14 -0.43
CA ARG A 38 0.03 13.78 -0.92
C ARG A 38 -0.50 13.06 -2.15
N TYR A 39 0.41 12.52 -2.96
CA TYR A 39 0.04 11.80 -4.16
C TYR A 39 -0.83 10.59 -3.84
N ILE A 40 -0.53 9.94 -2.71
CA ILE A 40 -1.28 8.77 -2.28
C ILE A 40 -2.77 9.09 -2.16
N GLY A 41 -3.60 8.11 -2.50
CA GLY A 41 -5.04 8.29 -2.42
C GLY A 41 -5.54 8.30 -0.99
N ASN A 42 -6.44 7.37 -0.68
CA ASN A 42 -7.00 7.27 0.66
C ASN A 42 -6.22 6.28 1.52
N ILE A 43 -5.75 6.73 2.67
CA ILE A 43 -5.00 5.88 3.57
C ILE A 43 -5.69 5.76 4.93
N LYS A 44 -5.84 4.52 5.39
CA LYS A 44 -6.48 4.26 6.68
C LYS A 44 -5.50 3.61 7.66
N LEU A 45 -5.77 3.77 8.95
CA LEU A 45 -4.91 3.19 9.98
C LEU A 45 -5.75 2.74 11.17
N PHE A 46 -6.14 1.47 11.16
CA PHE A 46 -6.94 0.91 12.25
C PHE A 46 -6.05 0.25 13.29
N ALA A 47 -6.65 -0.52 14.18
CA ALA A 47 -5.91 -1.20 15.24
C ALA A 47 -5.04 -2.31 14.66
N SER A 48 -5.59 -3.07 13.72
CA SER A 48 -4.87 -4.16 13.09
C SER A 48 -5.12 -4.19 11.58
N HIS A 49 -5.29 -3.02 10.99
CA HIS A 49 -5.54 -2.90 9.57
C HIS A 49 -5.15 -1.51 9.05
N SER A 50 -4.97 -1.40 7.74
CA SER A 50 -4.59 -0.14 7.12
C SER A 50 -4.76 -0.21 5.60
N THR A 51 -5.39 0.81 5.04
CA THR A 51 -5.60 0.88 3.59
C THR A 51 -4.72 1.94 2.95
N ILE A 52 -4.61 1.89 1.62
CA ILE A 52 -3.81 2.85 0.89
C ILE A 52 -3.99 2.68 -0.62
N GLU A 53 -4.08 3.80 -1.33
CA GLU A 53 -4.25 3.77 -2.77
C GLU A 53 -3.08 4.43 -3.48
N LEU A 54 -2.48 3.72 -4.43
CA LEU A 54 -1.34 4.25 -5.17
C LEU A 54 -1.69 4.46 -6.64
N PRO A 55 -1.27 5.60 -7.20
CA PRO A 55 -1.53 5.94 -8.60
C PRO A 55 -0.75 5.07 -9.57
N LYS A 56 0.12 4.22 -9.02
CA LYS A 56 0.94 3.33 -9.84
C LYS A 56 0.10 2.67 -10.93
N GLY A 57 0.71 2.44 -12.08
CA GLY A 57 0.00 1.81 -13.18
C GLY A 57 0.75 0.62 -13.74
N MET A 58 1.25 -0.24 -12.86
CA MET A 58 1.99 -1.42 -13.28
C MET A 58 2.37 -2.28 -12.08
N PRO A 59 1.36 -2.88 -11.43
CA PRO A 59 1.56 -3.73 -10.26
C PRO A 59 2.25 -5.05 -10.60
N GLY A 60 2.48 -5.88 -9.60
CA GLY A 60 3.13 -7.16 -9.82
C GLY A 60 4.63 -7.08 -9.71
N GLU A 61 5.12 -5.91 -9.29
CA GLU A 61 6.56 -5.71 -9.15
C GLU A 61 7.07 -6.30 -7.84
N VAL A 62 6.50 -5.83 -6.73
CA VAL A 62 6.89 -6.32 -5.42
C VAL A 62 6.20 -7.63 -5.08
N LEU A 63 4.98 -7.79 -5.58
CA LEU A 63 4.21 -9.00 -5.33
C LEU A 63 4.87 -10.21 -5.97
N GLN A 64 5.70 -9.96 -6.98
CA GLN A 64 6.40 -11.03 -7.68
C GLN A 64 7.67 -11.44 -6.92
N HIS A 65 8.56 -10.47 -6.74
CA HIS A 65 9.82 -10.73 -6.04
C HIS A 65 9.56 -11.01 -4.56
N PHE A 66 8.87 -10.08 -3.90
CA PHE A 66 8.56 -10.22 -2.48
C PHE A 66 7.26 -11.00 -2.28
N THR A 67 7.12 -12.10 -3.02
CA THR A 67 5.92 -12.93 -2.92
C THR A 67 5.99 -13.85 -1.71
N ARG A 68 7.19 -14.05 -1.18
CA ARG A 68 7.39 -14.91 -0.02
C ARG A 68 7.81 -14.10 1.20
N THR A 69 8.37 -12.91 0.95
CA THR A 69 8.81 -12.03 2.02
C THR A 69 8.01 -10.73 2.03
N ARG A 70 7.52 -10.36 3.21
CA ARG A 70 6.73 -9.14 3.35
C ARG A 70 6.86 -8.59 4.78
N ILE A 71 6.22 -7.44 5.01
CA ILE A 71 6.26 -6.82 6.33
C ILE A 71 5.22 -5.70 6.43
N LEU A 72 5.20 -5.03 7.58
CA LEU A 72 4.25 -3.93 7.80
C LEU A 72 4.04 -3.13 6.53
N ASN A 73 5.13 -2.87 5.81
CA ASN A 73 5.07 -2.10 4.58
C ASN A 73 4.57 -2.97 3.42
N LYS A 74 5.33 -4.01 3.10
CA LYS A 74 4.96 -4.93 2.02
C LYS A 74 3.63 -5.60 2.32
N PRO A 75 3.02 -6.18 1.27
CA PRO A 75 1.73 -6.87 1.39
C PRO A 75 1.85 -8.18 2.16
N MET A 76 1.94 -8.07 3.48
CA MET A 76 2.05 -9.26 4.34
C MET A 76 0.82 -10.13 4.22
N ASN A 77 -0.36 -9.54 4.46
CA ASN A 77 -1.62 -10.27 4.38
C ASN A 77 -2.76 -9.35 3.97
N MET A 78 -2.62 -8.73 2.80
CA MET A 78 -3.64 -7.81 2.30
C MET A 78 -4.45 -8.47 1.19
N GLN A 79 -5.53 -7.81 0.78
CA GLN A 79 -6.39 -8.33 -0.28
C GLN A 79 -6.98 -7.20 -1.11
N LEU A 80 -7.07 -7.42 -2.41
CA LEU A 80 -7.61 -6.41 -3.32
C LEU A 80 -9.13 -6.29 -3.15
N LEU A 81 -9.59 -5.11 -2.75
CA LEU A 81 -11.01 -4.86 -2.56
C LEU A 81 -11.51 -3.79 -3.53
N GLY A 82 -10.62 -2.90 -3.92
CA GLY A 82 -11.00 -1.83 -4.84
C GLY A 82 -10.96 -2.28 -6.29
N ASP A 83 -10.79 -1.32 -7.19
CA ASP A 83 -10.73 -1.62 -8.62
C ASP A 83 -10.31 -0.39 -9.42
N ALA A 84 -9.63 -0.62 -10.53
CA ALA A 84 -9.16 0.48 -11.38
C ALA A 84 -10.33 1.13 -12.11
N GLN A 85 -10.40 2.46 -12.02
CA GLN A 85 -11.47 3.21 -12.67
C GLN A 85 -11.48 2.95 -14.18
N MET A 1 2.20 9.71 -12.10
CA MET A 1 2.87 9.34 -13.34
C MET A 1 2.79 7.83 -13.56
N ALA A 2 1.57 7.30 -13.66
CA ALA A 2 1.38 5.88 -13.87
C ALA A 2 1.44 5.53 -15.36
N ASP A 3 1.23 4.25 -15.67
CA ASP A 3 1.26 3.78 -17.05
C ASP A 3 -0.16 3.61 -17.60
N VAL A 4 -1.09 3.25 -16.73
CA VAL A 4 -2.47 3.05 -17.12
C VAL A 4 -3.42 3.76 -16.17
N GLY A 5 -3.12 3.69 -14.87
CA GLY A 5 -3.95 4.32 -13.87
C GLY A 5 -4.48 3.34 -12.85
N ASP A 6 -3.75 2.25 -12.64
CA ASP A 6 -4.15 1.24 -11.68
C ASP A 6 -4.48 1.85 -10.33
N MET A 7 -5.77 1.98 -10.05
CA MET A 7 -6.21 2.55 -8.78
C MET A 7 -7.16 1.60 -8.04
N GLN A 8 -6.76 1.19 -6.84
CA GLN A 8 -7.57 0.28 -6.04
C GLN A 8 -7.30 0.49 -4.56
N LEU A 9 -8.07 -0.21 -3.72
CA LEU A 9 -7.92 -0.11 -2.27
C LEU A 9 -7.45 -1.43 -1.69
N TYR A 10 -6.22 -1.45 -1.16
CA TYR A 10 -5.65 -2.65 -0.56
C TYR A 10 -5.48 -2.48 0.94
N ARG A 11 -6.19 -3.29 1.71
CA ARG A 11 -6.12 -3.22 3.17
C ARG A 11 -5.25 -4.36 3.72
N ILE A 12 -4.31 -4.01 4.58
CA ILE A 12 -3.43 -5.00 5.18
C ILE A 12 -3.88 -5.38 6.59
N GLU A 13 -3.32 -6.46 7.12
CA GLU A 13 -3.67 -6.92 8.46
C GLU A 13 -2.68 -6.40 9.50
N VAL A 14 -2.46 -5.10 9.49
CA VAL A 14 -1.53 -4.47 10.43
C VAL A 14 -2.05 -3.11 10.88
N GLY A 15 -1.88 -2.82 12.17
CA GLY A 15 -2.33 -1.55 12.71
C GLY A 15 -1.49 -1.08 13.88
N ARG A 16 -1.94 -0.04 14.55
CA ARG A 16 -1.22 0.51 15.70
C ARG A 16 -0.97 -0.57 16.75
N ASP A 17 -1.88 -1.52 16.84
CA ASP A 17 -1.75 -2.61 17.81
C ASP A 17 -0.72 -3.63 17.35
N ASP A 18 -0.38 -3.59 16.06
CA ASP A 18 0.59 -4.51 15.49
C ASP A 18 1.97 -3.87 15.45
N GLY A 19 2.01 -2.58 15.10
CA GLY A 19 3.28 -1.87 15.03
C GLY A 19 3.42 -1.05 13.77
N VAL A 20 2.31 -0.47 13.33
CA VAL A 20 2.29 0.37 12.13
C VAL A 20 1.48 1.64 12.35
N GLU A 21 1.87 2.70 11.66
CA GLU A 21 1.18 3.98 11.77
C GLU A 21 0.78 4.51 10.40
N VAL A 22 0.25 5.73 10.38
CA VAL A 22 -0.17 6.35 9.13
C VAL A 22 1.04 6.86 8.34
N ARG A 23 2.06 7.31 9.05
CA ARG A 23 3.27 7.82 8.41
C ARG A 23 4.27 6.70 8.15
N HIS A 24 3.90 5.48 8.55
CA HIS A 24 4.76 4.32 8.36
C HIS A 24 4.58 3.74 6.97
N ILE A 25 3.35 3.37 6.63
CA ILE A 25 3.05 2.80 5.32
C ILE A 25 3.15 3.85 4.23
N VAL A 26 2.95 5.11 4.61
CA VAL A 26 3.01 6.22 3.66
C VAL A 26 4.45 6.60 3.37
N GLY A 27 5.19 6.97 4.42
CA GLY A 27 6.58 7.36 4.26
C GLY A 27 7.42 6.26 3.64
N ALA A 28 6.94 5.02 3.73
CA ALA A 28 7.66 3.88 3.18
C ALA A 28 7.55 3.85 1.66
N ILE A 29 6.32 3.75 1.17
CA ILE A 29 6.08 3.71 -0.28
C ILE A 29 6.39 5.05 -0.92
N ALA A 30 6.20 6.13 -0.16
CA ALA A 30 6.46 7.47 -0.66
C ALA A 30 7.96 7.73 -0.79
N ASN A 31 8.75 6.99 -0.02
CA ASN A 31 10.20 7.13 -0.05
C ASN A 31 10.84 6.06 -0.92
N GLU A 32 10.15 4.94 -1.05
CA GLU A 32 10.65 3.82 -1.87
C GLU A 32 10.67 4.19 -3.35
N GLY A 33 9.55 4.73 -3.83
CA GLY A 33 9.46 5.12 -5.22
C GLY A 33 9.31 6.62 -5.40
N ASP A 34 8.58 7.01 -6.43
CA ASP A 34 8.36 8.43 -6.71
C ASP A 34 7.10 8.93 -6.00
N ILE A 35 6.29 8.00 -5.51
CA ILE A 35 5.07 8.35 -4.80
C ILE A 35 5.34 9.37 -3.70
N SER A 36 4.40 10.29 -3.50
CA SER A 36 4.54 11.32 -2.48
C SER A 36 3.44 11.18 -1.41
N SER A 37 3.63 11.88 -0.30
CA SER A 37 2.67 11.82 0.80
C SER A 37 1.31 12.36 0.35
N ARG A 38 1.32 13.22 -0.66
CA ARG A 38 0.09 13.80 -1.19
C ARG A 38 -0.44 12.99 -2.35
N TYR A 39 0.46 12.40 -3.13
CA TYR A 39 0.08 11.59 -4.28
C TYR A 39 -0.83 10.44 -3.86
N ILE A 40 -0.49 9.80 -2.74
CA ILE A 40 -1.28 8.69 -2.23
C ILE A 40 -2.74 9.07 -2.08
N GLY A 41 -3.63 8.12 -2.34
CA GLY A 41 -5.05 8.38 -2.23
C GLY A 41 -5.53 8.39 -0.79
N ASN A 42 -6.50 7.53 -0.48
CA ASN A 42 -7.04 7.45 0.88
C ASN A 42 -6.32 6.37 1.68
N ILE A 43 -5.81 6.75 2.85
CA ILE A 43 -5.11 5.82 3.72
C ILE A 43 -5.81 5.69 5.07
N LYS A 44 -5.88 4.46 5.57
CA LYS A 44 -6.52 4.20 6.86
C LYS A 44 -5.56 3.51 7.82
N LEU A 45 -5.71 3.79 9.11
CA LEU A 45 -4.86 3.20 10.13
C LEU A 45 -5.67 2.75 11.34
N PHE A 46 -6.08 1.48 11.32
CA PHE A 46 -6.87 0.92 12.42
C PHE A 46 -5.97 0.25 13.45
N ALA A 47 -6.58 -0.51 14.35
CA ALA A 47 -5.83 -1.20 15.39
C ALA A 47 -4.98 -2.33 14.81
N SER A 48 -5.56 -3.07 13.87
CA SER A 48 -4.87 -4.18 13.24
C SER A 48 -5.16 -4.23 11.74
N HIS A 49 -5.33 -3.04 11.15
CA HIS A 49 -5.61 -2.94 9.71
C HIS A 49 -5.23 -1.57 9.18
N SER A 50 -5.07 -1.47 7.87
CA SER A 50 -4.69 -0.22 7.23
C SER A 50 -4.87 -0.29 5.72
N THR A 51 -5.52 0.73 5.15
CA THR A 51 -5.75 0.77 3.71
C THR A 51 -4.93 1.86 3.05
N ILE A 52 -4.84 1.82 1.73
CA ILE A 52 -4.08 2.82 0.98
C ILE A 52 -4.30 2.65 -0.52
N GLU A 53 -4.33 3.77 -1.24
CA GLU A 53 -4.54 3.75 -2.68
C GLU A 53 -3.31 4.30 -3.41
N LEU A 54 -2.72 3.46 -4.25
CA LEU A 54 -1.53 3.86 -5.01
C LEU A 54 -1.89 4.17 -6.46
N PRO A 55 -1.49 5.37 -6.92
CA PRO A 55 -1.76 5.81 -8.29
C PRO A 55 -0.96 5.04 -9.33
N LYS A 56 -0.06 4.18 -8.85
CA LYS A 56 0.77 3.36 -9.73
C LYS A 56 -0.06 2.73 -10.83
N GLY A 57 0.56 2.51 -11.98
CA GLY A 57 -0.14 1.91 -13.10
C GLY A 57 0.59 0.72 -13.68
N MET A 58 1.16 -0.12 -12.81
CA MET A 58 1.90 -1.29 -13.24
C MET A 58 2.38 -2.11 -12.05
N PRO A 59 1.41 -2.70 -11.31
CA PRO A 59 1.70 -3.51 -10.13
C PRO A 59 2.37 -4.84 -10.49
N GLY A 60 2.70 -5.62 -9.47
CA GLY A 60 3.34 -6.90 -9.71
C GLY A 60 4.85 -6.82 -9.70
N GLU A 61 5.37 -5.68 -9.23
CA GLU A 61 6.81 -5.47 -9.16
C GLU A 61 7.40 -6.16 -7.93
N VAL A 62 6.92 -5.77 -6.76
CA VAL A 62 7.40 -6.35 -5.51
C VAL A 62 6.69 -7.65 -5.20
N LEU A 63 5.43 -7.75 -5.60
CA LEU A 63 4.64 -8.96 -5.37
C LEU A 63 5.21 -10.14 -6.13
N GLN A 64 5.97 -9.85 -7.19
CA GLN A 64 6.59 -10.89 -8.01
C GLN A 64 7.85 -11.42 -7.35
N HIS A 65 8.82 -10.54 -7.12
CA HIS A 65 10.08 -10.91 -6.50
C HIS A 65 9.88 -11.24 -5.03
N PHE A 66 9.33 -10.30 -4.28
CA PHE A 66 9.08 -10.49 -2.86
C PHE A 66 7.69 -11.07 -2.62
N THR A 67 7.32 -12.06 -3.42
CA THR A 67 6.01 -12.69 -3.29
C THR A 67 5.86 -13.39 -1.95
N ARG A 68 7.00 -13.75 -1.35
CA ARG A 68 6.99 -14.43 -0.05
C ARG A 68 7.60 -13.54 1.02
N THR A 69 8.07 -12.36 0.62
CA THR A 69 8.68 -11.42 1.55
C THR A 69 7.85 -10.14 1.66
N ARG A 70 7.42 -9.83 2.88
CA ARG A 70 6.62 -8.64 3.12
C ARG A 70 6.76 -8.17 4.56
N ILE A 71 6.12 -7.05 4.88
CA ILE A 71 6.18 -6.50 6.24
C ILE A 71 5.09 -5.45 6.44
N LEU A 72 5.06 -4.87 7.64
CA LEU A 72 4.07 -3.85 7.97
C LEU A 72 3.79 -2.96 6.76
N ASN A 73 4.84 -2.59 6.04
CA ASN A 73 4.71 -1.74 4.86
C ASN A 73 4.19 -2.54 3.68
N LYS A 74 4.98 -3.53 3.26
CA LYS A 74 4.60 -4.37 2.13
C LYS A 74 3.30 -5.13 2.42
N PRO A 75 2.67 -5.66 1.37
CA PRO A 75 1.42 -6.41 1.49
C PRO A 75 1.63 -7.77 2.15
N MET A 76 1.76 -7.76 3.48
CA MET A 76 1.97 -8.99 4.24
C MET A 76 0.78 -9.93 4.06
N ASN A 77 -0.40 -9.47 4.47
CA ASN A 77 -1.62 -10.27 4.37
C ASN A 77 -2.82 -9.41 4.00
N MET A 78 -2.68 -8.66 2.90
CA MET A 78 -3.75 -7.79 2.44
C MET A 78 -4.61 -8.50 1.40
N GLN A 79 -5.69 -7.84 0.99
CA GLN A 79 -6.60 -8.40 -0.01
C GLN A 79 -7.20 -7.31 -0.88
N LEU A 80 -7.13 -7.49 -2.19
CA LEU A 80 -7.66 -6.52 -3.14
C LEU A 80 -9.19 -6.44 -3.03
N LEU A 81 -9.69 -5.26 -2.68
CA LEU A 81 -11.13 -5.06 -2.54
C LEU A 81 -11.64 -4.06 -3.57
N GLY A 82 -10.76 -3.15 -3.98
CA GLY A 82 -11.14 -2.15 -4.97
C GLY A 82 -11.18 -2.71 -6.37
N ASP A 83 -11.01 -1.84 -7.35
CA ASP A 83 -11.03 -2.25 -8.76
C ASP A 83 -10.54 -1.13 -9.67
N ALA A 84 -9.47 -1.40 -10.41
CA ALA A 84 -8.89 -0.42 -11.31
C ALA A 84 -9.95 0.16 -12.24
N GLN A 85 -10.38 1.39 -11.95
CA GLN A 85 -11.39 2.06 -12.76
C GLN A 85 -11.00 2.06 -14.23
N MET A 1 2.54 9.75 -11.77
CA MET A 1 2.65 9.29 -13.15
C MET A 1 2.59 7.76 -13.22
N ALA A 2 1.51 7.24 -13.80
CA ALA A 2 1.33 5.81 -13.93
C ALA A 2 1.30 5.39 -15.39
N ASP A 3 1.06 4.10 -15.63
CA ASP A 3 1.01 3.57 -16.99
C ASP A 3 -0.42 3.54 -17.51
N VAL A 4 -1.36 3.16 -16.65
CA VAL A 4 -2.77 3.09 -17.01
C VAL A 4 -3.63 3.81 -15.99
N GLY A 5 -3.29 3.65 -14.71
CA GLY A 5 -4.05 4.29 -13.66
C GLY A 5 -4.59 3.30 -12.65
N ASP A 6 -3.87 2.19 -12.48
CA ASP A 6 -4.28 1.16 -11.54
C ASP A 6 -4.54 1.75 -10.16
N MET A 7 -5.81 1.93 -9.82
CA MET A 7 -6.19 2.48 -8.53
C MET A 7 -7.14 1.55 -7.79
N GLN A 8 -6.71 1.10 -6.60
CA GLN A 8 -7.53 0.20 -5.80
C GLN A 8 -7.25 0.41 -4.31
N LEU A 9 -8.02 -0.28 -3.48
CA LEU A 9 -7.86 -0.18 -2.03
C LEU A 9 -7.39 -1.50 -1.43
N TYR A 10 -6.14 -1.54 -0.99
CA TYR A 10 -5.58 -2.75 -0.40
C TYR A 10 -5.41 -2.59 1.11
N ARG A 11 -6.15 -3.40 1.87
CA ARG A 11 -6.08 -3.35 3.32
C ARG A 11 -5.20 -4.48 3.86
N ILE A 12 -4.27 -4.12 4.75
CA ILE A 12 -3.38 -5.09 5.34
C ILE A 12 -3.82 -5.47 6.75
N GLU A 13 -3.20 -6.51 7.30
CA GLU A 13 -3.55 -6.98 8.64
C GLU A 13 -2.57 -6.42 9.67
N VAL A 14 -2.37 -5.11 9.64
CA VAL A 14 -1.46 -4.44 10.57
C VAL A 14 -1.98 -3.08 10.97
N GLY A 15 -1.96 -2.79 12.28
CA GLY A 15 -2.44 -1.52 12.77
C GLY A 15 -1.61 -1.00 13.94
N ARG A 16 -2.12 0.02 14.61
CA ARG A 16 -1.43 0.61 15.74
C ARG A 16 -1.12 -0.45 16.80
N ASP A 17 -2.05 -1.38 16.98
CA ASP A 17 -1.88 -2.45 17.97
C ASP A 17 -0.80 -3.43 17.51
N ASP A 18 -0.47 -3.39 16.22
CA ASP A 18 0.55 -4.28 15.66
C ASP A 18 1.91 -3.59 15.63
N GLY A 19 1.91 -2.31 15.27
CA GLY A 19 3.15 -1.56 15.21
C GLY A 19 3.27 -0.74 13.94
N VAL A 20 2.15 -0.22 13.47
CA VAL A 20 2.12 0.59 12.26
C VAL A 20 1.25 1.82 12.43
N GLU A 21 1.61 2.90 11.74
CA GLU A 21 0.86 4.14 11.81
C GLU A 21 0.47 4.64 10.42
N VAL A 22 -0.11 5.83 10.37
CA VAL A 22 -0.53 6.42 9.09
C VAL A 22 0.67 6.96 8.31
N ARG A 23 1.67 7.44 9.04
CA ARG A 23 2.87 7.99 8.42
C ARG A 23 3.91 6.89 8.18
N HIS A 24 3.57 5.67 8.59
CA HIS A 24 4.48 4.54 8.42
C HIS A 24 4.32 3.93 7.03
N ILE A 25 3.11 3.51 6.70
CA ILE A 25 2.83 2.91 5.40
C ILE A 25 2.91 3.95 4.29
N VAL A 26 2.68 5.21 4.64
CA VAL A 26 2.72 6.31 3.68
C VAL A 26 4.16 6.72 3.40
N GLY A 27 4.88 7.11 4.44
CA GLY A 27 6.26 7.53 4.29
C GLY A 27 7.14 6.43 3.75
N ALA A 28 6.70 5.18 3.91
CA ALA A 28 7.46 4.03 3.43
C ALA A 28 7.37 3.90 1.91
N ILE A 29 6.14 3.74 1.41
CA ILE A 29 5.92 3.61 -0.03
C ILE A 29 6.24 4.90 -0.76
N ALA A 30 6.05 6.03 -0.07
CA ALA A 30 6.33 7.33 -0.65
C ALA A 30 7.83 7.58 -0.75
N ASN A 31 8.59 6.93 0.11
CA ASN A 31 10.04 7.08 0.11
C ASN A 31 10.71 6.03 -0.77
N GLU A 32 10.03 4.90 -0.95
CA GLU A 32 10.56 3.82 -1.77
C GLU A 32 10.59 4.23 -3.25
N GLY A 33 9.48 4.78 -3.73
CA GLY A 33 9.40 5.20 -5.11
C GLY A 33 9.23 6.70 -5.26
N ASP A 34 8.50 7.11 -6.29
CA ASP A 34 8.26 8.53 -6.53
C ASP A 34 6.97 8.99 -5.85
N ILE A 35 6.16 8.03 -5.41
CA ILE A 35 4.91 8.34 -4.73
C ILE A 35 5.13 9.32 -3.58
N SER A 36 4.17 10.22 -3.40
CA SER A 36 4.26 11.23 -2.35
C SER A 36 3.17 11.00 -1.30
N SER A 37 3.28 11.72 -0.17
CA SER A 37 2.32 11.59 0.90
C SER A 37 0.95 12.13 0.47
N ARG A 38 0.95 13.01 -0.52
CA ARG A 38 -0.28 13.60 -1.03
C ARG A 38 -0.79 12.83 -2.23
N TYR A 39 0.12 12.31 -3.03
CA TYR A 39 -0.24 11.55 -4.23
C TYR A 39 -1.11 10.34 -3.86
N ILE A 40 -0.77 9.69 -2.76
CA ILE A 40 -1.51 8.53 -2.29
C ILE A 40 -3.00 8.84 -2.15
N GLY A 41 -3.84 7.86 -2.46
CA GLY A 41 -5.28 8.06 -2.37
C GLY A 41 -5.76 8.08 -0.94
N ASN A 42 -6.67 7.17 -0.60
CA ASN A 42 -7.22 7.09 0.74
C ASN A 42 -6.43 6.08 1.59
N ILE A 43 -6.01 6.52 2.77
CA ILE A 43 -5.25 5.66 3.66
C ILE A 43 -5.95 5.54 5.03
N LYS A 44 -6.08 4.31 5.50
CA LYS A 44 -6.72 4.06 6.78
C LYS A 44 -5.74 3.44 7.78
N LEU A 45 -5.98 3.65 9.06
CA LEU A 45 -5.12 3.11 10.11
C LEU A 45 -5.94 2.66 11.31
N PHE A 46 -6.30 1.37 11.32
CA PHE A 46 -7.09 0.81 12.41
C PHE A 46 -6.17 0.18 13.47
N ALA A 47 -6.77 -0.59 14.37
CA ALA A 47 -6.01 -1.25 15.42
C ALA A 47 -5.08 -2.32 14.86
N SER A 48 -5.60 -3.13 13.95
CA SER A 48 -4.81 -4.20 13.34
C SER A 48 -5.06 -4.25 11.83
N HIS A 49 -5.30 -3.08 11.24
CA HIS A 49 -5.55 -3.00 9.80
C HIS A 49 -5.20 -1.60 9.28
N SER A 50 -5.03 -1.50 7.96
CA SER A 50 -4.70 -0.23 7.32
C SER A 50 -4.88 -0.31 5.82
N THR A 51 -5.53 0.69 5.24
CA THR A 51 -5.77 0.74 3.81
C THR A 51 -4.89 1.79 3.14
N ILE A 52 -4.81 1.73 1.81
CA ILE A 52 -4.00 2.67 1.06
C ILE A 52 -4.18 2.47 -0.45
N GLU A 53 -4.25 3.58 -1.18
CA GLU A 53 -4.43 3.52 -2.63
C GLU A 53 -3.26 4.18 -3.34
N LEU A 54 -2.66 3.45 -4.28
CA LEU A 54 -1.52 3.97 -5.03
C LEU A 54 -1.90 4.22 -6.50
N PRO A 55 -1.51 5.38 -7.03
CA PRO A 55 -1.79 5.75 -8.42
C PRO A 55 -1.01 4.91 -9.42
N LYS A 56 -0.12 4.06 -8.91
CA LYS A 56 0.69 3.20 -9.76
C LYS A 56 -0.16 2.55 -10.84
N GLY A 57 0.43 2.37 -12.02
CA GLY A 57 -0.29 1.76 -13.12
C GLY A 57 0.45 0.59 -13.73
N MET A 58 1.02 -0.25 -12.87
CA MET A 58 1.76 -1.42 -13.32
C MET A 58 2.22 -2.26 -12.14
N PRO A 59 1.26 -2.88 -11.43
CA PRO A 59 1.55 -3.72 -10.27
C PRO A 59 2.23 -5.03 -10.65
N GLY A 60 2.54 -5.85 -9.65
CA GLY A 60 3.19 -7.12 -9.91
C GLY A 60 4.70 -7.01 -9.90
N GLU A 61 5.21 -5.85 -9.48
CA GLU A 61 6.64 -5.62 -9.42
C GLU A 61 7.24 -6.23 -8.15
N VAL A 62 6.74 -5.80 -7.01
CA VAL A 62 7.23 -6.29 -5.73
C VAL A 62 6.54 -7.60 -5.36
N LEU A 63 5.30 -7.76 -5.78
CA LEU A 63 4.53 -8.97 -5.49
C LEU A 63 5.14 -10.18 -6.20
N GLN A 64 5.90 -9.91 -7.26
CA GLN A 64 6.53 -10.98 -8.02
C GLN A 64 7.84 -11.42 -7.36
N HIS A 65 8.77 -10.48 -7.20
CA HIS A 65 10.05 -10.77 -6.58
C HIS A 65 9.90 -11.02 -5.09
N PHE A 66 9.30 -10.05 -4.40
CA PHE A 66 9.09 -10.16 -2.96
C PHE A 66 7.73 -10.78 -2.65
N THR A 67 7.40 -11.84 -3.38
CA THR A 67 6.12 -12.53 -3.19
C THR A 67 6.05 -13.19 -1.82
N ARG A 68 7.20 -13.60 -1.31
CA ARG A 68 7.27 -14.25 -0.01
C ARG A 68 7.88 -13.32 1.03
N THR A 69 8.25 -12.11 0.60
CA THR A 69 8.85 -11.13 1.49
C THR A 69 7.96 -9.90 1.63
N ARG A 70 7.55 -9.61 2.86
CA ARG A 70 6.69 -8.46 3.12
C ARG A 70 6.84 -7.99 4.57
N ILE A 71 6.16 -6.91 4.92
CA ILE A 71 6.21 -6.37 6.27
C ILE A 71 5.12 -5.32 6.48
N LEU A 72 5.10 -4.73 7.67
CA LEU A 72 4.12 -3.71 8.00
C LEU A 72 3.81 -2.83 6.80
N ASN A 73 4.85 -2.47 6.06
CA ASN A 73 4.69 -1.63 4.87
C ASN A 73 4.18 -2.45 3.69
N LYS A 74 4.97 -3.43 3.28
CA LYS A 74 4.59 -4.29 2.16
C LYS A 74 3.31 -5.06 2.47
N PRO A 75 2.67 -5.60 1.41
CA PRO A 75 1.43 -6.37 1.55
C PRO A 75 1.66 -7.72 2.23
N MET A 76 1.84 -7.69 3.54
CA MET A 76 2.05 -8.90 4.32
C MET A 76 0.89 -9.87 4.15
N ASN A 77 -0.30 -9.45 4.58
CA ASN A 77 -1.49 -10.29 4.48
C ASN A 77 -2.71 -9.44 4.09
N MET A 78 -2.60 -8.72 2.99
CA MET A 78 -3.68 -7.87 2.51
C MET A 78 -4.51 -8.60 1.46
N GLN A 79 -5.62 -7.98 1.05
CA GLN A 79 -6.49 -8.57 0.04
C GLN A 79 -7.14 -7.49 -0.81
N LEU A 80 -6.98 -7.60 -2.13
CA LEU A 80 -7.55 -6.64 -3.06
C LEU A 80 -9.06 -6.56 -2.91
N LEU A 81 -9.56 -5.39 -2.52
CA LEU A 81 -10.99 -5.19 -2.35
C LEU A 81 -11.52 -4.17 -3.34
N GLY A 82 -10.65 -3.26 -3.78
CA GLY A 82 -11.06 -2.24 -4.73
C GLY A 82 -10.93 -2.71 -6.17
N ASP A 83 -10.91 -1.76 -7.09
CA ASP A 83 -10.81 -2.08 -8.51
C ASP A 83 -10.39 -0.85 -9.32
N ALA A 84 -9.70 -1.08 -10.43
CA ALA A 84 -9.26 0.02 -11.28
C ALA A 84 -10.44 0.74 -11.90
N GLN A 85 -10.48 2.06 -11.72
CA GLN A 85 -11.56 2.88 -12.26
C GLN A 85 -11.74 2.63 -13.75
N MET A 1 0.23 10.15 -13.40
CA MET A 1 1.42 9.92 -14.21
C MET A 1 1.75 8.43 -14.28
N ALA A 2 0.72 7.60 -14.18
CA ALA A 2 0.90 6.16 -14.24
C ALA A 2 0.94 5.66 -15.67
N ASP A 3 0.90 4.34 -15.84
CA ASP A 3 0.93 3.72 -17.16
C ASP A 3 -0.48 3.50 -17.68
N VAL A 4 -1.43 3.34 -16.76
CA VAL A 4 -2.81 3.11 -17.13
C VAL A 4 -3.76 3.76 -16.13
N GLY A 5 -3.43 3.65 -14.85
CA GLY A 5 -4.27 4.24 -13.82
C GLY A 5 -4.74 3.22 -12.81
N ASP A 6 -3.91 2.23 -12.53
CA ASP A 6 -4.25 1.18 -11.58
C ASP A 6 -4.45 1.76 -10.18
N MET A 7 -5.71 2.05 -9.85
CA MET A 7 -6.05 2.62 -8.55
C MET A 7 -7.07 1.76 -7.82
N GLN A 8 -6.69 1.25 -6.67
CA GLN A 8 -7.58 0.40 -5.87
C GLN A 8 -7.28 0.55 -4.38
N LEU A 9 -8.11 -0.08 -3.55
CA LEU A 9 -7.95 -0.02 -2.11
C LEU A 9 -7.42 -1.35 -1.56
N TYR A 10 -6.16 -1.35 -1.14
CA TYR A 10 -5.54 -2.56 -0.59
C TYR A 10 -5.39 -2.45 0.92
N ARG A 11 -6.10 -3.31 1.64
CA ARG A 11 -6.03 -3.32 3.10
C ARG A 11 -5.13 -4.44 3.60
N ILE A 12 -4.23 -4.09 4.52
CA ILE A 12 -3.30 -5.07 5.08
C ILE A 12 -3.75 -5.51 6.48
N GLU A 13 -3.16 -6.60 6.96
CA GLU A 13 -3.49 -7.12 8.28
C GLU A 13 -2.54 -6.58 9.34
N VAL A 14 -2.34 -5.26 9.34
CA VAL A 14 -1.45 -4.62 10.29
C VAL A 14 -1.99 -3.27 10.74
N GLY A 15 -1.84 -2.97 12.03
CA GLY A 15 -2.33 -1.71 12.56
C GLY A 15 -1.50 -1.22 13.73
N ARG A 16 -1.99 -0.17 14.40
CA ARG A 16 -1.28 0.40 15.53
C ARG A 16 -0.99 -0.68 16.59
N ASP A 17 -1.95 -1.56 16.80
CA ASP A 17 -1.81 -2.63 17.77
C ASP A 17 -0.74 -3.64 17.32
N ASP A 18 -0.40 -3.59 16.04
CA ASP A 18 0.61 -4.48 15.49
C ASP A 18 1.99 -3.82 15.47
N GLY A 19 2.01 -2.53 15.12
CA GLY A 19 3.25 -1.81 15.07
C GLY A 19 3.39 -0.99 13.79
N VAL A 20 2.28 -0.46 13.31
CA VAL A 20 2.27 0.35 12.09
C VAL A 20 1.41 1.60 12.26
N GLU A 21 1.79 2.67 11.58
CA GLU A 21 1.05 3.93 11.65
C GLU A 21 0.67 4.41 10.26
N VAL A 22 0.11 5.61 10.19
CA VAL A 22 -0.29 6.20 8.92
C VAL A 22 0.90 6.71 8.14
N ARG A 23 1.93 7.16 8.85
CA ARG A 23 3.14 7.67 8.23
C ARG A 23 4.13 6.55 7.97
N HIS A 24 3.79 5.35 8.39
CA HIS A 24 4.66 4.19 8.21
C HIS A 24 4.46 3.59 6.81
N ILE A 25 3.23 3.20 6.50
CA ILE A 25 2.92 2.61 5.20
C ILE A 25 3.03 3.65 4.09
N VAL A 26 2.84 4.92 4.46
CA VAL A 26 2.90 6.01 3.49
C VAL A 26 4.35 6.39 3.18
N GLY A 27 5.09 6.75 4.23
CA GLY A 27 6.48 7.13 4.05
C GLY A 27 7.32 6.00 3.46
N ALA A 28 6.83 4.77 3.60
CA ALA A 28 7.53 3.60 3.09
C ALA A 28 7.42 3.52 1.57
N ILE A 29 6.19 3.41 1.08
CA ILE A 29 5.94 3.31 -0.35
C ILE A 29 6.27 4.62 -1.05
N ALA A 30 6.11 5.73 -0.34
CA ALA A 30 6.41 7.05 -0.90
C ALA A 30 7.91 7.26 -1.03
N ASN A 31 8.68 6.56 -0.21
CA ASN A 31 10.13 6.68 -0.24
C ASN A 31 10.75 5.60 -1.12
N GLU A 32 10.02 4.50 -1.28
CA GLU A 32 10.51 3.39 -2.10
C GLU A 32 10.56 3.80 -3.57
N GLY A 33 9.50 4.42 -4.06
CA GLY A 33 9.45 4.85 -5.44
C GLY A 33 9.34 6.36 -5.58
N ASP A 34 8.54 6.81 -6.54
CA ASP A 34 8.34 8.23 -6.78
C ASP A 34 7.08 8.72 -6.07
N ILE A 35 6.24 7.79 -5.65
CA ILE A 35 5.00 8.14 -4.96
C ILE A 35 5.27 9.10 -3.81
N SER A 36 4.34 10.02 -3.59
CA SER A 36 4.47 11.00 -2.52
C SER A 36 3.38 10.81 -1.47
N SER A 37 3.53 11.49 -0.34
CA SER A 37 2.56 11.40 0.75
C SER A 37 1.22 12.01 0.33
N ARG A 38 1.27 12.89 -0.65
CA ARG A 38 0.06 13.55 -1.15
C ARG A 38 -0.52 12.81 -2.36
N TYR A 39 0.38 12.26 -3.18
CA TYR A 39 -0.03 11.54 -4.37
C TYR A 39 -0.92 10.35 -4.01
N ILE A 40 -0.62 9.71 -2.88
CA ILE A 40 -1.38 8.57 -2.42
C ILE A 40 -2.85 8.92 -2.25
N GLY A 41 -3.74 7.96 -2.56
CA GLY A 41 -5.15 8.20 -2.44
C GLY A 41 -5.61 8.22 -1.00
N ASN A 42 -6.54 7.33 -0.65
CA ASN A 42 -7.07 7.25 0.71
C ASN A 42 -6.30 6.22 1.52
N ILE A 43 -5.85 6.62 2.71
CA ILE A 43 -5.11 5.74 3.59
C ILE A 43 -5.81 5.58 4.94
N LYS A 44 -5.94 4.34 5.39
CA LYS A 44 -6.58 4.05 6.66
C LYS A 44 -5.62 3.39 7.63
N LEU A 45 -5.83 3.61 8.93
CA LEU A 45 -4.97 3.03 9.95
C LEU A 45 -5.79 2.57 11.16
N PHE A 46 -6.19 1.31 11.15
CA PHE A 46 -6.97 0.74 12.25
C PHE A 46 -6.07 0.09 13.30
N ALA A 47 -6.68 -0.67 14.20
CA ALA A 47 -5.94 -1.35 15.24
C ALA A 47 -5.00 -2.41 14.66
N SER A 48 -5.54 -3.22 13.75
CA SER A 48 -4.75 -4.28 13.13
C SER A 48 -5.00 -4.31 11.62
N HIS A 49 -5.23 -3.14 11.03
CA HIS A 49 -5.48 -3.04 9.60
C HIS A 49 -5.11 -1.66 9.08
N SER A 50 -4.96 -1.54 7.77
CA SER A 50 -4.60 -0.27 7.15
C SER A 50 -4.80 -0.33 5.63
N THR A 51 -5.45 0.68 5.08
CA THR A 51 -5.70 0.74 3.65
C THR A 51 -4.83 1.81 2.98
N ILE A 52 -4.77 1.76 1.66
CA ILE A 52 -3.97 2.72 0.90
C ILE A 52 -4.17 2.54 -0.60
N GLU A 53 -4.22 3.66 -1.32
CA GLU A 53 -4.41 3.63 -2.77
C GLU A 53 -3.22 4.28 -3.49
N LEU A 54 -2.63 3.53 -4.42
CA LEU A 54 -1.50 4.03 -5.18
C LEU A 54 -1.88 4.30 -6.63
N PRO A 55 -1.48 5.47 -7.15
CA PRO A 55 -1.77 5.86 -8.54
C PRO A 55 -1.00 5.03 -9.55
N LYS A 56 -0.10 4.19 -9.05
CA LYS A 56 0.71 3.33 -9.92
C LYS A 56 -0.15 2.66 -10.99
N GLY A 57 0.43 2.48 -12.17
CA GLY A 57 -0.30 1.85 -13.26
C GLY A 57 0.44 0.66 -13.85
N MET A 58 1.03 -0.15 -12.98
CA MET A 58 1.78 -1.33 -13.43
C MET A 58 2.28 -2.13 -12.23
N PRO A 59 1.33 -2.73 -11.49
CA PRO A 59 1.65 -3.55 -10.32
C PRO A 59 2.33 -4.86 -10.68
N GLY A 60 2.51 -5.73 -9.69
CA GLY A 60 3.15 -7.00 -9.93
C GLY A 60 4.65 -6.94 -9.78
N GLU A 61 5.16 -5.77 -9.41
CA GLU A 61 6.60 -5.58 -9.24
C GLU A 61 7.05 -6.10 -7.89
N VAL A 62 6.38 -5.67 -6.83
CA VAL A 62 6.71 -6.11 -5.47
C VAL A 62 6.19 -7.51 -5.20
N LEU A 63 5.05 -7.85 -5.81
CA LEU A 63 4.46 -9.17 -5.63
C LEU A 63 5.35 -10.26 -6.23
N GLN A 64 6.21 -9.86 -7.15
CA GLN A 64 7.12 -10.80 -7.81
C GLN A 64 8.34 -11.06 -6.94
N HIS A 65 9.08 -10.01 -6.63
CA HIS A 65 10.27 -10.13 -5.80
C HIS A 65 9.90 -10.46 -4.36
N PHE A 66 9.05 -9.62 -3.76
CA PHE A 66 8.63 -9.81 -2.38
C PHE A 66 7.41 -10.73 -2.32
N THR A 67 7.46 -11.82 -3.06
CA THR A 67 6.36 -12.79 -3.08
C THR A 67 6.36 -13.66 -1.84
N ARG A 68 7.54 -13.88 -1.28
CA ARG A 68 7.67 -14.70 -0.08
C ARG A 68 8.08 -13.84 1.12
N THR A 69 8.67 -12.69 0.84
CA THR A 69 9.11 -11.78 1.90
C THR A 69 8.22 -10.54 1.96
N ARG A 70 7.69 -10.27 3.14
CA ARG A 70 6.82 -9.11 3.33
C ARG A 70 6.93 -8.58 4.77
N ILE A 71 6.23 -7.48 5.04
CA ILE A 71 6.25 -6.88 6.36
C ILE A 71 5.17 -5.81 6.50
N LEU A 72 5.12 -5.17 7.66
CA LEU A 72 4.13 -4.13 7.91
C LEU A 72 3.88 -3.30 6.65
N ASN A 73 4.95 -2.98 5.93
CA ASN A 73 4.84 -2.20 4.71
C ASN A 73 4.38 -3.06 3.54
N LYS A 74 5.19 -4.07 3.20
CA LYS A 74 4.87 -4.97 2.11
C LYS A 74 3.56 -5.70 2.38
N PRO A 75 2.99 -6.29 1.32
CA PRO A 75 1.73 -7.04 1.41
C PRO A 75 1.89 -8.35 2.18
N MET A 76 1.97 -8.25 3.50
CA MET A 76 2.13 -9.43 4.34
C MET A 76 0.87 -10.30 4.29
N ASN A 77 -0.28 -9.68 4.51
CA ASN A 77 -1.55 -10.40 4.50
C ASN A 77 -2.69 -9.48 4.09
N MET A 78 -2.52 -8.81 2.94
CA MET A 78 -3.55 -7.90 2.45
C MET A 78 -4.41 -8.57 1.39
N GLN A 79 -5.35 -7.81 0.83
CA GLN A 79 -6.24 -8.35 -0.20
C GLN A 79 -6.89 -7.21 -0.99
N LEU A 80 -7.03 -7.41 -2.29
CA LEU A 80 -7.65 -6.41 -3.15
C LEU A 80 -9.15 -6.34 -2.93
N LEU A 81 -9.64 -5.15 -2.59
CA LEU A 81 -11.06 -4.95 -2.34
C LEU A 81 -11.63 -3.92 -3.31
N GLY A 82 -10.80 -2.98 -3.73
CA GLY A 82 -11.24 -1.96 -4.66
C GLY A 82 -11.08 -2.36 -6.11
N ASP A 83 -11.14 -1.39 -7.01
CA ASP A 83 -10.99 -1.66 -8.43
C ASP A 83 -10.55 -0.40 -9.18
N ALA A 84 -9.89 -0.60 -10.31
CA ALA A 84 -9.41 0.51 -11.12
C ALA A 84 -10.57 1.28 -11.74
N GLN A 85 -10.61 2.59 -11.48
CA GLN A 85 -11.68 3.44 -12.01
C GLN A 85 -11.74 3.34 -13.53
N MET A 1 2.54 9.91 -11.90
CA MET A 1 2.69 9.44 -13.27
C MET A 1 2.66 7.91 -13.32
N ALA A 2 1.60 7.37 -13.91
CA ALA A 2 1.45 5.92 -14.03
C ALA A 2 1.43 5.49 -15.50
N ASP A 3 1.22 4.20 -15.73
CA ASP A 3 1.17 3.66 -17.08
C ASP A 3 -0.26 3.64 -17.61
N VAL A 4 -1.20 3.31 -16.73
CA VAL A 4 -2.61 3.25 -17.11
C VAL A 4 -3.48 3.97 -16.10
N GLY A 5 -3.15 3.81 -14.82
CA GLY A 5 -3.92 4.45 -13.77
C GLY A 5 -4.48 3.46 -12.76
N ASP A 6 -3.78 2.33 -12.59
CA ASP A 6 -4.22 1.31 -11.66
C ASP A 6 -4.49 1.89 -10.28
N MET A 7 -5.77 2.08 -9.97
CA MET A 7 -6.16 2.64 -8.67
C MET A 7 -7.06 1.67 -7.92
N GLN A 8 -6.62 1.26 -6.73
CA GLN A 8 -7.39 0.33 -5.91
C GLN A 8 -7.09 0.55 -4.43
N LEU A 9 -7.81 -0.17 -3.58
CA LEU A 9 -7.62 -0.05 -2.13
C LEU A 9 -7.15 -1.38 -1.54
N TYR A 10 -5.89 -1.42 -1.13
CA TYR A 10 -5.32 -2.63 -0.55
C TYR A 10 -5.20 -2.50 0.97
N ARG A 11 -5.93 -3.34 1.69
CA ARG A 11 -5.90 -3.32 3.15
C ARG A 11 -5.00 -4.43 3.70
N ILE A 12 -4.11 -4.06 4.61
CA ILE A 12 -3.20 -5.01 5.21
C ILE A 12 -3.69 -5.48 6.58
N GLU A 13 -3.13 -6.58 7.07
CA GLU A 13 -3.52 -7.12 8.37
C GLU A 13 -2.61 -6.60 9.47
N VAL A 14 -2.37 -5.28 9.46
CA VAL A 14 -1.52 -4.66 10.46
C VAL A 14 -2.04 -3.29 10.85
N GLY A 15 -1.91 -2.94 12.13
CA GLY A 15 -2.38 -1.66 12.61
C GLY A 15 -1.59 -1.15 13.80
N ARG A 16 -2.07 -0.08 14.41
CA ARG A 16 -1.39 0.51 15.57
C ARG A 16 -1.14 -0.55 16.64
N ASP A 17 -2.15 -1.39 16.89
CA ASP A 17 -2.04 -2.44 17.89
C ASP A 17 -0.92 -3.41 17.53
N ASP A 18 -0.53 -3.42 16.26
CA ASP A 18 0.54 -4.30 15.79
C ASP A 18 1.89 -3.58 15.81
N GLY A 19 1.88 -2.32 15.40
CA GLY A 19 3.10 -1.54 15.37
C GLY A 19 3.26 -0.74 14.09
N VAL A 20 2.14 -0.24 13.57
CA VAL A 20 2.15 0.54 12.34
C VAL A 20 1.28 1.79 12.47
N GLU A 21 1.66 2.85 11.76
CA GLU A 21 0.92 4.10 11.80
C GLU A 21 0.56 4.57 10.38
N VAL A 22 0.03 5.78 10.29
CA VAL A 22 -0.36 6.34 9.00
C VAL A 22 0.87 6.83 8.24
N ARG A 23 1.88 7.28 8.97
CA ARG A 23 3.10 7.78 8.36
C ARG A 23 4.11 6.64 8.14
N HIS A 24 3.73 5.44 8.56
CA HIS A 24 4.59 4.27 8.41
C HIS A 24 4.42 3.66 7.03
N ILE A 25 3.19 3.29 6.69
CA ILE A 25 2.90 2.68 5.40
C ILE A 25 3.01 3.70 4.28
N VAL A 26 2.83 4.97 4.61
CA VAL A 26 2.93 6.06 3.64
C VAL A 26 4.38 6.41 3.36
N GLY A 27 5.10 6.79 4.40
CA GLY A 27 6.51 7.16 4.25
C GLY A 27 7.34 6.04 3.66
N ALA A 28 6.82 4.81 3.77
CA ALA A 28 7.53 3.64 3.24
C ALA A 28 7.46 3.60 1.72
N ILE A 29 6.24 3.53 1.19
CA ILE A 29 6.03 3.49 -0.25
C ILE A 29 6.37 4.82 -0.90
N ALA A 30 6.17 5.91 -0.14
CA ALA A 30 6.44 7.25 -0.64
C ALA A 30 7.95 7.49 -0.76
N ASN A 31 8.72 6.77 0.05
CA ASN A 31 10.17 6.90 0.04
C ASN A 31 10.82 5.85 -0.87
N GLU A 32 10.12 4.73 -1.04
CA GLU A 32 10.62 3.65 -1.89
C GLU A 32 10.65 4.07 -3.35
N GLY A 33 9.60 4.74 -3.79
CA GLY A 33 9.52 5.18 -5.17
C GLY A 33 9.37 6.69 -5.28
N ASP A 34 8.65 7.14 -6.30
CA ASP A 34 8.43 8.57 -6.52
C ASP A 34 7.16 9.03 -5.82
N ILE A 35 6.33 8.08 -5.40
CA ILE A 35 5.09 8.39 -4.71
C ILE A 35 5.32 9.36 -3.56
N SER A 36 4.39 10.29 -3.37
CA SER A 36 4.49 11.28 -2.30
C SER A 36 3.38 11.08 -1.28
N SER A 37 3.49 11.80 -0.16
CA SER A 37 2.50 11.70 0.91
C SER A 37 1.16 12.26 0.44
N ARG A 38 1.20 13.12 -0.57
CA ARG A 38 -0.03 13.73 -1.10
C ARG A 38 -0.52 12.96 -2.32
N TYR A 39 0.40 12.40 -3.08
CA TYR A 39 0.05 11.64 -4.28
C TYR A 39 -0.84 10.45 -3.92
N ILE A 40 -0.55 9.83 -2.78
CA ILE A 40 -1.32 8.69 -2.33
C ILE A 40 -2.80 9.03 -2.19
N GLY A 41 -3.66 8.07 -2.51
CA GLY A 41 -5.09 8.30 -2.42
C GLY A 41 -5.58 8.31 -0.98
N ASN A 42 -6.51 7.41 -0.67
CA ASN A 42 -7.07 7.33 0.68
C ASN A 42 -6.31 6.30 1.52
N ILE A 43 -5.84 6.72 2.68
CA ILE A 43 -5.11 5.83 3.57
C ILE A 43 -5.81 5.71 4.93
N LYS A 44 -5.98 4.46 5.38
CA LYS A 44 -6.63 4.19 6.64
C LYS A 44 -5.68 3.52 7.62
N LEU A 45 -5.89 3.75 8.91
CA LEU A 45 -5.04 3.16 9.94
C LEU A 45 -5.88 2.65 11.12
N PHE A 46 -6.28 1.39 11.06
CA PHE A 46 -7.08 0.79 12.11
C PHE A 46 -6.20 0.20 13.20
N ALA A 47 -6.81 -0.59 14.09
CA ALA A 47 -6.07 -1.22 15.17
C ALA A 47 -5.11 -2.28 14.65
N SER A 48 -5.59 -3.12 13.74
CA SER A 48 -4.77 -4.17 13.16
C SER A 48 -4.95 -4.23 11.65
N HIS A 49 -5.21 -3.08 11.04
CA HIS A 49 -5.40 -3.00 9.60
C HIS A 49 -5.08 -1.60 9.09
N SER A 50 -4.92 -1.47 7.77
CA SER A 50 -4.60 -0.19 7.16
C SER A 50 -4.77 -0.26 5.64
N THR A 51 -5.46 0.73 5.09
CA THR A 51 -5.70 0.80 3.65
C THR A 51 -4.84 1.87 2.99
N ILE A 52 -4.77 1.83 1.67
CA ILE A 52 -3.99 2.80 0.92
C ILE A 52 -4.19 2.63 -0.59
N GLU A 53 -4.21 3.75 -1.31
CA GLU A 53 -4.39 3.72 -2.75
C GLU A 53 -3.21 4.38 -3.47
N LEU A 54 -2.64 3.66 -4.42
CA LEU A 54 -1.50 4.17 -5.18
C LEU A 54 -1.87 4.40 -6.64
N PRO A 55 -1.46 5.56 -7.18
CA PRO A 55 -1.75 5.93 -8.57
C PRO A 55 -0.96 5.07 -9.57
N LYS A 56 -0.07 4.23 -9.04
CA LYS A 56 0.74 3.36 -9.88
C LYS A 56 -0.11 2.69 -10.96
N GLY A 57 0.49 2.46 -12.12
CA GLY A 57 -0.23 1.84 -13.22
C GLY A 57 0.52 0.65 -13.79
N MET A 58 1.05 -0.19 -12.91
CA MET A 58 1.79 -1.38 -13.34
C MET A 58 2.21 -2.22 -12.14
N PRO A 59 1.22 -2.82 -11.46
CA PRO A 59 1.47 -3.66 -10.29
C PRO A 59 2.16 -4.97 -10.64
N GLY A 60 2.36 -5.82 -9.63
CA GLY A 60 3.01 -7.10 -9.87
C GLY A 60 4.51 -7.00 -9.81
N GLU A 61 5.02 -5.82 -9.45
CA GLU A 61 6.46 -5.60 -9.36
C GLU A 61 7.01 -6.15 -8.05
N VAL A 62 6.48 -5.66 -6.93
CA VAL A 62 6.91 -6.10 -5.61
C VAL A 62 6.24 -7.41 -5.22
N LEU A 63 5.00 -7.58 -5.66
CA LEU A 63 4.24 -8.80 -5.36
C LEU A 63 4.89 -10.02 -5.98
N GLN A 64 5.69 -9.80 -7.03
CA GLN A 64 6.37 -10.88 -7.73
C GLN A 64 7.67 -11.25 -7.01
N HIS A 65 8.57 -10.28 -6.89
CA HIS A 65 9.85 -10.50 -6.23
C HIS A 65 9.64 -10.75 -4.73
N PHE A 66 8.98 -9.82 -4.07
CA PHE A 66 8.73 -9.94 -2.63
C PHE A 66 7.43 -10.70 -2.38
N THR A 67 7.25 -11.81 -3.09
CA THR A 67 6.06 -12.64 -2.94
C THR A 67 6.15 -13.52 -1.69
N ARG A 68 7.37 -13.70 -1.19
CA ARG A 68 7.60 -14.52 -0.01
C ARG A 68 8.09 -13.67 1.15
N THR A 69 8.65 -12.51 0.84
CA THR A 69 9.15 -11.60 1.86
C THR A 69 8.29 -10.35 1.96
N ARG A 70 7.73 -10.10 3.14
CA ARG A 70 6.89 -8.94 3.36
C ARG A 70 7.01 -8.44 4.79
N ILE A 71 6.32 -7.35 5.11
CA ILE A 71 6.34 -6.78 6.45
C ILE A 71 5.27 -5.72 6.61
N LEU A 72 5.22 -5.11 7.79
CA LEU A 72 4.24 -4.07 8.09
C LEU A 72 3.98 -3.20 6.85
N ASN A 73 5.05 -2.87 6.14
CA ASN A 73 4.93 -2.04 4.95
C ASN A 73 4.46 -2.88 3.76
N LYS A 74 5.26 -3.87 3.38
CA LYS A 74 4.93 -4.74 2.26
C LYS A 74 3.62 -5.49 2.53
N PRO A 75 3.03 -6.04 1.46
CA PRO A 75 1.77 -6.79 1.55
C PRO A 75 1.95 -8.13 2.26
N MET A 76 2.06 -8.08 3.59
CA MET A 76 2.21 -9.29 4.39
C MET A 76 1.00 -10.20 4.26
N ASN A 77 -0.18 -9.63 4.48
CA ASN A 77 -1.42 -10.39 4.41
C ASN A 77 -2.57 -9.49 3.95
N MET A 78 -2.33 -8.69 2.93
CA MET A 78 -3.35 -7.79 2.41
C MET A 78 -4.11 -8.44 1.25
N GLN A 79 -5.19 -7.79 0.82
CA GLN A 79 -5.99 -8.30 -0.28
C GLN A 79 -6.58 -7.16 -1.10
N LEU A 80 -6.97 -7.45 -2.33
CA LEU A 80 -7.55 -6.46 -3.22
C LEU A 80 -9.06 -6.34 -3.00
N LEU A 81 -9.49 -5.18 -2.51
CA LEU A 81 -10.90 -4.95 -2.26
C LEU A 81 -11.46 -3.88 -3.20
N GLY A 82 -10.58 -3.01 -3.69
CA GLY A 82 -11.00 -1.96 -4.60
C GLY A 82 -10.99 -2.41 -6.04
N ASP A 83 -10.82 -1.46 -6.96
CA ASP A 83 -10.80 -1.78 -8.38
C ASP A 83 -10.41 -0.54 -9.19
N ALA A 84 -9.74 -0.78 -10.32
CA ALA A 84 -9.30 0.31 -11.19
C ALA A 84 -10.48 0.95 -11.90
N GLN A 85 -10.63 2.26 -11.74
CA GLN A 85 -11.73 3.00 -12.38
C GLN A 85 -11.73 2.77 -13.88
N MET A 1 0.28 9.91 -12.88
CA MET A 1 1.59 9.60 -13.47
C MET A 1 1.80 8.09 -13.56
N ALA A 2 0.75 7.37 -13.95
CA ALA A 2 0.83 5.92 -14.07
C ALA A 2 0.94 5.51 -15.53
N ASP A 3 1.03 4.20 -15.77
CA ASP A 3 1.13 3.68 -17.12
C ASP A 3 -0.24 3.34 -17.69
N VAL A 4 -1.14 2.89 -16.81
CA VAL A 4 -2.49 2.53 -17.22
C VAL A 4 -3.53 3.18 -16.31
N GLY A 5 -3.24 3.19 -15.02
CA GLY A 5 -4.15 3.78 -14.05
C GLY A 5 -4.58 2.80 -12.98
N ASP A 6 -3.70 1.86 -12.65
CA ASP A 6 -3.99 0.85 -11.64
C ASP A 6 -4.23 1.51 -10.28
N MET A 7 -5.49 1.77 -9.97
CA MET A 7 -5.85 2.40 -8.70
C MET A 7 -6.92 1.58 -7.97
N GLN A 8 -6.59 1.12 -6.78
CA GLN A 8 -7.51 0.32 -5.98
C GLN A 8 -7.25 0.50 -4.49
N LEU A 9 -8.10 -0.11 -3.67
CA LEU A 9 -7.96 -0.01 -2.23
C LEU A 9 -7.49 -1.34 -1.63
N TYR A 10 -6.25 -1.35 -1.16
CA TYR A 10 -5.68 -2.56 -0.57
C TYR A 10 -5.50 -2.40 0.94
N ARG A 11 -6.20 -3.24 1.70
CA ARG A 11 -6.12 -3.19 3.16
C ARG A 11 -5.23 -4.31 3.70
N ILE A 12 -4.31 -3.97 4.59
CA ILE A 12 -3.41 -4.95 5.18
C ILE A 12 -3.87 -5.35 6.57
N GLU A 13 -3.28 -6.42 7.11
CA GLU A 13 -3.62 -6.90 8.43
C GLU A 13 -2.64 -6.39 9.48
N VAL A 14 -2.42 -5.08 9.48
CA VAL A 14 -1.50 -4.45 10.43
C VAL A 14 -2.03 -3.10 10.90
N GLY A 15 -1.83 -2.81 12.18
CA GLY A 15 -2.29 -1.55 12.73
C GLY A 15 -1.44 -1.08 13.89
N ARG A 16 -1.90 -0.04 14.59
CA ARG A 16 -1.17 0.50 15.72
C ARG A 16 -0.90 -0.57 16.76
N ASP A 17 -1.82 -1.52 16.89
CA ASP A 17 -1.67 -2.61 17.84
C ASP A 17 -0.63 -3.61 17.37
N ASP A 18 -0.33 -3.59 16.09
CA ASP A 18 0.66 -4.49 15.50
C ASP A 18 2.04 -3.84 15.47
N GLY A 19 2.07 -2.55 15.14
CA GLY A 19 3.33 -1.83 15.07
C GLY A 19 3.46 -1.00 13.81
N VAL A 20 2.34 -0.45 13.35
CA VAL A 20 2.33 0.37 12.14
C VAL A 20 1.50 1.62 12.34
N GLU A 21 1.88 2.70 11.65
CA GLU A 21 1.16 3.96 11.75
C GLU A 21 0.76 4.47 10.37
N VAL A 22 0.22 5.69 10.32
CA VAL A 22 -0.22 6.28 9.07
C VAL A 22 0.97 6.80 8.27
N ARG A 23 2.01 7.24 8.97
CA ARG A 23 3.21 7.74 8.32
C ARG A 23 4.20 6.62 8.05
N HIS A 24 3.85 5.41 8.47
CA HIS A 24 4.70 4.25 8.27
C HIS A 24 4.50 3.66 6.88
N ILE A 25 3.26 3.28 6.58
CA ILE A 25 2.94 2.71 5.28
C ILE A 25 3.02 3.75 4.18
N VAL A 26 2.83 5.02 4.54
CA VAL A 26 2.88 6.11 3.59
C VAL A 26 4.32 6.49 3.27
N GLY A 27 5.08 6.87 4.30
CA GLY A 27 6.45 7.26 4.11
C GLY A 27 7.29 6.15 3.49
N ALA A 28 6.82 4.91 3.62
CA ALA A 28 7.51 3.77 3.07
C ALA A 28 7.39 3.72 1.55
N ILE A 29 6.15 3.62 1.06
CA ILE A 29 5.91 3.57 -0.37
C ILE A 29 6.21 4.90 -1.03
N ALA A 30 6.02 5.98 -0.28
CA ALA A 30 6.27 7.33 -0.80
C ALA A 30 7.77 7.58 -0.95
N ASN A 31 8.57 6.86 -0.17
CA ASN A 31 10.02 7.01 -0.23
C ASN A 31 10.65 5.93 -1.10
N GLU A 32 9.96 4.80 -1.24
CA GLU A 32 10.45 3.70 -2.05
C GLU A 32 10.45 4.07 -3.53
N GLY A 33 9.39 4.74 -3.96
CA GLY A 33 9.28 5.13 -5.36
C GLY A 33 9.09 6.64 -5.51
N ASP A 34 8.35 7.03 -6.53
CA ASP A 34 8.10 8.45 -6.80
C ASP A 34 6.84 8.91 -6.07
N ILE A 35 6.05 7.96 -5.59
CA ILE A 35 4.82 8.29 -4.87
C ILE A 35 5.08 9.29 -3.75
N SER A 36 4.13 10.20 -3.56
CA SER A 36 4.25 11.22 -2.52
C SER A 36 3.16 11.07 -1.47
N SER A 37 3.33 11.75 -0.34
CA SER A 37 2.36 11.69 0.75
C SER A 37 1.03 12.29 0.31
N ARG A 38 1.08 13.19 -0.66
CA ARG A 38 -0.13 13.84 -1.17
C ARG A 38 -0.70 13.07 -2.36
N TYR A 39 0.17 12.43 -3.12
CA TYR A 39 -0.26 11.67 -4.29
C TYR A 39 -1.12 10.48 -3.87
N ILE A 40 -0.74 9.83 -2.77
CA ILE A 40 -1.49 8.68 -2.27
C ILE A 40 -2.96 9.03 -2.08
N GLY A 41 -3.84 8.06 -2.35
CA GLY A 41 -5.26 8.28 -2.21
C GLY A 41 -5.70 8.32 -0.76
N ASN A 42 -6.61 7.42 -0.40
CA ASN A 42 -7.11 7.35 0.98
C ASN A 42 -6.32 6.33 1.79
N ILE A 43 -5.79 6.78 2.93
CA ILE A 43 -5.02 5.90 3.80
C ILE A 43 -5.69 5.74 5.16
N LYS A 44 -5.86 4.50 5.58
CA LYS A 44 -6.49 4.21 6.87
C LYS A 44 -5.50 3.55 7.82
N LEU A 45 -5.74 3.71 9.12
CA LEU A 45 -4.87 3.12 10.14
C LEU A 45 -5.69 2.66 11.35
N PHE A 46 -6.08 1.38 11.33
CA PHE A 46 -6.86 0.82 12.43
C PHE A 46 -5.94 0.19 13.47
N ALA A 47 -6.54 -0.58 14.38
CA ALA A 47 -5.77 -1.25 15.43
C ALA A 47 -4.91 -2.37 14.86
N SER A 48 -5.42 -3.04 13.84
CA SER A 48 -4.70 -4.13 13.20
C SER A 48 -4.97 -4.17 11.70
N HIS A 49 -5.21 -3.00 11.12
CA HIS A 49 -5.48 -2.90 9.69
C HIS A 49 -5.09 -1.52 9.16
N SER A 50 -4.96 -1.42 7.84
CA SER A 50 -4.59 -0.16 7.20
C SER A 50 -4.81 -0.23 5.69
N THR A 51 -5.45 0.80 5.16
CA THR A 51 -5.73 0.86 3.72
C THR A 51 -4.87 1.93 3.04
N ILE A 52 -4.82 1.87 1.71
CA ILE A 52 -4.03 2.82 0.94
C ILE A 52 -4.25 2.64 -0.55
N GLU A 53 -4.27 3.75 -1.29
CA GLU A 53 -4.47 3.70 -2.73
C GLU A 53 -3.24 4.20 -3.47
N LEU A 54 -2.67 3.35 -4.31
CA LEU A 54 -1.49 3.70 -5.08
C LEU A 54 -1.85 4.08 -6.51
N PRO A 55 -1.47 5.29 -6.94
CA PRO A 55 -1.74 5.78 -8.28
C PRO A 55 -0.92 5.05 -9.35
N LYS A 56 -0.02 4.19 -8.90
CA LYS A 56 0.83 3.43 -9.81
C LYS A 56 -0.01 2.81 -10.93
N GLY A 57 0.66 2.47 -12.03
CA GLY A 57 -0.03 1.87 -13.16
C GLY A 57 0.78 0.78 -13.83
N MET A 58 1.38 -0.09 -13.02
CA MET A 58 2.20 -1.18 -13.55
C MET A 58 2.70 -2.07 -12.42
N PRO A 59 1.76 -2.78 -11.77
CA PRO A 59 2.09 -3.69 -10.66
C PRO A 59 2.83 -4.93 -11.13
N GLY A 60 2.97 -5.90 -10.24
CA GLY A 60 3.68 -7.13 -10.58
C GLY A 60 5.17 -7.03 -10.32
N GLU A 61 5.62 -5.85 -9.91
CA GLU A 61 7.03 -5.63 -9.62
C GLU A 61 7.40 -6.15 -8.24
N VAL A 62 6.64 -5.74 -7.24
CA VAL A 62 6.88 -6.16 -5.86
C VAL A 62 6.34 -7.56 -5.62
N LEU A 63 5.25 -7.90 -6.30
CA LEU A 63 4.63 -9.21 -6.16
C LEU A 63 5.55 -10.30 -6.70
N GLN A 64 6.47 -9.92 -7.57
CA GLN A 64 7.42 -10.87 -8.15
C GLN A 64 8.55 -11.18 -7.17
N HIS A 65 9.28 -10.15 -6.78
CA HIS A 65 10.40 -10.32 -5.84
C HIS A 65 9.88 -10.59 -4.43
N PHE A 66 9.02 -9.71 -3.93
CA PHE A 66 8.46 -9.85 -2.59
C PHE A 66 7.19 -10.69 -2.63
N THR A 67 7.24 -11.81 -3.36
CA THR A 67 6.09 -12.69 -3.48
C THR A 67 5.82 -13.43 -2.17
N ARG A 68 6.89 -13.71 -1.43
CA ARG A 68 6.77 -14.41 -0.15
C ARG A 68 7.28 -13.53 0.99
N THR A 69 8.12 -12.56 0.67
CA THR A 69 8.67 -11.66 1.67
C THR A 69 7.87 -10.36 1.75
N ARG A 70 7.37 -10.06 2.94
CA ARG A 70 6.59 -8.86 3.15
C ARG A 70 6.73 -8.35 4.59
N ILE A 71 6.10 -7.22 4.88
CA ILE A 71 6.15 -6.64 6.22
C ILE A 71 5.09 -5.55 6.38
N LEU A 72 5.07 -4.93 7.56
CA LEU A 72 4.11 -3.88 7.85
C LEU A 72 3.86 -3.01 6.62
N ASN A 73 4.93 -2.70 5.90
CA ASN A 73 4.82 -1.88 4.69
C ASN A 73 4.30 -2.71 3.52
N LYS A 74 5.05 -3.74 3.14
CA LYS A 74 4.67 -4.61 2.04
C LYS A 74 3.36 -5.33 2.35
N PRO A 75 2.72 -5.86 1.30
CA PRO A 75 1.45 -6.59 1.43
C PRO A 75 1.63 -7.93 2.13
N MET A 76 1.75 -7.88 3.45
CA MET A 76 1.91 -9.10 4.25
C MET A 76 0.70 -10.02 4.09
N ASN A 77 -0.47 -9.50 4.41
CA ASN A 77 -1.70 -10.28 4.31
C ASN A 77 -2.88 -9.38 3.91
N MET A 78 -2.69 -8.61 2.83
CA MET A 78 -3.73 -7.72 2.35
C MET A 78 -4.55 -8.39 1.25
N GLN A 79 -5.64 -7.74 0.85
CA GLN A 79 -6.51 -8.28 -0.19
C GLN A 79 -7.08 -7.16 -1.05
N LEU A 80 -7.15 -7.40 -2.36
CA LEU A 80 -7.68 -6.41 -3.28
C LEU A 80 -9.20 -6.29 -3.16
N LEU A 81 -9.66 -5.11 -2.76
CA LEU A 81 -11.09 -4.87 -2.60
C LEU A 81 -11.60 -3.88 -3.65
N GLY A 82 -10.70 -3.03 -4.13
CA GLY A 82 -11.06 -2.05 -5.13
C GLY A 82 -11.06 -2.61 -6.54
N ASP A 83 -10.84 -1.75 -7.52
CA ASP A 83 -10.80 -2.17 -8.92
C ASP A 83 -10.37 -1.01 -9.82
N ALA A 84 -9.45 -1.29 -10.74
CA ALA A 84 -8.95 -0.28 -11.66
C ALA A 84 -10.10 0.43 -12.36
N GLN A 85 -10.22 1.73 -12.11
CA GLN A 85 -11.29 2.53 -12.71
C GLN A 85 -11.22 2.45 -14.23
N MET A 1 -1.62 10.20 -12.58
CA MET A 1 -0.97 9.89 -13.85
C MET A 1 -0.11 8.64 -13.73
N ALA A 2 -0.48 7.59 -14.45
CA ALA A 2 0.27 6.34 -14.43
C ALA A 2 0.42 5.76 -15.83
N ASP A 3 0.89 4.52 -15.90
CA ASP A 3 1.09 3.85 -17.19
C ASP A 3 -0.24 3.36 -17.75
N VAL A 4 -1.10 2.86 -16.87
CA VAL A 4 -2.42 2.35 -17.28
C VAL A 4 -3.52 2.92 -16.39
N GLY A 5 -3.25 3.02 -15.10
CA GLY A 5 -4.23 3.55 -14.17
C GLY A 5 -4.58 2.56 -13.08
N ASP A 6 -3.62 1.74 -12.69
CA ASP A 6 -3.83 0.74 -11.65
C ASP A 6 -4.10 1.39 -10.30
N MET A 7 -5.37 1.69 -10.03
CA MET A 7 -5.75 2.32 -8.77
C MET A 7 -6.82 1.51 -8.05
N GLN A 8 -6.50 1.06 -6.84
CA GLN A 8 -7.43 0.26 -6.05
C GLN A 8 -7.17 0.43 -4.56
N LEU A 9 -8.03 -0.15 -3.74
CA LEU A 9 -7.88 -0.06 -2.29
C LEU A 9 -7.41 -1.40 -1.71
N TYR A 10 -6.17 -1.40 -1.21
CA TYR A 10 -5.60 -2.61 -0.62
C TYR A 10 -5.43 -2.46 0.88
N ARG A 11 -6.18 -3.25 1.64
CA ARG A 11 -6.11 -3.20 3.10
C ARG A 11 -5.25 -4.34 3.63
N ILE A 12 -4.33 -4.00 4.53
CA ILE A 12 -3.45 -5.00 5.13
C ILE A 12 -3.93 -5.40 6.52
N GLU A 13 -3.38 -6.49 7.04
CA GLU A 13 -3.75 -6.98 8.36
C GLU A 13 -2.77 -6.48 9.42
N VAL A 14 -2.53 -5.17 9.42
CA VAL A 14 -1.62 -4.56 10.39
C VAL A 14 -2.11 -3.19 10.83
N GLY A 15 -1.95 -2.89 12.11
CA GLY A 15 -2.39 -1.62 12.64
C GLY A 15 -1.55 -1.16 13.82
N ARG A 16 -2.02 -0.12 14.51
CA ARG A 16 -1.30 0.42 15.66
C ARG A 16 -1.04 -0.67 16.69
N ASP A 17 -2.03 -1.55 16.88
CA ASP A 17 -1.91 -2.63 17.84
C ASP A 17 -0.86 -3.65 17.39
N ASP A 18 -0.52 -3.61 16.10
CA ASP A 18 0.47 -4.52 15.54
C ASP A 18 1.86 -3.88 15.53
N GLY A 19 1.91 -2.59 15.21
CA GLY A 19 3.18 -1.88 15.17
C GLY A 19 3.33 -1.06 13.91
N VAL A 20 2.23 -0.52 13.41
CA VAL A 20 2.26 0.30 12.21
C VAL A 20 1.43 1.56 12.37
N GLU A 21 1.82 2.62 11.68
CA GLU A 21 1.11 3.90 11.76
C GLU A 21 0.76 4.40 10.36
N VAL A 22 0.23 5.62 10.31
CA VAL A 22 -0.15 6.22 9.03
C VAL A 22 1.06 6.71 8.26
N ARG A 23 2.09 7.14 8.99
CA ARG A 23 3.31 7.63 8.37
C ARG A 23 4.29 6.50 8.13
N HIS A 24 3.92 5.29 8.54
CA HIS A 24 4.76 4.12 8.36
C HIS A 24 4.58 3.52 6.97
N ILE A 25 3.34 3.16 6.63
CA ILE A 25 3.04 2.59 5.34
C ILE A 25 3.18 3.62 4.22
N VAL A 26 3.01 4.89 4.59
CA VAL A 26 3.11 5.99 3.62
C VAL A 26 4.56 6.33 3.34
N GLY A 27 5.29 6.69 4.40
CA GLY A 27 6.69 7.03 4.24
C GLY A 27 7.52 5.90 3.64
N ALA A 28 7.00 4.69 3.76
CA ALA A 28 7.69 3.51 3.23
C ALA A 28 7.59 3.46 1.70
N ILE A 29 6.36 3.38 1.21
CA ILE A 29 6.12 3.31 -0.23
C ILE A 29 6.47 4.64 -0.91
N ALA A 30 6.30 5.73 -0.18
CA ALA A 30 6.60 7.05 -0.70
C ALA A 30 8.12 7.24 -0.86
N ASN A 31 8.89 6.50 -0.09
CA ASN A 31 10.34 6.59 -0.15
C ASN A 31 10.92 5.51 -1.06
N GLU A 32 10.18 4.41 -1.21
CA GLU A 32 10.61 3.31 -2.06
C GLU A 32 10.66 3.73 -3.52
N GLY A 33 9.65 4.50 -3.94
CA GLY A 33 9.59 4.96 -5.31
C GLY A 33 9.44 6.46 -5.42
N ASP A 34 8.69 6.91 -6.40
CA ASP A 34 8.47 8.34 -6.61
C ASP A 34 7.22 8.82 -5.89
N ILE A 35 6.40 7.86 -5.44
CA ILE A 35 5.17 8.18 -4.73
C ILE A 35 5.44 9.14 -3.58
N SER A 36 4.50 10.06 -3.35
CA SER A 36 4.63 11.04 -2.28
C SER A 36 3.54 10.85 -1.23
N SER A 37 3.72 11.47 -0.07
CA SER A 37 2.75 11.37 1.01
C SER A 37 1.42 11.99 0.62
N ARG A 38 1.47 12.93 -0.32
CA ARG A 38 0.28 13.61 -0.79
C ARG A 38 -0.30 12.92 -2.02
N TYR A 39 0.58 12.35 -2.83
CA TYR A 39 0.16 11.66 -4.05
C TYR A 39 -0.74 10.48 -3.71
N ILE A 40 -0.40 9.75 -2.65
CA ILE A 40 -1.19 8.60 -2.22
C ILE A 40 -2.65 8.97 -2.07
N GLY A 41 -3.54 8.04 -2.41
CA GLY A 41 -4.96 8.27 -2.30
C GLY A 41 -5.43 8.29 -0.86
N ASN A 42 -6.37 7.41 -0.54
CA ASN A 42 -6.91 7.32 0.81
C ASN A 42 -6.16 6.29 1.64
N ILE A 43 -5.63 6.72 2.78
CA ILE A 43 -4.89 5.83 3.67
C ILE A 43 -5.57 5.71 5.03
N LYS A 44 -5.83 4.47 5.44
CA LYS A 44 -6.48 4.22 6.73
C LYS A 44 -5.51 3.54 7.70
N LEU A 45 -5.75 3.72 8.98
CA LEU A 45 -4.91 3.12 10.01
C LEU A 45 -5.74 2.66 11.21
N PHE A 46 -6.17 1.41 11.18
CA PHE A 46 -6.97 0.86 12.27
C PHE A 46 -6.09 0.19 13.32
N ALA A 47 -6.71 -0.55 14.22
CA ALA A 47 -5.97 -1.24 15.28
C ALA A 47 -5.07 -2.32 14.71
N SER A 48 -5.61 -3.11 13.79
CA SER A 48 -4.85 -4.19 13.15
C SER A 48 -5.10 -4.22 11.65
N HIS A 49 -5.32 -3.05 11.06
CA HIS A 49 -5.56 -2.94 9.64
C HIS A 49 -5.17 -1.57 9.11
N SER A 50 -5.02 -1.46 7.79
CA SER A 50 -4.64 -0.20 7.17
C SER A 50 -4.84 -0.25 5.66
N THR A 51 -5.47 0.78 5.12
CA THR A 51 -5.74 0.85 3.68
C THR A 51 -4.83 1.87 3.01
N ILE A 52 -4.77 1.82 1.68
CA ILE A 52 -3.95 2.73 0.91
C ILE A 52 -4.16 2.55 -0.58
N GLU A 53 -4.14 3.66 -1.32
CA GLU A 53 -4.33 3.63 -2.76
C GLU A 53 -3.12 4.23 -3.49
N LEU A 54 -2.56 3.46 -4.41
CA LEU A 54 -1.41 3.91 -5.18
C LEU A 54 -1.79 4.19 -6.63
N PRO A 55 -1.47 5.40 -7.10
CA PRO A 55 -1.77 5.82 -8.48
C PRO A 55 -0.91 5.09 -9.50
N LYS A 56 0.04 4.30 -9.02
CA LYS A 56 0.92 3.54 -9.90
C LYS A 56 0.12 2.82 -10.98
N GLY A 57 0.75 2.61 -12.14
CA GLY A 57 0.07 1.93 -13.23
C GLY A 57 0.92 0.83 -13.83
N MET A 58 1.48 -0.02 -12.98
CA MET A 58 2.32 -1.12 -13.44
C MET A 58 2.75 -1.99 -12.27
N PRO A 59 1.80 -2.76 -11.72
CA PRO A 59 2.06 -3.65 -10.58
C PRO A 59 2.92 -4.85 -10.98
N GLY A 60 3.02 -5.82 -10.08
CA GLY A 60 3.81 -7.01 -10.35
C GLY A 60 5.26 -6.85 -9.95
N GLU A 61 5.62 -5.64 -9.50
CA GLU A 61 6.98 -5.36 -9.09
C GLU A 61 7.24 -5.89 -7.68
N VAL A 62 6.40 -5.47 -6.73
CA VAL A 62 6.55 -5.89 -5.35
C VAL A 62 6.03 -7.31 -5.15
N LEU A 63 4.98 -7.66 -5.88
CA LEU A 63 4.39 -8.99 -5.79
C LEU A 63 5.37 -10.05 -6.28
N GLN A 64 6.33 -9.64 -7.10
CA GLN A 64 7.33 -10.55 -7.64
C GLN A 64 8.46 -10.76 -6.65
N HIS A 65 9.13 -9.68 -6.28
CA HIS A 65 10.24 -9.74 -5.34
C HIS A 65 9.74 -10.08 -3.94
N PHE A 66 8.80 -9.29 -3.44
CA PHE A 66 8.25 -9.51 -2.11
C PHE A 66 7.07 -10.47 -2.16
N THR A 67 7.24 -11.56 -2.89
CA THR A 67 6.18 -12.57 -3.04
C THR A 67 6.10 -13.45 -1.80
N ARG A 68 7.24 -13.66 -1.15
CA ARG A 68 7.29 -14.49 0.05
C ARG A 68 7.75 -13.68 1.26
N THR A 69 8.44 -12.57 0.98
CA THR A 69 8.94 -11.70 2.04
C THR A 69 8.12 -10.42 2.14
N ARG A 70 7.54 -10.18 3.30
CA ARG A 70 6.73 -8.98 3.51
C ARG A 70 6.81 -8.52 4.97
N ILE A 71 6.15 -7.41 5.27
CA ILE A 71 6.14 -6.88 6.63
C ILE A 71 5.07 -5.80 6.78
N LEU A 72 4.99 -5.21 7.98
CA LEU A 72 4.02 -4.17 8.25
C LEU A 72 3.82 -3.27 7.03
N ASN A 73 4.91 -2.93 6.37
CA ASN A 73 4.85 -2.08 5.19
C ASN A 73 4.38 -2.87 3.97
N LYS A 74 5.15 -3.89 3.59
CA LYS A 74 4.81 -4.73 2.44
C LYS A 74 3.49 -5.45 2.68
N PRO A 75 2.89 -5.96 1.58
CA PRO A 75 1.62 -6.69 1.65
C PRO A 75 1.77 -8.05 2.33
N MET A 76 1.85 -8.04 3.66
CA MET A 76 1.98 -9.26 4.43
C MET A 76 0.73 -10.12 4.31
N ASN A 77 -0.43 -9.52 4.57
CA ASN A 77 -1.70 -10.23 4.49
C ASN A 77 -2.84 -9.28 4.12
N MET A 78 -2.76 -8.73 2.91
CA MET A 78 -3.78 -7.80 2.43
C MET A 78 -4.68 -8.47 1.39
N GLN A 79 -5.72 -7.76 0.98
CA GLN A 79 -6.65 -8.29 -0.02
C GLN A 79 -7.21 -7.17 -0.88
N LEU A 80 -7.34 -7.43 -2.18
CA LEU A 80 -7.86 -6.44 -3.11
C LEU A 80 -9.37 -6.29 -2.96
N LEU A 81 -9.80 -5.07 -2.63
CA LEU A 81 -11.23 -4.79 -2.45
C LEU A 81 -11.72 -3.80 -3.49
N GLY A 82 -10.83 -2.92 -3.95
CA GLY A 82 -11.19 -1.94 -4.95
C GLY A 82 -11.20 -2.51 -6.35
N ASP A 83 -11.04 -1.64 -7.34
CA ASP A 83 -11.02 -2.06 -8.73
C ASP A 83 -10.52 -0.95 -9.64
N ALA A 84 -9.51 -1.26 -10.44
CA ALA A 84 -8.93 -0.27 -11.36
C ALA A 84 -10.02 0.39 -12.20
N GLN A 85 -10.02 1.72 -12.20
CA GLN A 85 -11.01 2.48 -12.97
C GLN A 85 -11.06 2.01 -14.42
N MET A 1 2.43 10.11 -11.91
CA MET A 1 2.37 9.74 -13.32
C MET A 1 2.35 8.23 -13.49
N ALA A 2 1.19 7.70 -13.88
CA ALA A 2 1.03 6.26 -14.08
C ALA A 2 1.10 5.90 -15.55
N ASP A 3 0.91 4.62 -15.86
CA ASP A 3 0.94 4.15 -17.24
C ASP A 3 -0.46 3.92 -17.77
N VAL A 4 -1.37 3.53 -16.88
CA VAL A 4 -2.76 3.28 -17.26
C VAL A 4 -3.72 3.93 -16.27
N GLY A 5 -3.38 3.87 -14.99
CA GLY A 5 -4.24 4.45 -13.97
C GLY A 5 -4.70 3.44 -12.94
N ASP A 6 -3.91 2.38 -12.76
CA ASP A 6 -4.25 1.35 -11.80
C ASP A 6 -4.58 1.95 -10.43
N MET A 7 -5.87 2.00 -10.12
CA MET A 7 -6.31 2.56 -8.85
C MET A 7 -7.19 1.56 -8.10
N GLN A 8 -6.75 1.17 -6.91
CA GLN A 8 -7.49 0.21 -6.09
C GLN A 8 -7.20 0.42 -4.61
N LEU A 9 -7.92 -0.31 -3.77
CA LEU A 9 -7.75 -0.20 -2.33
C LEU A 9 -7.20 -1.51 -1.74
N TYR A 10 -5.96 -1.47 -1.28
CA TYR A 10 -5.33 -2.65 -0.70
C TYR A 10 -5.24 -2.54 0.82
N ARG A 11 -5.99 -3.38 1.52
CA ARG A 11 -6.01 -3.37 2.97
C ARG A 11 -5.12 -4.49 3.53
N ILE A 12 -4.26 -4.13 4.47
CA ILE A 12 -3.35 -5.10 5.09
C ILE A 12 -3.84 -5.49 6.49
N GLU A 13 -3.27 -6.56 7.02
CA GLU A 13 -3.65 -7.04 8.35
C GLU A 13 -2.67 -6.51 9.40
N VAL A 14 -2.46 -5.20 9.40
CA VAL A 14 -1.55 -4.57 10.35
C VAL A 14 -2.08 -3.21 10.78
N GLY A 15 -1.91 -2.90 12.07
CA GLY A 15 -2.36 -1.62 12.60
C GLY A 15 -1.53 -1.14 13.76
N ARG A 16 -2.01 -0.11 14.44
CA ARG A 16 -1.31 0.46 15.59
C ARG A 16 -1.04 -0.62 16.64
N ASP A 17 -1.99 -1.54 16.80
CA ASP A 17 -1.85 -2.62 17.77
C ASP A 17 -0.79 -3.62 17.32
N ASP A 18 -0.44 -3.58 16.04
CA ASP A 18 0.56 -4.48 15.48
C ASP A 18 1.92 -3.83 15.46
N GLY A 19 1.96 -2.54 15.12
CA GLY A 19 3.21 -1.82 15.06
C GLY A 19 3.36 -1.00 13.80
N VAL A 20 2.24 -0.45 13.32
CA VAL A 20 2.25 0.36 12.10
C VAL A 20 1.39 1.61 12.27
N GLU A 21 1.76 2.67 11.58
CA GLU A 21 1.04 3.93 11.66
C GLU A 21 0.66 4.43 10.26
N VAL A 22 0.11 5.64 10.19
CA VAL A 22 -0.29 6.23 8.93
C VAL A 22 0.91 6.75 8.16
N ARG A 23 1.91 7.22 8.90
CA ARG A 23 3.13 7.74 8.28
C ARG A 23 4.15 6.63 8.05
N HIS A 24 3.79 5.42 8.45
CA HIS A 24 4.68 4.27 8.28
C HIS A 24 4.54 3.68 6.89
N ILE A 25 3.31 3.28 6.54
CA ILE A 25 3.05 2.70 5.23
C ILE A 25 3.13 3.74 4.13
N VAL A 26 2.91 5.00 4.50
CA VAL A 26 2.97 6.10 3.54
C VAL A 26 4.40 6.51 3.27
N GLY A 27 5.11 6.91 4.32
CA GLY A 27 6.49 7.32 4.17
C GLY A 27 7.36 6.24 3.59
N ALA A 28 6.91 5.00 3.70
CA ALA A 28 7.66 3.86 3.18
C ALA A 28 7.53 3.77 1.66
N ILE A 29 6.29 3.59 1.19
CA ILE A 29 6.03 3.50 -0.24
C ILE A 29 6.34 4.80 -0.96
N ALA A 30 6.14 5.91 -0.25
CA ALA A 30 6.41 7.23 -0.82
C ALA A 30 7.90 7.48 -0.97
N ASN A 31 8.68 6.93 -0.03
CA ASN A 31 10.14 7.10 -0.06
C ASN A 31 10.80 5.91 -0.76
N GLU A 32 9.98 5.03 -1.31
CA GLU A 32 10.50 3.84 -2.00
C GLU A 32 10.63 4.12 -3.50
N GLY A 33 9.66 4.83 -4.05
CA GLY A 33 9.67 5.14 -5.47
C GLY A 33 9.42 6.62 -5.74
N ASP A 34 8.44 6.90 -6.58
CA ASP A 34 8.09 8.27 -6.93
C ASP A 34 6.91 8.75 -6.11
N ILE A 35 6.03 7.82 -5.73
CA ILE A 35 4.86 8.16 -4.95
C ILE A 35 5.21 9.10 -3.79
N SER A 36 4.28 9.98 -3.45
CA SER A 36 4.49 10.93 -2.37
C SER A 36 3.41 10.80 -1.30
N SER A 37 3.62 11.45 -0.17
CA SER A 37 2.66 11.41 0.92
C SER A 37 1.32 12.03 0.51
N ARG A 38 1.37 12.91 -0.47
CA ARG A 38 0.18 13.58 -0.96
C ARG A 38 -0.38 12.86 -2.19
N TYR A 39 0.52 12.33 -3.02
CA TYR A 39 0.12 11.62 -4.23
C TYR A 39 -0.79 10.43 -3.89
N ILE A 40 -0.54 9.83 -2.74
CA ILE A 40 -1.32 8.68 -2.30
C ILE A 40 -2.79 9.05 -2.11
N GLY A 41 -3.68 8.13 -2.44
CA GLY A 41 -5.10 8.39 -2.30
C GLY A 41 -5.56 8.37 -0.85
N ASN A 42 -6.50 7.50 -0.53
CA ASN A 42 -7.01 7.39 0.83
C ASN A 42 -6.26 6.32 1.61
N ILE A 43 -5.74 6.70 2.78
CA ILE A 43 -5.00 5.78 3.62
C ILE A 43 -5.68 5.60 4.97
N LYS A 44 -5.95 4.37 5.35
CA LYS A 44 -6.59 4.07 6.62
C LYS A 44 -5.61 3.41 7.59
N LEU A 45 -5.85 3.61 8.88
CA LEU A 45 -4.98 3.04 9.90
C LEU A 45 -5.80 2.59 11.11
N PHE A 46 -6.20 1.32 11.10
CA PHE A 46 -6.99 0.75 12.20
C PHE A 46 -6.09 0.13 13.25
N ALA A 47 -6.69 -0.64 14.16
CA ALA A 47 -5.93 -1.29 15.23
C ALA A 47 -5.04 -2.39 14.66
N SER A 48 -5.58 -3.17 13.73
CA SER A 48 -4.84 -4.26 13.13
C SER A 48 -5.08 -4.31 11.62
N HIS A 49 -5.28 -3.13 11.02
CA HIS A 49 -5.52 -3.04 9.58
C HIS A 49 -5.14 -1.66 9.06
N SER A 50 -4.99 -1.55 7.74
CA SER A 50 -4.64 -0.28 7.11
C SER A 50 -4.83 -0.35 5.60
N THR A 51 -5.46 0.69 5.05
CA THR A 51 -5.72 0.75 3.62
C THR A 51 -4.87 1.83 2.95
N ILE A 52 -4.80 1.79 1.62
CA ILE A 52 -4.03 2.76 0.87
C ILE A 52 -4.28 2.63 -0.62
N GLU A 53 -4.30 3.76 -1.32
CA GLU A 53 -4.53 3.77 -2.76
C GLU A 53 -3.37 4.41 -3.50
N LEU A 54 -2.77 3.66 -4.42
CA LEU A 54 -1.63 4.16 -5.19
C LEU A 54 -2.04 4.43 -6.63
N PRO A 55 -1.72 5.65 -7.11
CA PRO A 55 -2.04 6.07 -8.48
C PRO A 55 -1.22 5.32 -9.53
N LYS A 56 -0.27 4.52 -9.06
CA LYS A 56 0.59 3.75 -9.95
C LYS A 56 -0.24 3.06 -11.04
N GLY A 57 0.37 2.86 -12.20
CA GLY A 57 -0.31 2.21 -13.30
C GLY A 57 0.50 1.08 -13.90
N MET A 58 1.11 0.28 -13.04
CA MET A 58 1.91 -0.85 -13.49
C MET A 58 2.43 -1.66 -12.31
N PRO A 59 1.52 -2.33 -11.60
CA PRO A 59 1.85 -3.15 -10.43
C PRO A 59 2.62 -4.42 -10.81
N GLY A 60 2.88 -5.27 -9.83
CA GLY A 60 3.60 -6.50 -10.08
C GLY A 60 5.08 -6.38 -9.80
N GLU A 61 5.49 -5.22 -9.29
CA GLU A 61 6.90 -4.98 -8.98
C GLU A 61 7.27 -5.61 -7.64
N VAL A 62 6.54 -5.26 -6.60
CA VAL A 62 6.80 -5.79 -5.27
C VAL A 62 6.20 -7.18 -5.10
N LEU A 63 5.06 -7.40 -5.76
CA LEU A 63 4.38 -8.68 -5.69
C LEU A 63 5.23 -9.79 -6.31
N GLN A 64 6.15 -9.40 -7.19
CA GLN A 64 7.02 -10.35 -7.86
C GLN A 64 8.22 -10.71 -6.99
N HIS A 65 8.99 -9.68 -6.63
CA HIS A 65 10.18 -9.88 -5.79
C HIS A 65 9.78 -10.27 -4.37
N PHE A 66 8.94 -9.44 -3.75
CA PHE A 66 8.48 -9.69 -2.39
C PHE A 66 7.23 -10.57 -2.39
N THR A 67 7.27 -11.63 -3.19
CA THR A 67 6.14 -12.56 -3.29
C THR A 67 6.12 -13.53 -2.11
N ARG A 68 7.30 -13.74 -1.51
CA ARG A 68 7.42 -14.65 -0.37
C ARG A 68 7.78 -13.89 0.90
N THR A 69 8.36 -12.71 0.72
CA THR A 69 8.77 -11.88 1.85
C THR A 69 7.97 -10.58 1.90
N ARG A 70 7.54 -10.20 3.09
CA ARG A 70 6.76 -8.98 3.28
C ARG A 70 6.88 -8.47 4.71
N ILE A 71 6.26 -7.32 4.97
CA ILE A 71 6.29 -6.73 6.31
C ILE A 71 5.20 -5.67 6.46
N LEU A 72 5.14 -5.06 7.64
CA LEU A 72 4.15 -4.02 7.91
C LEU A 72 3.89 -3.17 6.67
N ASN A 73 4.97 -2.81 5.98
CA ASN A 73 4.87 -1.99 4.77
C ASN A 73 4.38 -2.83 3.59
N LYS A 74 5.17 -3.83 3.22
CA LYS A 74 4.81 -4.70 2.11
C LYS A 74 3.51 -5.45 2.39
N PRO A 75 2.91 -6.00 1.33
CA PRO A 75 1.66 -6.76 1.45
C PRO A 75 1.84 -8.09 2.16
N MET A 76 1.92 -8.05 3.49
CA MET A 76 2.09 -9.25 4.29
C MET A 76 0.88 -10.16 4.15
N ASN A 77 -0.28 -9.65 4.53
CA ASN A 77 -1.52 -10.43 4.46
C ASN A 77 -2.69 -9.55 4.01
N MET A 78 -2.48 -8.82 2.92
CA MET A 78 -3.52 -7.95 2.39
C MET A 78 -4.33 -8.66 1.31
N GLN A 79 -5.31 -7.96 0.76
CA GLN A 79 -6.16 -8.52 -0.28
C GLN A 79 -6.86 -7.43 -1.07
N LEU A 80 -6.84 -7.55 -2.40
CA LEU A 80 -7.47 -6.56 -3.27
C LEU A 80 -8.96 -6.46 -2.99
N LEU A 81 -9.42 -5.27 -2.63
CA LEU A 81 -10.83 -5.04 -2.34
C LEU A 81 -11.45 -4.05 -3.32
N GLY A 82 -10.59 -3.22 -3.91
CA GLY A 82 -11.07 -2.23 -4.87
C GLY A 82 -11.15 -2.79 -6.28
N ASP A 83 -10.96 -1.91 -7.27
CA ASP A 83 -11.00 -2.32 -8.66
C ASP A 83 -10.57 -1.18 -9.58
N ALA A 84 -9.53 -1.43 -10.38
CA ALA A 84 -9.02 -0.42 -11.30
C ALA A 84 -10.12 0.06 -12.24
N GLN A 85 -10.38 1.36 -12.22
CA GLN A 85 -11.41 1.95 -13.08
C GLN A 85 -11.15 1.61 -14.54
N MET A 1 1.27 9.98 -14.10
CA MET A 1 2.60 9.40 -14.27
C MET A 1 2.51 7.89 -14.50
N ALA A 2 1.45 7.28 -13.98
CA ALA A 2 1.24 5.85 -14.13
C ALA A 2 1.20 5.45 -15.59
N ASP A 3 1.00 4.16 -15.85
CA ASP A 3 0.93 3.65 -17.21
C ASP A 3 -0.52 3.55 -17.69
N VAL A 4 -1.40 3.16 -16.78
CA VAL A 4 -2.83 3.03 -17.11
C VAL A 4 -3.69 3.75 -16.09
N GLY A 5 -3.31 3.66 -14.82
CA GLY A 5 -4.06 4.32 -13.76
C GLY A 5 -4.58 3.34 -12.72
N ASP A 6 -3.85 2.24 -12.54
CA ASP A 6 -4.24 1.22 -11.58
C ASP A 6 -4.49 1.84 -10.21
N MET A 7 -5.76 1.99 -9.86
CA MET A 7 -6.14 2.56 -8.58
C MET A 7 -7.09 1.65 -7.83
N GLN A 8 -6.69 1.22 -6.64
CA GLN A 8 -7.51 0.33 -5.82
C GLN A 8 -7.21 0.54 -4.34
N LEU A 9 -7.98 -0.14 -3.49
CA LEU A 9 -7.80 -0.03 -2.05
C LEU A 9 -7.31 -1.36 -1.46
N TYR A 10 -6.05 -1.39 -1.05
CA TYR A 10 -5.46 -2.58 -0.47
C TYR A 10 -5.36 -2.47 1.05
N ARG A 11 -6.10 -3.33 1.76
CA ARG A 11 -6.09 -3.31 3.21
C ARG A 11 -5.20 -4.43 3.76
N ILE A 12 -4.32 -4.07 4.70
CA ILE A 12 -3.41 -5.03 5.29
C ILE A 12 -3.92 -5.49 6.66
N GLU A 13 -3.28 -6.52 7.21
CA GLU A 13 -3.67 -7.05 8.51
C GLU A 13 -2.74 -6.54 9.60
N VAL A 14 -2.40 -5.25 9.54
CA VAL A 14 -1.53 -4.63 10.53
C VAL A 14 -1.97 -3.20 10.83
N GLY A 15 -2.03 -2.88 12.12
CA GLY A 15 -2.44 -1.54 12.53
C GLY A 15 -1.63 -1.02 13.70
N ARG A 16 -2.10 0.05 14.32
CA ARG A 16 -1.42 0.65 15.46
C ARG A 16 -1.17 -0.38 16.55
N ASP A 17 -2.11 -1.30 16.72
CA ASP A 17 -2.00 -2.35 17.71
C ASP A 17 -0.80 -3.26 17.42
N ASP A 18 -0.38 -3.28 16.16
CA ASP A 18 0.75 -4.10 15.74
C ASP A 18 2.04 -3.29 15.78
N GLY A 19 1.96 -2.05 15.32
CA GLY A 19 3.13 -1.20 15.30
C GLY A 19 3.25 -0.41 14.01
N VAL A 20 2.12 -0.03 13.44
CA VAL A 20 2.10 0.73 12.19
C VAL A 20 1.21 1.96 12.32
N GLU A 21 1.59 3.04 11.64
CA GLU A 21 0.83 4.28 11.68
C GLU A 21 0.49 4.75 10.26
N VAL A 22 -0.03 5.96 10.16
CA VAL A 22 -0.41 6.53 8.86
C VAL A 22 0.82 7.01 8.10
N ARG A 23 1.83 7.45 8.84
CA ARG A 23 3.07 7.94 8.24
C ARG A 23 4.06 6.79 8.01
N HIS A 24 3.67 5.59 8.44
CA HIS A 24 4.52 4.43 8.28
C HIS A 24 4.34 3.80 6.89
N ILE A 25 3.10 3.44 6.57
CA ILE A 25 2.80 2.84 5.28
C ILE A 25 2.92 3.86 4.15
N VAL A 26 2.74 5.14 4.49
CA VAL A 26 2.83 6.21 3.52
C VAL A 26 4.29 6.57 3.23
N GLY A 27 5.02 6.95 4.28
CA GLY A 27 6.41 7.31 4.12
C GLY A 27 7.25 6.16 3.60
N ALA A 28 6.76 4.94 3.78
CA ALA A 28 7.48 3.75 3.33
C ALA A 28 7.40 3.61 1.81
N ILE A 29 6.19 3.58 1.28
CA ILE A 29 5.99 3.44 -0.16
C ILE A 29 6.34 4.74 -0.88
N ALA A 30 6.25 5.86 -0.16
CA ALA A 30 6.55 7.17 -0.73
C ALA A 30 8.07 7.38 -0.81
N ASN A 31 8.81 6.69 0.04
CA ASN A 31 10.26 6.81 0.06
C ASN A 31 10.90 5.76 -0.84
N GLU A 32 10.21 4.65 -1.04
CA GLU A 32 10.71 3.56 -1.86
C GLU A 32 10.75 3.99 -3.33
N GLY A 33 9.69 4.66 -3.79
CA GLY A 33 9.64 5.11 -5.16
C GLY A 33 9.46 6.61 -5.28
N ASP A 34 8.77 7.04 -6.32
CA ASP A 34 8.52 8.47 -6.55
C ASP A 34 7.24 8.92 -5.86
N ILE A 35 6.43 7.95 -5.44
CA ILE A 35 5.17 8.24 -4.78
C ILE A 35 5.37 9.22 -3.62
N SER A 36 4.41 10.12 -3.44
CA SER A 36 4.49 11.11 -2.38
C SER A 36 3.36 10.90 -1.36
N SER A 37 3.50 11.54 -0.20
CA SER A 37 2.49 11.43 0.85
C SER A 37 1.15 12.00 0.39
N ARG A 38 1.21 12.90 -0.57
CA ARG A 38 0.00 13.53 -1.10
C ARG A 38 -0.52 12.77 -2.32
N TYR A 39 0.40 12.24 -3.12
CA TYR A 39 0.04 11.49 -4.32
C TYR A 39 -0.87 10.31 -3.97
N ILE A 40 -0.56 9.64 -2.87
CA ILE A 40 -1.36 8.49 -2.44
C ILE A 40 -2.83 8.86 -2.31
N GLY A 41 -3.70 7.91 -2.66
CA GLY A 41 -5.13 8.16 -2.58
C GLY A 41 -5.63 8.19 -1.15
N ASN A 42 -6.56 7.30 -0.84
CA ASN A 42 -7.13 7.22 0.51
C ASN A 42 -6.38 6.21 1.36
N ILE A 43 -5.91 6.66 2.53
CA ILE A 43 -5.17 5.80 3.44
C ILE A 43 -5.87 5.70 4.80
N LYS A 44 -6.13 4.48 5.24
CA LYS A 44 -6.80 4.26 6.52
C LYS A 44 -5.85 3.56 7.50
N LEU A 45 -5.95 3.94 8.77
CA LEU A 45 -5.11 3.35 9.80
C LEU A 45 -5.96 2.82 10.95
N PHE A 46 -6.25 1.52 10.91
CA PHE A 46 -7.06 0.88 11.95
C PHE A 46 -6.16 0.33 13.06
N ALA A 47 -6.75 -0.48 13.92
CA ALA A 47 -6.02 -1.09 15.03
C ALA A 47 -5.12 -2.22 14.55
N SER A 48 -5.66 -3.07 13.68
CA SER A 48 -4.91 -4.19 13.15
C SER A 48 -5.03 -4.26 11.63
N HIS A 49 -5.37 -3.12 11.02
CA HIS A 49 -5.53 -3.06 9.58
C HIS A 49 -5.26 -1.63 9.08
N SER A 50 -5.03 -1.50 7.77
CA SER A 50 -4.76 -0.21 7.17
C SER A 50 -4.92 -0.27 5.66
N THR A 51 -5.64 0.70 5.10
CA THR A 51 -5.87 0.76 3.67
C THR A 51 -4.98 1.80 3.00
N ILE A 52 -4.88 1.74 1.68
CA ILE A 52 -4.06 2.69 0.93
C ILE A 52 -4.24 2.49 -0.57
N GLU A 53 -4.29 3.61 -1.30
CA GLU A 53 -4.46 3.56 -2.76
C GLU A 53 -3.26 4.19 -3.45
N LEU A 54 -2.66 3.44 -4.38
CA LEU A 54 -1.50 3.93 -5.12
C LEU A 54 -1.87 4.22 -6.57
N PRO A 55 -1.46 5.40 -7.07
CA PRO A 55 -1.74 5.82 -8.45
C PRO A 55 -0.95 5.00 -9.47
N LYS A 56 -0.07 4.14 -8.98
CA LYS A 56 0.75 3.30 -9.85
C LYS A 56 -0.11 2.64 -10.92
N GLY A 57 0.47 2.47 -12.11
CA GLY A 57 -0.26 1.86 -13.21
C GLY A 57 0.49 0.68 -13.81
N MET A 58 1.07 -0.15 -12.96
CA MET A 58 1.82 -1.31 -13.40
C MET A 58 2.32 -2.13 -12.21
N PRO A 59 1.38 -2.74 -11.48
CA PRO A 59 1.70 -3.56 -10.31
C PRO A 59 2.39 -4.87 -10.70
N GLY A 60 2.75 -5.66 -9.68
CA GLY A 60 3.41 -6.92 -9.94
C GLY A 60 4.92 -6.81 -9.86
N GLU A 61 5.41 -5.68 -9.37
CA GLU A 61 6.84 -5.45 -9.25
C GLU A 61 7.41 -6.14 -8.01
N VAL A 62 6.87 -5.76 -6.85
CA VAL A 62 7.32 -6.34 -5.58
C VAL A 62 6.63 -7.67 -5.32
N LEU A 63 5.39 -7.80 -5.77
CA LEU A 63 4.63 -9.03 -5.59
C LEU A 63 5.27 -10.19 -6.34
N GLN A 64 6.06 -9.86 -7.36
CA GLN A 64 6.73 -10.87 -8.17
C GLN A 64 8.01 -11.34 -7.50
N HIS A 65 8.93 -10.41 -7.26
CA HIS A 65 10.21 -10.72 -6.63
C HIS A 65 10.00 -11.07 -5.16
N PHE A 66 9.39 -10.15 -4.42
CA PHE A 66 9.14 -10.35 -2.99
C PHE A 66 7.77 -10.97 -2.77
N THR A 67 7.42 -11.97 -3.58
CA THR A 67 6.14 -12.64 -3.47
C THR A 67 5.98 -13.32 -2.12
N ARG A 68 7.11 -13.58 -1.47
CA ARG A 68 7.10 -14.24 -0.16
C ARG A 68 7.62 -13.29 0.92
N THR A 69 8.36 -12.27 0.50
CA THR A 69 8.92 -11.29 1.43
C THR A 69 8.02 -10.07 1.56
N ARG A 70 7.58 -9.79 2.78
CA ARG A 70 6.71 -8.65 3.04
C ARG A 70 6.85 -8.17 4.48
N ILE A 71 6.15 -7.09 4.80
CA ILE A 71 6.18 -6.53 6.15
C ILE A 71 5.08 -5.50 6.36
N LEU A 72 5.04 -4.90 7.54
CA LEU A 72 4.05 -3.89 7.87
C LEU A 72 3.74 -3.02 6.65
N ASN A 73 4.79 -2.64 5.91
CA ASN A 73 4.63 -1.81 4.73
C ASN A 73 4.15 -2.64 3.55
N LYS A 74 4.95 -3.62 3.14
CA LYS A 74 4.60 -4.49 2.03
C LYS A 74 3.32 -5.27 2.32
N PRO A 75 2.71 -5.82 1.26
CA PRO A 75 1.48 -6.59 1.37
C PRO A 75 1.69 -7.93 2.07
N MET A 76 1.86 -7.89 3.39
CA MET A 76 2.08 -9.11 4.18
C MET A 76 0.88 -10.03 4.08
N ASN A 77 -0.27 -9.57 4.56
CA ASN A 77 -1.49 -10.36 4.52
C ASN A 77 -2.69 -9.51 4.11
N MET A 78 -2.49 -8.70 3.06
CA MET A 78 -3.55 -7.83 2.56
C MET A 78 -4.37 -8.55 1.50
N GLN A 79 -5.38 -7.85 0.96
CA GLN A 79 -6.23 -8.42 -0.06
C GLN A 79 -6.95 -7.32 -0.85
N LEU A 80 -6.95 -7.45 -2.17
CA LEU A 80 -7.60 -6.47 -3.03
C LEU A 80 -9.09 -6.38 -2.74
N LEU A 81 -9.55 -5.18 -2.39
CA LEU A 81 -10.96 -4.96 -2.08
C LEU A 81 -11.58 -3.98 -3.08
N GLY A 82 -10.76 -3.12 -3.65
CA GLY A 82 -11.24 -2.14 -4.61
C GLY A 82 -11.25 -2.68 -6.02
N ASP A 83 -11.09 -1.79 -6.99
CA ASP A 83 -11.08 -2.18 -8.39
C ASP A 83 -10.64 -1.01 -9.28
N ALA A 84 -9.63 -1.26 -10.12
CA ALA A 84 -9.11 -0.23 -11.01
C ALA A 84 -10.24 0.38 -11.85
N GLN A 85 -10.43 1.69 -11.70
CA GLN A 85 -11.48 2.40 -12.43
C GLN A 85 -11.31 2.20 -13.93
N MET A 1 1.97 9.82 -12.06
CA MET A 1 2.62 9.32 -13.26
C MET A 1 2.53 7.79 -13.34
N ALA A 2 1.46 7.31 -13.96
CA ALA A 2 1.25 5.87 -14.11
C ALA A 2 1.29 5.45 -15.57
N ASP A 3 1.07 4.17 -15.83
CA ASP A 3 1.07 3.64 -17.19
C ASP A 3 -0.34 3.51 -17.74
N VAL A 4 -1.28 3.18 -16.86
CA VAL A 4 -2.68 3.02 -17.25
C VAL A 4 -3.60 3.72 -16.27
N GLY A 5 -3.29 3.63 -14.99
CA GLY A 5 -4.11 4.26 -13.97
C GLY A 5 -4.62 3.28 -12.94
N ASP A 6 -3.88 2.21 -12.72
CA ASP A 6 -4.27 1.18 -11.76
C ASP A 6 -4.59 1.81 -10.41
N MET A 7 -5.88 1.94 -10.11
CA MET A 7 -6.32 2.52 -8.85
C MET A 7 -7.25 1.56 -8.11
N GLN A 8 -6.85 1.15 -6.91
CA GLN A 8 -7.65 0.24 -6.10
C GLN A 8 -7.36 0.44 -4.61
N LEU A 9 -8.12 -0.25 -3.77
CA LEU A 9 -7.94 -0.16 -2.33
C LEU A 9 -7.44 -1.48 -1.75
N TYR A 10 -6.21 -1.46 -1.23
CA TYR A 10 -5.63 -2.66 -0.65
C TYR A 10 -5.45 -2.50 0.86
N ARG A 11 -6.18 -3.31 1.62
CA ARG A 11 -6.11 -3.27 3.07
C ARG A 11 -5.26 -4.42 3.62
N ILE A 12 -4.33 -4.08 4.52
CA ILE A 12 -3.47 -5.10 5.11
C ILE A 12 -3.94 -5.47 6.51
N GLU A 13 -3.32 -6.50 7.08
CA GLU A 13 -3.68 -6.97 8.42
C GLU A 13 -2.70 -6.44 9.46
N VAL A 14 -2.41 -5.15 9.40
CA VAL A 14 -1.48 -4.52 10.33
C VAL A 14 -2.00 -3.16 10.79
N GLY A 15 -1.86 -2.88 12.09
CA GLY A 15 -2.31 -1.61 12.62
C GLY A 15 -1.46 -1.14 13.78
N ARG A 16 -1.93 -0.11 14.48
CA ARG A 16 -1.21 0.44 15.62
C ARG A 16 -0.93 -0.65 16.66
N ASP A 17 -1.85 -1.60 16.78
CA ASP A 17 -1.70 -2.69 17.73
C ASP A 17 -0.65 -3.69 17.25
N ASP A 18 -0.35 -3.65 15.97
CA ASP A 18 0.64 -4.56 15.38
C ASP A 18 2.01 -3.90 15.34
N GLY A 19 2.05 -2.61 15.01
CA GLY A 19 3.30 -1.89 14.93
C GLY A 19 3.42 -1.06 13.67
N VAL A 20 2.30 -0.50 13.22
CA VAL A 20 2.28 0.32 12.03
C VAL A 20 1.43 1.57 12.23
N GLU A 21 1.78 2.65 11.54
CA GLU A 21 1.06 3.90 11.65
C GLU A 21 0.66 4.43 10.27
N VAL A 22 0.09 5.63 10.23
CA VAL A 22 -0.33 6.24 8.98
C VAL A 22 0.86 6.78 8.21
N ARG A 23 1.88 7.25 8.93
CA ARG A 23 3.08 7.79 8.30
C ARG A 23 4.10 6.69 8.04
N HIS A 24 3.76 5.47 8.44
CA HIS A 24 4.65 4.33 8.25
C HIS A 24 4.50 3.75 6.84
N ILE A 25 3.28 3.34 6.52
CA ILE A 25 2.99 2.77 5.21
C ILE A 25 3.06 3.82 4.11
N VAL A 26 2.83 5.08 4.50
CA VAL A 26 2.87 6.19 3.55
C VAL A 26 4.30 6.61 3.26
N GLY A 27 5.03 6.99 4.31
CA GLY A 27 6.41 7.42 4.15
C GLY A 27 7.28 6.32 3.59
N ALA A 28 6.84 5.08 3.72
CA ALA A 28 7.59 3.93 3.23
C ALA A 28 7.52 3.85 1.70
N ILE A 29 6.30 3.78 1.18
CA ILE A 29 6.09 3.68 -0.26
C ILE A 29 6.37 5.02 -0.93
N ALA A 30 6.19 6.10 -0.19
CA ALA A 30 6.42 7.45 -0.72
C ALA A 30 7.91 7.74 -0.83
N ASN A 31 8.70 7.04 -0.02
CA ASN A 31 10.15 7.23 -0.01
C ASN A 31 10.83 6.20 -0.91
N GLU A 32 10.19 5.06 -1.08
CA GLU A 32 10.73 3.98 -1.92
C GLU A 32 10.70 4.38 -3.40
N GLY A 33 9.56 4.87 -3.85
CA GLY A 33 9.42 5.28 -5.23
C GLY A 33 9.23 6.77 -5.38
N ASP A 34 8.50 7.17 -6.43
CA ASP A 34 8.24 8.58 -6.68
C ASP A 34 6.97 9.04 -5.97
N ILE A 35 6.19 8.08 -5.49
CA ILE A 35 4.95 8.39 -4.80
C ILE A 35 5.18 9.40 -3.68
N SER A 36 4.20 10.29 -3.47
CA SER A 36 4.31 11.30 -2.44
C SER A 36 3.21 11.12 -1.39
N SER A 37 3.35 11.82 -0.27
CA SER A 37 2.38 11.74 0.82
C SER A 37 1.02 12.29 0.36
N ARG A 38 1.05 13.17 -0.62
CA ARG A 38 -0.17 13.78 -1.15
C ARG A 38 -0.68 13.00 -2.37
N TYR A 39 0.25 12.41 -3.11
CA TYR A 39 -0.11 11.65 -4.30
C TYR A 39 -0.97 10.44 -3.94
N ILE A 40 -0.70 9.86 -2.78
CA ILE A 40 -1.45 8.70 -2.30
C ILE A 40 -2.92 9.04 -2.11
N GLY A 41 -3.79 8.08 -2.42
CA GLY A 41 -5.22 8.31 -2.27
C GLY A 41 -5.65 8.29 -0.80
N ASN A 42 -6.58 7.39 -0.47
CA ASN A 42 -7.08 7.29 0.89
C ASN A 42 -6.30 6.23 1.67
N ILE A 43 -5.80 6.63 2.84
CA ILE A 43 -5.04 5.71 3.69
C ILE A 43 -5.69 5.57 5.05
N LYS A 44 -5.96 4.32 5.44
CA LYS A 44 -6.58 4.04 6.73
C LYS A 44 -5.59 3.39 7.68
N LEU A 45 -5.83 3.54 8.98
CA LEU A 45 -4.95 2.97 9.99
C LEU A 45 -5.76 2.50 11.20
N PHE A 46 -6.15 1.23 11.19
CA PHE A 46 -6.92 0.65 12.29
C PHE A 46 -6.00 0.04 13.33
N ALA A 47 -6.58 -0.74 14.24
CA ALA A 47 -5.82 -1.39 15.29
C ALA A 47 -4.92 -2.49 14.72
N SER A 48 -5.43 -3.19 13.71
CA SER A 48 -4.67 -4.27 13.09
C SER A 48 -4.92 -4.31 11.59
N HIS A 49 -5.17 -3.14 11.01
CA HIS A 49 -5.43 -3.03 9.57
C HIS A 49 -5.05 -1.65 9.05
N SER A 50 -4.93 -1.52 7.74
CA SER A 50 -4.58 -0.25 7.12
C SER A 50 -4.79 -0.31 5.61
N THR A 51 -5.45 0.73 5.07
CA THR A 51 -5.74 0.80 3.65
C THR A 51 -4.85 1.83 2.97
N ILE A 52 -4.82 1.81 1.64
CA ILE A 52 -4.02 2.75 0.87
C ILE A 52 -4.28 2.60 -0.62
N GLU A 53 -4.27 3.73 -1.33
CA GLU A 53 -4.50 3.72 -2.78
C GLU A 53 -3.36 4.40 -3.52
N LEU A 54 -2.73 3.66 -4.43
CA LEU A 54 -1.62 4.19 -5.22
C LEU A 54 -2.03 4.39 -6.67
N PRO A 55 -1.68 5.57 -7.21
CA PRO A 55 -1.99 5.93 -8.60
C PRO A 55 -1.18 5.11 -9.60
N LYS A 56 -0.25 4.32 -9.09
CA LYS A 56 0.60 3.50 -9.94
C LYS A 56 -0.22 2.80 -11.02
N GLY A 57 0.39 2.57 -12.18
CA GLY A 57 -0.30 1.91 -13.27
C GLY A 57 0.50 0.78 -13.86
N MET A 58 1.08 -0.05 -13.00
CA MET A 58 1.88 -1.19 -13.45
C MET A 58 2.35 -2.02 -12.26
N PRO A 59 1.39 -2.69 -11.60
CA PRO A 59 1.69 -3.55 -10.44
C PRO A 59 2.45 -4.81 -10.82
N GLY A 60 2.59 -5.72 -9.87
CA GLY A 60 3.29 -6.97 -10.13
C GLY A 60 4.79 -6.83 -9.95
N GLU A 61 5.23 -5.64 -9.54
CA GLU A 61 6.65 -5.38 -9.33
C GLU A 61 7.12 -5.92 -7.98
N VAL A 62 6.48 -5.45 -6.91
CA VAL A 62 6.82 -5.89 -5.57
C VAL A 62 6.14 -7.22 -5.23
N LEU A 63 4.96 -7.41 -5.78
CA LEU A 63 4.20 -8.65 -5.53
C LEU A 63 4.92 -9.85 -6.13
N GLN A 64 5.79 -9.60 -7.10
CA GLN A 64 6.54 -10.67 -7.75
C GLN A 64 7.78 -11.03 -6.94
N HIS A 65 8.65 -10.04 -6.74
CA HIS A 65 9.88 -10.25 -5.97
C HIS A 65 9.57 -10.49 -4.50
N PHE A 66 8.84 -9.55 -3.89
CA PHE A 66 8.48 -9.67 -2.48
C PHE A 66 7.18 -10.43 -2.32
N THR A 67 7.06 -11.55 -3.03
CA THR A 67 5.86 -12.38 -2.97
C THR A 67 5.84 -13.21 -1.69
N ARG A 68 7.02 -13.55 -1.19
CA ARG A 68 7.14 -14.35 0.03
C ARG A 68 7.67 -13.50 1.18
N THR A 69 8.36 -12.41 0.84
CA THR A 69 8.93 -11.52 1.84
C THR A 69 8.14 -10.22 1.93
N ARG A 70 7.49 -10.01 3.07
CA ARG A 70 6.70 -8.80 3.28
C ARG A 70 6.79 -8.34 4.74
N ILE A 71 6.14 -7.21 5.04
CA ILE A 71 6.15 -6.67 6.38
C ILE A 71 5.10 -5.57 6.54
N LEU A 72 5.05 -4.96 7.72
CA LEU A 72 4.09 -3.89 7.99
C LEU A 72 3.90 -3.01 6.76
N ASN A 73 5.00 -2.71 6.07
CA ASN A 73 4.95 -1.88 4.88
C ASN A 73 4.48 -2.69 3.67
N LYS A 74 5.26 -3.71 3.30
CA LYS A 74 4.93 -4.56 2.17
C LYS A 74 3.60 -5.27 2.40
N PRO A 75 3.00 -5.78 1.30
CA PRO A 75 1.73 -6.50 1.37
C PRO A 75 1.85 -7.85 2.06
N MET A 76 1.91 -7.83 3.38
CA MET A 76 2.03 -9.05 4.16
C MET A 76 0.78 -9.92 3.99
N ASN A 77 -0.35 -9.43 4.49
CA ASN A 77 -1.60 -10.16 4.39
C ASN A 77 -2.76 -9.22 4.05
N MET A 78 -2.79 -8.77 2.80
CA MET A 78 -3.84 -7.87 2.34
C MET A 78 -4.73 -8.55 1.30
N GLN A 79 -5.79 -7.87 0.90
CA GLN A 79 -6.72 -8.41 -0.08
C GLN A 79 -7.31 -7.30 -0.94
N LEU A 80 -7.28 -7.49 -2.26
CA LEU A 80 -7.80 -6.51 -3.19
C LEU A 80 -9.32 -6.39 -3.06
N LEU A 81 -9.78 -5.21 -2.64
CA LEU A 81 -11.20 -4.97 -2.47
C LEU A 81 -11.72 -3.99 -3.52
N GLY A 82 -10.84 -3.12 -3.99
CA GLY A 82 -11.22 -2.14 -5.00
C GLY A 82 -11.22 -2.73 -6.39
N ASP A 83 -11.08 -1.87 -7.40
CA ASP A 83 -11.05 -2.32 -8.78
C ASP A 83 -10.63 -1.19 -9.71
N ALA A 84 -9.58 -1.42 -10.49
CA ALA A 84 -9.07 -0.43 -11.42
C ALA A 84 -10.19 0.12 -12.30
N GLN A 85 -10.42 1.42 -12.23
CA GLN A 85 -11.47 2.07 -13.01
C GLN A 85 -11.32 1.72 -14.49
N MET A 1 2.19 9.81 -11.97
CA MET A 1 2.59 9.40 -13.32
C MET A 1 2.53 7.87 -13.46
N ALA A 2 1.39 7.37 -13.92
CA ALA A 2 1.22 5.94 -14.11
C ALA A 2 1.20 5.57 -15.59
N ASP A 3 1.00 4.29 -15.87
CA ASP A 3 0.96 3.81 -17.25
C ASP A 3 -0.47 3.65 -17.74
N VAL A 4 -1.36 3.28 -16.82
CA VAL A 4 -2.77 3.09 -17.15
C VAL A 4 -3.67 3.78 -16.13
N GLY A 5 -3.30 3.68 -14.86
CA GLY A 5 -4.08 4.32 -13.82
C GLY A 5 -4.56 3.31 -12.78
N ASP A 6 -3.80 2.24 -12.60
CA ASP A 6 -4.16 1.21 -11.63
C ASP A 6 -4.43 1.81 -10.26
N MET A 7 -5.71 1.93 -9.92
CA MET A 7 -6.11 2.50 -8.64
C MET A 7 -7.05 1.56 -7.89
N GLN A 8 -6.63 1.13 -6.70
CA GLN A 8 -7.43 0.23 -5.89
C GLN A 8 -7.15 0.43 -4.40
N LEU A 9 -7.91 -0.26 -3.56
CA LEU A 9 -7.74 -0.16 -2.12
C LEU A 9 -7.32 -1.49 -1.52
N TYR A 10 -6.07 -1.58 -1.08
CA TYR A 10 -5.55 -2.80 -0.48
C TYR A 10 -5.36 -2.64 1.02
N ARG A 11 -6.11 -3.43 1.78
CA ARG A 11 -6.03 -3.39 3.24
C ARG A 11 -5.16 -4.53 3.78
N ILE A 12 -4.23 -4.19 4.66
CA ILE A 12 -3.34 -5.18 5.25
C ILE A 12 -3.80 -5.56 6.65
N GLU A 13 -3.18 -6.60 7.20
CA GLU A 13 -3.53 -7.07 8.54
C GLU A 13 -2.55 -6.51 9.57
N VAL A 14 -2.31 -5.21 9.53
CA VAL A 14 -1.39 -4.57 10.45
C VAL A 14 -1.91 -3.19 10.86
N GLY A 15 -1.82 -2.89 12.15
CA GLY A 15 -2.28 -1.60 12.65
C GLY A 15 -1.44 -1.09 13.80
N ARG A 16 -1.92 -0.04 14.46
CA ARG A 16 -1.21 0.54 15.60
C ARG A 16 -0.93 -0.51 16.66
N ASP A 17 -1.87 -1.43 16.84
CA ASP A 17 -1.72 -2.50 17.82
C ASP A 17 -0.66 -3.50 17.39
N ASP A 18 -0.34 -3.50 16.10
CA ASP A 18 0.65 -4.42 15.56
C ASP A 18 2.02 -3.75 15.52
N GLY A 19 2.05 -2.48 15.16
CA GLY A 19 3.31 -1.75 15.09
C GLY A 19 3.45 -0.95 13.81
N VAL A 20 2.33 -0.41 13.33
CA VAL A 20 2.33 0.38 12.11
C VAL A 20 1.48 1.65 12.27
N GLU A 21 1.88 2.71 11.59
CA GLU A 21 1.16 3.98 11.65
C GLU A 21 0.77 4.46 10.26
N VAL A 22 0.22 5.67 10.19
CA VAL A 22 -0.21 6.24 8.92
C VAL A 22 0.99 6.75 8.12
N ARG A 23 1.99 7.25 8.82
CA ARG A 23 3.20 7.77 8.19
C ARG A 23 4.23 6.66 7.97
N HIS A 24 3.88 5.46 8.41
CA HIS A 24 4.78 4.31 8.28
C HIS A 24 4.63 3.67 6.90
N ILE A 25 3.41 3.26 6.56
CA ILE A 25 3.14 2.64 5.27
C ILE A 25 3.22 3.66 4.14
N VAL A 26 2.98 4.92 4.48
CA VAL A 26 3.03 5.99 3.50
C VAL A 26 4.47 6.41 3.20
N GLY A 27 5.19 6.81 4.24
CA GLY A 27 6.57 7.24 4.07
C GLY A 27 7.44 6.13 3.50
N ALA A 28 6.98 4.89 3.64
CA ALA A 28 7.73 3.74 3.13
C ALA A 28 7.61 3.63 1.62
N ILE A 29 6.37 3.48 1.14
CA ILE A 29 6.12 3.36 -0.28
C ILE A 29 6.43 4.66 -1.01
N ALA A 30 6.27 5.78 -0.31
CA ALA A 30 6.54 7.09 -0.88
C ALA A 30 8.05 7.32 -1.03
N ASN A 31 8.84 6.62 -0.22
CA ASN A 31 10.28 6.76 -0.26
C ASN A 31 10.91 5.68 -1.14
N GLU A 32 10.21 4.55 -1.27
CA GLU A 32 10.70 3.45 -2.08
C GLU A 32 10.76 3.84 -3.56
N GLY A 33 9.66 4.42 -4.06
CA GLY A 33 9.61 4.82 -5.45
C GLY A 33 9.46 6.32 -5.60
N ASP A 34 8.66 6.75 -6.58
CA ASP A 34 8.44 8.16 -6.83
C ASP A 34 7.18 8.64 -6.12
N ILE A 35 6.36 7.70 -5.67
CA ILE A 35 5.12 8.04 -4.97
C ILE A 35 5.38 9.03 -3.84
N SER A 36 4.43 9.94 -3.64
CA SER A 36 4.55 10.94 -2.59
C SER A 36 3.47 10.76 -1.53
N SER A 37 3.62 11.46 -0.41
CA SER A 37 2.65 11.38 0.68
C SER A 37 1.31 11.99 0.27
N ARG A 38 1.35 12.89 -0.70
CA ARG A 38 0.15 13.55 -1.18
C ARG A 38 -0.43 12.81 -2.40
N TYR A 39 0.44 12.20 -3.17
CA TYR A 39 0.03 11.47 -4.36
C TYR A 39 -0.87 10.29 -3.99
N ILE A 40 -0.52 9.62 -2.88
CA ILE A 40 -1.31 8.48 -2.41
C ILE A 40 -2.78 8.85 -2.23
N GLY A 41 -3.66 7.91 -2.55
CA GLY A 41 -5.08 8.15 -2.42
C GLY A 41 -5.53 8.18 -0.97
N ASN A 42 -6.45 7.29 -0.62
CA ASN A 42 -6.97 7.22 0.74
C ASN A 42 -6.19 6.19 1.56
N ILE A 43 -5.71 6.61 2.73
CA ILE A 43 -4.95 5.72 3.60
C ILE A 43 -5.63 5.59 4.97
N LYS A 44 -5.85 4.35 5.39
CA LYS A 44 -6.49 4.09 6.68
C LYS A 44 -5.51 3.42 7.64
N LEU A 45 -5.73 3.64 8.93
CA LEU A 45 -4.86 3.05 9.96
C LEU A 45 -5.68 2.62 11.16
N PHE A 46 -6.10 1.36 11.17
CA PHE A 46 -6.88 0.82 12.27
C PHE A 46 -5.98 0.19 13.33
N ALA A 47 -6.58 -0.55 14.24
CA ALA A 47 -5.83 -1.22 15.31
C ALA A 47 -4.95 -2.33 14.75
N SER A 48 -5.49 -3.12 13.84
CA SER A 48 -4.76 -4.21 13.23
C SER A 48 -5.00 -4.26 11.72
N HIS A 49 -5.20 -3.09 11.12
CA HIS A 49 -5.45 -3.00 9.68
C HIS A 49 -5.05 -1.63 9.15
N SER A 50 -4.92 -1.52 7.83
CA SER A 50 -4.54 -0.26 7.20
C SER A 50 -4.74 -0.34 5.69
N THR A 51 -5.38 0.68 5.14
CA THR A 51 -5.64 0.74 3.70
C THR A 51 -4.77 1.78 3.02
N ILE A 52 -4.70 1.72 1.70
CA ILE A 52 -3.90 2.67 0.93
C ILE A 52 -4.12 2.49 -0.57
N GLU A 53 -4.14 3.61 -1.30
CA GLU A 53 -4.34 3.57 -2.74
C GLU A 53 -3.18 4.21 -3.47
N LEU A 54 -2.58 3.47 -4.40
CA LEU A 54 -1.45 3.96 -5.17
C LEU A 54 -1.86 4.25 -6.61
N PRO A 55 -1.50 5.46 -7.10
CA PRO A 55 -1.81 5.87 -8.47
C PRO A 55 -1.02 5.10 -9.51
N LYS A 56 -0.08 4.28 -9.05
CA LYS A 56 0.76 3.49 -9.94
C LYS A 56 -0.10 2.80 -11.00
N GLY A 57 0.50 2.57 -12.17
CA GLY A 57 -0.21 1.93 -13.26
C GLY A 57 0.55 0.76 -13.84
N MET A 58 1.15 -0.04 -12.96
CA MET A 58 1.92 -1.21 -13.40
C MET A 58 2.42 -2.00 -12.20
N PRO A 59 1.49 -2.63 -11.47
CA PRO A 59 1.81 -3.43 -10.29
C PRO A 59 2.53 -4.72 -10.64
N GLY A 60 2.70 -5.60 -9.65
CA GLY A 60 3.37 -6.87 -9.89
C GLY A 60 4.86 -6.78 -9.67
N GLU A 61 5.35 -5.57 -9.44
CA GLU A 61 6.78 -5.35 -9.22
C GLU A 61 7.19 -5.88 -7.85
N VAL A 62 6.49 -5.44 -6.81
CA VAL A 62 6.79 -5.87 -5.44
C VAL A 62 6.25 -7.28 -5.18
N LEU A 63 5.13 -7.61 -5.81
CA LEU A 63 4.52 -8.92 -5.64
C LEU A 63 5.40 -10.01 -6.24
N GLN A 64 6.28 -9.62 -7.15
CA GLN A 64 7.19 -10.57 -7.80
C GLN A 64 8.38 -10.88 -6.89
N HIS A 65 9.13 -9.85 -6.52
CA HIS A 65 10.29 -10.02 -5.67
C HIS A 65 9.87 -10.31 -4.23
N PHE A 66 9.04 -9.43 -3.67
CA PHE A 66 8.56 -9.61 -2.30
C PHE A 66 7.30 -10.47 -2.27
N THR A 67 7.32 -11.57 -3.02
CA THR A 67 6.17 -12.48 -3.07
C THR A 67 6.03 -13.25 -1.77
N ARG A 68 7.15 -13.54 -1.13
CA ARG A 68 7.15 -14.29 0.13
C ARG A 68 7.68 -13.43 1.27
N THR A 69 8.46 -12.40 0.92
CA THR A 69 9.03 -11.51 1.93
C THR A 69 8.21 -10.22 2.05
N ARG A 70 7.64 -10.01 3.23
CA ARG A 70 6.83 -8.83 3.48
C ARG A 70 6.93 -8.39 4.94
N ILE A 71 6.28 -7.28 5.27
CA ILE A 71 6.30 -6.75 6.63
C ILE A 71 5.24 -5.69 6.82
N LEU A 72 5.18 -5.13 8.02
CA LEU A 72 4.21 -4.09 8.34
C LEU A 72 3.99 -3.17 7.14
N ASN A 73 5.08 -2.80 6.47
CA ASN A 73 4.99 -1.92 5.31
C ASN A 73 4.49 -2.70 4.08
N LYS A 74 5.24 -3.71 3.68
CA LYS A 74 4.88 -4.52 2.53
C LYS A 74 3.56 -5.26 2.78
N PRO A 75 2.94 -5.75 1.70
CA PRO A 75 1.67 -6.48 1.77
C PRO A 75 1.83 -7.85 2.43
N MET A 76 1.96 -7.85 3.75
CA MET A 76 2.12 -9.09 4.50
C MET A 76 0.89 -10.00 4.31
N ASN A 77 -0.28 -9.46 4.61
CA ASN A 77 -1.52 -10.21 4.47
C ASN A 77 -2.68 -9.30 4.11
N MET A 78 -2.69 -8.84 2.86
CA MET A 78 -3.75 -7.96 2.37
C MET A 78 -4.58 -8.65 1.30
N GLN A 79 -5.68 -8.00 0.92
CA GLN A 79 -6.57 -8.55 -0.10
C GLN A 79 -7.20 -7.44 -0.94
N LEU A 80 -7.12 -7.58 -2.26
CA LEU A 80 -7.67 -6.59 -3.17
C LEU A 80 -9.18 -6.47 -2.99
N LEU A 81 -9.64 -5.30 -2.58
CA LEU A 81 -11.06 -5.07 -2.38
C LEU A 81 -11.59 -4.00 -3.33
N GLY A 82 -10.70 -3.11 -3.75
CA GLY A 82 -11.09 -2.05 -4.68
C GLY A 82 -11.04 -2.50 -6.12
N ASP A 83 -10.88 -1.54 -7.03
CA ASP A 83 -10.83 -1.85 -8.46
C ASP A 83 -10.42 -0.61 -9.25
N ALA A 84 -9.73 -0.84 -10.37
CA ALA A 84 -9.27 0.26 -11.22
C ALA A 84 -10.45 0.96 -11.87
N GLN A 85 -10.74 2.18 -11.43
CA GLN A 85 -11.85 2.96 -11.97
C GLN A 85 -11.68 3.16 -13.47
N MET A 1 2.91 9.58 -11.32
CA MET A 1 3.16 9.12 -12.68
C MET A 1 3.05 7.60 -12.77
N ALA A 2 2.07 7.12 -13.53
CA ALA A 2 1.85 5.69 -13.70
C ALA A 2 1.85 5.30 -15.17
N ASP A 3 1.60 4.02 -15.44
CA ASP A 3 1.56 3.52 -16.81
C ASP A 3 0.14 3.52 -17.35
N VAL A 4 -0.82 3.26 -16.48
CA VAL A 4 -2.23 3.23 -16.86
C VAL A 4 -3.09 3.98 -15.84
N GLY A 5 -2.79 3.79 -14.57
CA GLY A 5 -3.55 4.45 -13.52
C GLY A 5 -4.16 3.45 -12.54
N ASP A 6 -3.50 2.31 -12.37
CA ASP A 6 -3.98 1.28 -11.46
C ASP A 6 -4.25 1.86 -10.08
N MET A 7 -5.53 2.09 -9.77
CA MET A 7 -5.91 2.64 -8.49
C MET A 7 -6.93 1.74 -7.79
N GLN A 8 -6.56 1.24 -6.61
CA GLN A 8 -7.43 0.36 -5.84
C GLN A 8 -7.17 0.51 -4.34
N LEU A 9 -7.99 -0.17 -3.54
CA LEU A 9 -7.85 -0.11 -2.09
C LEU A 9 -7.36 -1.45 -1.54
N TYR A 10 -6.11 -1.47 -1.09
CA TYR A 10 -5.53 -2.68 -0.53
C TYR A 10 -5.39 -2.58 0.98
N ARG A 11 -6.12 -3.45 1.69
CA ARG A 11 -6.08 -3.46 3.14
C ARG A 11 -5.18 -4.58 3.66
N ILE A 12 -4.29 -4.23 4.58
CA ILE A 12 -3.37 -5.20 5.15
C ILE A 12 -3.81 -5.60 6.56
N GLU A 13 -3.20 -6.67 7.08
CA GLU A 13 -3.52 -7.16 8.41
C GLU A 13 -2.54 -6.60 9.44
N VAL A 14 -2.36 -5.28 9.44
CA VAL A 14 -1.46 -4.62 10.38
C VAL A 14 -2.01 -3.27 10.81
N GLY A 15 -1.83 -2.96 12.09
CA GLY A 15 -2.32 -1.70 12.61
C GLY A 15 -1.50 -1.19 13.78
N ARG A 16 -1.99 -0.15 14.45
CA ARG A 16 -1.29 0.42 15.59
C ARG A 16 -1.00 -0.64 16.64
N ASP A 17 -1.92 -1.60 16.78
CA ASP A 17 -1.76 -2.67 17.75
C ASP A 17 -0.69 -3.66 17.31
N ASP A 18 -0.36 -3.63 16.02
CA ASP A 18 0.66 -4.51 15.47
C ASP A 18 2.02 -3.83 15.45
N GLY A 19 2.03 -2.54 15.09
CA GLY A 19 3.27 -1.79 15.03
C GLY A 19 3.39 -0.97 13.77
N VAL A 20 2.26 -0.44 13.30
CA VAL A 20 2.25 0.37 12.09
C VAL A 20 1.37 1.61 12.26
N GLU A 21 1.73 2.68 11.57
CA GLU A 21 0.97 3.93 11.65
C GLU A 21 0.61 4.44 10.27
N VAL A 22 0.03 5.63 10.21
CA VAL A 22 -0.38 6.23 8.94
C VAL A 22 0.82 6.80 8.20
N ARG A 23 1.77 7.34 8.94
CA ARG A 23 2.98 7.91 8.34
C ARG A 23 4.05 6.84 8.15
N HIS A 24 3.74 5.61 8.56
CA HIS A 24 4.67 4.50 8.43
C HIS A 24 4.62 3.90 7.03
N ILE A 25 3.43 3.44 6.64
CA ILE A 25 3.24 2.84 5.32
C ILE A 25 3.30 3.89 4.23
N VAL A 26 2.97 5.13 4.58
CA VAL A 26 2.98 6.23 3.63
C VAL A 26 4.39 6.75 3.41
N GLY A 27 5.07 7.10 4.51
CA GLY A 27 6.43 7.60 4.41
C GLY A 27 7.36 6.63 3.71
N ALA A 28 6.98 5.36 3.68
CA ALA A 28 7.79 4.34 3.03
C ALA A 28 7.50 4.27 1.54
N ILE A 29 6.25 3.99 1.19
CA ILE A 29 5.84 3.90 -0.21
C ILE A 29 6.07 5.22 -0.93
N ALA A 30 6.21 6.29 -0.16
CA ALA A 30 6.44 7.61 -0.73
C ALA A 30 7.93 7.94 -0.78
N ASN A 31 8.73 7.19 -0.04
CA ASN A 31 10.17 7.40 0.00
C ASN A 31 10.88 6.38 -0.88
N GLU A 32 10.15 5.39 -1.36
CA GLU A 32 10.72 4.36 -2.22
C GLU A 32 10.76 4.82 -3.67
N GLY A 33 9.67 5.43 -4.13
CA GLY A 33 9.60 5.90 -5.49
C GLY A 33 9.35 7.39 -5.57
N ASP A 34 8.33 7.77 -6.33
CA ASP A 34 7.98 9.18 -6.49
C ASP A 34 6.69 9.52 -5.76
N ILE A 35 6.00 8.49 -5.29
CA ILE A 35 4.75 8.67 -4.56
C ILE A 35 4.91 9.67 -3.44
N SER A 36 3.87 10.47 -3.21
CA SER A 36 3.90 11.48 -2.16
C SER A 36 2.78 11.25 -1.15
N SER A 37 2.88 11.90 0.00
CA SER A 37 1.87 11.76 1.05
C SER A 37 0.53 12.30 0.58
N ARG A 38 0.56 13.22 -0.37
CA ARG A 38 -0.66 13.83 -0.89
C ARG A 38 -1.14 13.08 -2.14
N TYR A 39 -0.19 12.56 -2.91
CA TYR A 39 -0.51 11.82 -4.13
C TYR A 39 -1.32 10.56 -3.80
N ILE A 40 -1.01 9.95 -2.66
CA ILE A 40 -1.70 8.74 -2.23
C ILE A 40 -3.20 8.98 -2.11
N GLY A 41 -3.99 7.98 -2.46
CA GLY A 41 -5.43 8.10 -2.38
C GLY A 41 -5.93 8.10 -0.94
N ASN A 42 -6.78 7.13 -0.61
CA ASN A 42 -7.33 7.02 0.74
C ASN A 42 -6.49 6.08 1.59
N ILE A 43 -6.01 6.59 2.73
CA ILE A 43 -5.19 5.79 3.62
C ILE A 43 -5.89 5.60 4.97
N LYS A 44 -5.93 4.35 5.44
CA LYS A 44 -6.56 4.04 6.71
C LYS A 44 -5.57 3.36 7.66
N LEU A 45 -5.79 3.53 8.96
CA LEU A 45 -4.92 2.93 9.97
C LEU A 45 -5.73 2.49 11.18
N PHE A 46 -6.17 1.23 11.17
CA PHE A 46 -6.94 0.69 12.28
C PHE A 46 -6.04 0.04 13.32
N ALA A 47 -6.63 -0.72 14.23
CA ALA A 47 -5.88 -1.40 15.28
C ALA A 47 -4.99 -2.48 14.69
N SER A 48 -5.54 -3.28 13.79
CA SER A 48 -4.79 -4.36 13.16
C SER A 48 -5.05 -4.39 11.65
N HIS A 49 -5.25 -3.21 11.07
CA HIS A 49 -5.49 -3.10 9.64
C HIS A 49 -5.11 -1.72 9.11
N SER A 50 -4.97 -1.60 7.81
CA SER A 50 -4.59 -0.34 7.18
C SER A 50 -4.80 -0.39 5.68
N THR A 51 -5.42 0.66 5.13
CA THR A 51 -5.68 0.73 3.70
C THR A 51 -4.84 1.83 3.04
N ILE A 52 -4.71 1.76 1.72
CA ILE A 52 -3.94 2.75 0.97
C ILE A 52 -4.09 2.54 -0.53
N GLU A 53 -4.24 3.64 -1.26
CA GLU A 53 -4.39 3.58 -2.71
C GLU A 53 -3.21 4.27 -3.41
N LEU A 54 -2.48 3.50 -4.21
CA LEU A 54 -1.34 4.03 -4.94
C LEU A 54 -1.69 4.27 -6.40
N PRO A 55 -1.25 5.42 -6.93
CA PRO A 55 -1.50 5.80 -8.33
C PRO A 55 -0.71 4.93 -9.32
N LYS A 56 0.16 4.08 -8.78
CA LYS A 56 0.97 3.20 -9.61
C LYS A 56 0.14 2.55 -10.70
N GLY A 57 0.76 2.30 -11.84
CA GLY A 57 0.05 1.69 -12.96
C GLY A 57 0.77 0.46 -13.49
N MET A 58 1.25 -0.38 -12.59
CA MET A 58 1.97 -1.59 -12.98
C MET A 58 2.33 -2.43 -11.76
N PRO A 59 1.31 -2.99 -11.09
CA PRO A 59 1.50 -3.81 -9.90
C PRO A 59 2.15 -5.16 -10.22
N GLY A 60 2.40 -5.95 -9.18
CA GLY A 60 3.02 -7.25 -9.38
C GLY A 60 4.53 -7.17 -9.49
N GLU A 61 5.08 -6.03 -9.09
CA GLU A 61 6.52 -5.82 -9.15
C GLU A 61 7.21 -6.47 -7.95
N VAL A 62 6.81 -6.06 -6.75
CA VAL A 62 7.39 -6.60 -5.52
C VAL A 62 6.71 -7.91 -5.13
N LEU A 63 5.42 -8.00 -5.41
CA LEU A 63 4.65 -9.20 -5.09
C LEU A 63 5.15 -10.40 -5.87
N GLN A 64 5.83 -10.14 -6.98
CA GLN A 64 6.37 -11.20 -7.83
C GLN A 64 7.66 -11.75 -7.24
N HIS A 65 8.66 -10.87 -7.07
CA HIS A 65 9.95 -11.27 -6.52
C HIS A 65 9.82 -11.58 -5.03
N PHE A 66 9.32 -10.62 -4.26
CA PHE A 66 9.16 -10.80 -2.83
C PHE A 66 7.77 -11.36 -2.50
N THR A 67 7.35 -12.36 -3.27
CA THR A 67 6.05 -12.98 -3.06
C THR A 67 5.98 -13.68 -1.70
N ARG A 68 7.14 -14.08 -1.19
CA ARG A 68 7.20 -14.75 0.10
C ARG A 68 7.79 -13.84 1.17
N THR A 69 8.25 -12.66 0.74
CA THR A 69 8.85 -11.70 1.65
C THR A 69 8.01 -10.43 1.73
N ARG A 70 7.53 -10.11 2.93
CA ARG A 70 6.70 -8.92 3.14
C ARG A 70 6.84 -8.41 4.56
N ILE A 71 6.18 -7.30 4.85
CA ILE A 71 6.22 -6.71 6.19
C ILE A 71 5.13 -5.66 6.36
N LEU A 72 5.10 -5.04 7.53
CA LEU A 72 4.10 -4.00 7.82
C LEU A 72 3.81 -3.16 6.59
N ASN A 73 4.87 -2.80 5.86
CA ASN A 73 4.73 -2.00 4.66
C ASN A 73 4.23 -2.84 3.48
N LYS A 74 5.03 -3.83 3.10
CA LYS A 74 4.68 -4.72 2.00
C LYS A 74 3.38 -5.47 2.31
N PRO A 75 2.77 -6.04 1.26
CA PRO A 75 1.52 -6.80 1.39
C PRO A 75 1.73 -8.13 2.10
N MET A 76 1.85 -8.06 3.43
CA MET A 76 2.04 -9.27 4.23
C MET A 76 0.85 -10.21 4.11
N ASN A 77 -0.34 -9.70 4.40
CA ASN A 77 -1.56 -10.49 4.32
C ASN A 77 -2.74 -9.63 3.90
N MET A 78 -2.56 -8.87 2.81
CA MET A 78 -3.61 -8.00 2.30
C MET A 78 -4.39 -8.69 1.18
N GLN A 79 -5.40 -8.00 0.66
CA GLN A 79 -6.22 -8.55 -0.41
C GLN A 79 -6.92 -7.43 -1.19
N LEU A 80 -6.86 -7.50 -2.51
CA LEU A 80 -7.49 -6.50 -3.36
C LEU A 80 -8.99 -6.45 -3.11
N LEU A 81 -9.49 -5.28 -2.73
CA LEU A 81 -10.91 -5.11 -2.46
C LEU A 81 -11.52 -4.07 -3.41
N GLY A 82 -10.68 -3.16 -3.88
CA GLY A 82 -11.15 -2.13 -4.80
C GLY A 82 -10.98 -2.52 -6.25
N ASP A 83 -10.94 -1.52 -7.12
CA ASP A 83 -10.79 -1.77 -8.56
C ASP A 83 -10.33 -0.51 -9.28
N ALA A 84 -9.62 -0.70 -10.40
CA ALA A 84 -9.12 0.42 -11.18
C ALA A 84 -10.26 1.17 -11.87
N GLN A 85 -10.34 2.47 -11.64
CA GLN A 85 -11.39 3.29 -12.24
C GLN A 85 -11.39 3.14 -13.75
N MET A 1 -0.32 11.33 -14.59
CA MET A 1 -1.09 10.09 -14.61
C MET A 1 -0.17 8.88 -14.67
N ALA A 2 -0.63 7.76 -14.12
CA ALA A 2 0.16 6.53 -14.12
C ALA A 2 0.42 6.04 -15.54
N ASP A 3 0.94 4.82 -15.65
CA ASP A 3 1.24 4.23 -16.95
C ASP A 3 -0.04 3.72 -17.62
N VAL A 4 -0.97 3.24 -16.81
CA VAL A 4 -2.23 2.71 -17.31
C VAL A 4 -3.40 3.16 -16.44
N GLY A 5 -3.20 3.14 -15.14
CA GLY A 5 -4.25 3.54 -14.22
C GLY A 5 -4.55 2.49 -13.17
N ASP A 6 -3.52 1.77 -12.74
CA ASP A 6 -3.68 0.73 -11.74
C ASP A 6 -3.90 1.32 -10.36
N MET A 7 -5.11 1.83 -10.13
CA MET A 7 -5.46 2.44 -8.85
C MET A 7 -6.56 1.64 -8.16
N GLN A 8 -6.28 1.13 -6.97
CA GLN A 8 -7.25 0.34 -6.22
C GLN A 8 -7.01 0.50 -4.72
N LEU A 9 -7.91 -0.07 -3.93
CA LEU A 9 -7.81 0.01 -2.47
C LEU A 9 -7.39 -1.34 -1.88
N TYR A 10 -6.22 -1.36 -1.24
CA TYR A 10 -5.70 -2.57 -0.63
C TYR A 10 -5.64 -2.45 0.89
N ARG A 11 -6.37 -3.31 1.57
CA ARG A 11 -6.40 -3.30 3.03
C ARG A 11 -5.49 -4.37 3.61
N ILE A 12 -4.65 -3.99 4.56
CA ILE A 12 -3.72 -4.92 5.19
C ILE A 12 -4.19 -5.29 6.59
N GLU A 13 -3.61 -6.37 7.14
CA GLU A 13 -3.97 -6.83 8.47
C GLU A 13 -2.94 -6.38 9.50
N VAL A 14 -2.64 -5.08 9.48
CA VAL A 14 -1.66 -4.52 10.42
C VAL A 14 -2.08 -3.13 10.88
N GLY A 15 -1.96 -2.89 12.19
CA GLY A 15 -2.34 -1.59 12.73
C GLY A 15 -1.43 -1.15 13.86
N ARG A 16 -1.82 -0.10 14.55
CA ARG A 16 -1.03 0.43 15.66
C ARG A 16 -0.74 -0.66 16.69
N ASP A 17 -1.75 -1.49 16.96
CA ASP A 17 -1.60 -2.58 17.93
C ASP A 17 -0.62 -3.62 17.41
N ASP A 18 -0.36 -3.60 16.11
CA ASP A 18 0.56 -4.55 15.50
C ASP A 18 1.97 -3.96 15.42
N GLY A 19 2.04 -2.69 15.08
CA GLY A 19 3.33 -2.03 14.96
C GLY A 19 3.45 -1.21 13.69
N VAL A 20 2.35 -0.62 13.25
CA VAL A 20 2.34 0.18 12.04
C VAL A 20 1.55 1.48 12.25
N GLU A 21 1.95 2.53 11.54
CA GLU A 21 1.28 3.81 11.64
C GLU A 21 0.88 4.33 10.26
N VAL A 22 0.38 5.56 10.22
CA VAL A 22 -0.04 6.18 8.97
C VAL A 22 1.15 6.64 8.15
N ARG A 23 2.20 7.08 8.83
CA ARG A 23 3.41 7.55 8.17
C ARG A 23 4.37 6.39 7.91
N HIS A 24 3.98 5.20 8.34
CA HIS A 24 4.80 4.01 8.16
C HIS A 24 4.59 3.41 6.76
N ILE A 25 3.35 3.06 6.46
CA ILE A 25 3.01 2.48 5.17
C ILE A 25 3.08 3.53 4.06
N VAL A 26 2.91 4.78 4.43
CA VAL A 26 2.96 5.88 3.47
C VAL A 26 4.40 6.26 3.14
N GLY A 27 5.16 6.64 4.16
CA GLY A 27 6.54 7.02 3.96
C GLY A 27 7.37 5.88 3.39
N ALA A 28 6.89 4.66 3.54
CA ALA A 28 7.59 3.49 3.02
C ALA A 28 7.45 3.38 1.51
N ILE A 29 6.22 3.28 1.04
CA ILE A 29 5.95 3.17 -0.39
C ILE A 29 6.25 4.47 -1.10
N ALA A 30 6.15 5.59 -0.37
CA ALA A 30 6.42 6.90 -0.93
C ALA A 30 7.92 7.12 -1.13
N ASN A 31 8.72 6.41 -0.34
CA ASN A 31 10.17 6.52 -0.42
C ASN A 31 10.76 5.40 -1.27
N GLU A 32 10.05 4.28 -1.35
CA GLU A 32 10.49 3.15 -2.14
C GLU A 32 10.47 3.46 -3.63
N GLY A 33 9.45 4.21 -4.05
CA GLY A 33 9.32 4.57 -5.45
C GLY A 33 9.16 6.06 -5.64
N ASP A 34 8.39 6.44 -6.65
CA ASP A 34 8.16 7.86 -6.95
C ASP A 34 6.92 8.36 -6.23
N ILE A 35 6.13 7.44 -5.68
CA ILE A 35 4.93 7.80 -4.96
C ILE A 35 5.22 8.85 -3.89
N SER A 36 4.27 9.77 -3.70
CA SER A 36 4.42 10.83 -2.72
C SER A 36 3.37 10.71 -1.62
N SER A 37 3.66 11.30 -0.46
CA SER A 37 2.75 11.26 0.67
C SER A 37 1.40 11.86 0.30
N ARG A 38 1.40 12.74 -0.69
CA ARG A 38 0.18 13.40 -1.14
C ARG A 38 -0.45 12.64 -2.31
N TYR A 39 0.41 12.12 -3.19
CA TYR A 39 -0.05 11.37 -4.35
C TYR A 39 -0.96 10.22 -3.94
N ILE A 40 -0.58 9.53 -2.87
CA ILE A 40 -1.36 8.40 -2.36
C ILE A 40 -2.82 8.78 -2.18
N GLY A 41 -3.72 7.84 -2.46
CA GLY A 41 -5.14 8.10 -2.30
C GLY A 41 -5.57 8.16 -0.86
N ASN A 42 -6.50 7.30 -0.48
CA ASN A 42 -7.00 7.27 0.89
C ASN A 42 -6.24 6.24 1.72
N ILE A 43 -5.75 6.68 2.87
CA ILE A 43 -4.99 5.79 3.76
C ILE A 43 -5.69 5.65 5.11
N LYS A 44 -5.76 4.43 5.62
CA LYS A 44 -6.41 4.16 6.91
C LYS A 44 -5.42 3.52 7.87
N LEU A 45 -5.63 3.74 9.16
CA LEU A 45 -4.77 3.17 10.20
C LEU A 45 -5.57 2.79 11.43
N PHE A 46 -6.02 1.54 11.48
CA PHE A 46 -6.80 1.06 12.61
C PHE A 46 -5.90 0.35 13.63
N ALA A 47 -6.52 -0.35 14.57
CA ALA A 47 -5.78 -1.08 15.60
C ALA A 47 -4.94 -2.19 14.98
N SER A 48 -5.57 -3.00 14.15
CA SER A 48 -4.88 -4.11 13.50
C SER A 48 -5.25 -4.20 12.02
N HIS A 49 -5.46 -3.04 11.41
CA HIS A 49 -5.82 -2.98 10.00
C HIS A 49 -5.46 -1.61 9.41
N SER A 50 -5.40 -1.55 8.08
CA SER A 50 -5.05 -0.31 7.39
C SER A 50 -5.35 -0.42 5.89
N THR A 51 -5.48 0.73 5.24
CA THR A 51 -5.76 0.77 3.81
C THR A 51 -4.88 1.79 3.10
N ILE A 52 -4.84 1.71 1.77
CA ILE A 52 -4.03 2.63 0.98
C ILE A 52 -4.27 2.41 -0.51
N GLU A 53 -4.28 3.51 -1.26
CA GLU A 53 -4.50 3.45 -2.71
C GLU A 53 -3.27 3.94 -3.47
N LEU A 54 -2.74 3.08 -4.33
CA LEU A 54 -1.56 3.43 -5.11
C LEU A 54 -1.95 3.78 -6.55
N PRO A 55 -1.71 5.05 -6.93
CA PRO A 55 -2.02 5.55 -8.27
C PRO A 55 -1.11 4.96 -9.34
N LYS A 56 -0.10 4.21 -8.89
CA LYS A 56 0.85 3.59 -9.81
C LYS A 56 0.12 2.86 -10.93
N GLY A 57 0.77 2.76 -12.09
CA GLY A 57 0.17 2.09 -13.23
C GLY A 57 1.09 1.04 -13.82
N MET A 58 1.65 0.19 -12.98
CA MET A 58 2.54 -0.87 -13.43
C MET A 58 2.97 -1.76 -12.27
N PRO A 59 2.02 -2.51 -11.72
CA PRO A 59 2.27 -3.42 -10.58
C PRO A 59 3.12 -4.62 -10.99
N GLY A 60 3.24 -5.59 -10.09
CA GLY A 60 4.02 -6.77 -10.37
C GLY A 60 5.47 -6.61 -9.97
N GLU A 61 5.82 -5.44 -9.46
CA GLU A 61 7.18 -5.16 -9.04
C GLU A 61 7.47 -5.75 -7.67
N VAL A 62 6.65 -5.37 -6.68
CA VAL A 62 6.81 -5.87 -5.32
C VAL A 62 6.23 -7.27 -5.18
N LEU A 63 5.17 -7.55 -5.93
CA LEU A 63 4.52 -8.86 -5.89
C LEU A 63 5.44 -9.94 -6.44
N GLN A 64 6.40 -9.53 -7.26
CA GLN A 64 7.33 -10.47 -7.87
C GLN A 64 8.48 -10.78 -6.91
N HIS A 65 9.21 -9.74 -6.51
CA HIS A 65 10.33 -9.91 -5.59
C HIS A 65 9.85 -10.25 -4.20
N PHE A 66 8.98 -9.40 -3.65
CA PHE A 66 8.43 -9.60 -2.32
C PHE A 66 7.17 -10.46 -2.36
N THR A 67 7.21 -11.52 -3.14
CA THR A 67 6.06 -12.42 -3.29
C THR A 67 5.80 -13.18 -2.00
N ARG A 68 6.87 -13.57 -1.31
CA ARG A 68 6.74 -14.30 -0.05
C ARG A 68 7.28 -13.47 1.11
N THR A 69 8.13 -12.51 0.81
CA THR A 69 8.72 -11.64 1.83
C THR A 69 7.91 -10.36 1.98
N ARG A 70 7.30 -10.19 3.16
CA ARG A 70 6.50 -9.01 3.45
C ARG A 70 6.58 -8.64 4.93
N ILE A 71 5.93 -7.54 5.29
CA ILE A 71 5.92 -7.08 6.68
C ILE A 71 4.88 -5.98 6.89
N LEU A 72 4.83 -5.46 8.10
CA LEU A 72 3.88 -4.40 8.43
C LEU A 72 3.70 -3.44 7.26
N ASN A 73 4.82 -3.11 6.61
CA ASN A 73 4.78 -2.19 5.47
C ASN A 73 4.29 -2.91 4.21
N LYS A 74 5.04 -3.92 3.79
CA LYS A 74 4.69 -4.70 2.60
C LYS A 74 3.35 -5.40 2.80
N PRO A 75 2.75 -5.83 1.68
CA PRO A 75 1.46 -6.53 1.70
C PRO A 75 1.56 -7.93 2.30
N MET A 76 1.65 -7.99 3.63
CA MET A 76 1.75 -9.26 4.33
C MET A 76 0.49 -10.09 4.15
N ASN A 77 -0.63 -9.57 4.62
CA ASN A 77 -1.90 -10.26 4.50
C ASN A 77 -3.01 -9.30 4.06
N MET A 78 -2.85 -8.72 2.89
CA MET A 78 -3.83 -7.79 2.36
C MET A 78 -4.58 -8.40 1.18
N GLN A 79 -5.64 -7.72 0.74
CA GLN A 79 -6.45 -8.20 -0.37
C GLN A 79 -6.96 -7.04 -1.21
N LEU A 80 -7.33 -7.33 -2.45
CA LEU A 80 -7.84 -6.31 -3.37
C LEU A 80 -9.35 -6.14 -3.20
N LEU A 81 -9.77 -4.93 -2.88
CA LEU A 81 -11.19 -4.63 -2.70
C LEU A 81 -11.67 -3.60 -3.72
N GLY A 82 -10.78 -2.70 -4.10
CA GLY A 82 -11.11 -1.67 -5.07
C GLY A 82 -10.91 -2.13 -6.49
N ASP A 83 -10.87 -1.18 -7.42
CA ASP A 83 -10.68 -1.49 -8.83
C ASP A 83 -10.20 -0.26 -9.59
N ALA A 84 -9.46 -0.50 -10.68
CA ALA A 84 -8.95 0.60 -11.50
C ALA A 84 -10.07 1.51 -11.99
N GLN A 85 -9.97 2.79 -11.64
CA GLN A 85 -10.99 3.76 -12.03
C GLN A 85 -11.23 3.71 -13.54
N MET A 1 -0.14 9.98 -13.62
CA MET A 1 1.05 9.81 -14.43
C MET A 1 1.48 8.34 -14.46
N ALA A 2 0.52 7.45 -14.26
CA ALA A 2 0.80 6.01 -14.26
C ALA A 2 0.90 5.48 -15.69
N ASP A 3 1.01 4.16 -15.81
CA ASP A 3 1.12 3.52 -17.12
C ASP A 3 -0.26 3.20 -17.68
N VAL A 4 -1.19 2.86 -16.79
CA VAL A 4 -2.56 2.51 -17.20
C VAL A 4 -3.58 3.18 -16.28
N GLY A 5 -3.29 3.17 -14.99
CA GLY A 5 -4.20 3.77 -14.03
C GLY A 5 -4.65 2.79 -12.97
N ASP A 6 -3.76 1.87 -12.60
CA ASP A 6 -4.08 0.86 -11.59
C ASP A 6 -4.35 1.52 -10.24
N MET A 7 -5.63 1.80 -9.98
CA MET A 7 -6.03 2.43 -8.73
C MET A 7 -7.03 1.56 -7.97
N GLN A 8 -6.66 1.14 -6.77
CA GLN A 8 -7.52 0.30 -5.94
C GLN A 8 -7.24 0.51 -4.46
N LEU A 9 -8.04 -0.12 -3.62
CA LEU A 9 -7.88 -0.01 -2.17
C LEU A 9 -7.38 -1.32 -1.57
N TYR A 10 -6.14 -1.33 -1.13
CA TYR A 10 -5.54 -2.52 -0.54
C TYR A 10 -5.40 -2.36 0.98
N ARG A 11 -6.13 -3.18 1.72
CA ARG A 11 -6.10 -3.13 3.18
C ARG A 11 -5.23 -4.25 3.73
N ILE A 12 -4.32 -3.89 4.64
CA ILE A 12 -3.43 -4.88 5.25
C ILE A 12 -3.91 -5.26 6.64
N GLU A 13 -3.44 -6.41 7.13
CA GLU A 13 -3.82 -6.89 8.45
C GLU A 13 -2.85 -6.39 9.51
N VAL A 14 -2.61 -5.09 9.52
CA VAL A 14 -1.70 -4.48 10.48
C VAL A 14 -2.19 -3.10 10.91
N GLY A 15 -2.00 -2.78 12.19
CA GLY A 15 -2.44 -1.50 12.71
C GLY A 15 -1.58 -1.02 13.87
N ARG A 16 -2.02 0.05 14.52
CA ARG A 16 -1.29 0.61 15.65
C ARG A 16 -1.04 -0.46 16.71
N ASP A 17 -2.02 -1.32 16.92
CA ASP A 17 -1.91 -2.39 17.91
C ASP A 17 -0.83 -3.39 17.52
N ASP A 18 -0.48 -3.40 16.23
CA ASP A 18 0.53 -4.30 15.72
C ASP A 18 1.91 -3.63 15.71
N GLY A 19 1.94 -2.36 15.33
CA GLY A 19 3.19 -1.62 15.28
C GLY A 19 3.34 -0.83 14.01
N VAL A 20 2.22 -0.31 13.49
CA VAL A 20 2.24 0.48 12.27
C VAL A 20 1.41 1.75 12.42
N GLU A 21 1.80 2.80 11.70
CA GLU A 21 1.08 4.07 11.76
C GLU A 21 0.72 4.56 10.36
N VAL A 22 0.20 5.78 10.28
CA VAL A 22 -0.19 6.35 8.99
C VAL A 22 1.02 6.83 8.21
N ARG A 23 2.05 7.28 8.93
CA ARG A 23 3.27 7.76 8.29
C ARG A 23 4.25 6.61 8.07
N HIS A 24 3.87 5.41 8.51
CA HIS A 24 4.72 4.24 8.36
C HIS A 24 4.54 3.62 6.97
N ILE A 25 3.31 3.25 6.64
CA ILE A 25 3.00 2.65 5.35
C ILE A 25 3.12 3.67 4.23
N VAL A 26 2.93 4.94 4.57
CA VAL A 26 3.02 6.01 3.59
C VAL A 26 4.47 6.38 3.31
N GLY A 27 5.19 6.78 4.35
CA GLY A 27 6.58 7.15 4.19
C GLY A 27 7.42 6.04 3.60
N ALA A 28 6.93 4.80 3.71
CA ALA A 28 7.64 3.64 3.18
C ALA A 28 7.46 3.54 1.68
N ILE A 29 6.22 3.43 1.23
CA ILE A 29 5.91 3.33 -0.19
C ILE A 29 6.23 4.63 -0.92
N ALA A 30 6.32 5.72 -0.16
CA ALA A 30 6.64 7.03 -0.74
C ALA A 30 8.14 7.25 -0.81
N ASN A 31 8.89 6.45 -0.07
CA ASN A 31 10.34 6.57 -0.04
C ASN A 31 10.99 5.51 -0.92
N GLU A 32 10.27 4.41 -1.14
CA GLU A 32 10.77 3.32 -1.97
C GLU A 32 10.80 3.72 -3.44
N GLY A 33 9.76 4.43 -3.88
CA GLY A 33 9.68 4.86 -5.26
C GLY A 33 9.60 6.37 -5.39
N ASP A 34 8.67 6.85 -6.21
CA ASP A 34 8.50 8.27 -6.42
C ASP A 34 7.22 8.77 -5.75
N ILE A 35 6.38 7.84 -5.32
CA ILE A 35 5.13 8.18 -4.66
C ILE A 35 5.36 9.16 -3.52
N SER A 36 4.43 10.09 -3.34
CA SER A 36 4.54 11.09 -2.28
C SER A 36 3.41 10.92 -1.26
N SER A 37 3.53 11.62 -0.13
CA SER A 37 2.53 11.55 0.92
C SER A 37 1.20 12.11 0.45
N ARG A 38 1.25 12.98 -0.55
CA ARG A 38 0.05 13.60 -1.10
C ARG A 38 -0.47 12.81 -2.31
N TYR A 39 0.46 12.33 -3.13
CA TYR A 39 0.10 11.56 -4.32
C TYR A 39 -0.80 10.38 -3.96
N ILE A 40 -0.53 9.78 -2.80
CA ILE A 40 -1.32 8.64 -2.34
C ILE A 40 -2.78 9.01 -2.18
N GLY A 41 -3.66 8.06 -2.49
CA GLY A 41 -5.09 8.30 -2.37
C GLY A 41 -5.56 8.33 -0.93
N ASN A 42 -6.49 7.45 -0.61
CA ASN A 42 -7.03 7.37 0.75
C ASN A 42 -6.27 6.34 1.58
N ILE A 43 -5.81 6.75 2.75
CA ILE A 43 -5.07 5.86 3.64
C ILE A 43 -5.74 5.79 5.01
N LYS A 44 -5.96 4.56 5.49
CA LYS A 44 -6.58 4.34 6.79
C LYS A 44 -5.61 3.67 7.75
N LEU A 45 -5.82 3.90 9.04
CA LEU A 45 -4.96 3.31 10.07
C LEU A 45 -5.77 2.89 11.29
N PHE A 46 -6.21 1.64 11.29
CA PHE A 46 -7.01 1.11 12.40
C PHE A 46 -6.11 0.46 13.45
N ALA A 47 -6.72 -0.29 14.36
CA ALA A 47 -5.99 -0.98 15.41
C ALA A 47 -5.13 -2.09 14.83
N SER A 48 -5.70 -2.87 13.92
CA SER A 48 -4.98 -3.97 13.30
C SER A 48 -5.25 -4.03 11.80
N HIS A 49 -5.42 -2.86 11.19
CA HIS A 49 -5.68 -2.77 9.77
C HIS A 49 -5.29 -1.41 9.22
N SER A 50 -5.10 -1.32 7.91
CA SER A 50 -4.71 -0.07 7.27
C SER A 50 -4.89 -0.17 5.75
N THR A 51 -5.51 0.86 5.17
CA THR A 51 -5.75 0.89 3.73
C THR A 51 -4.86 1.93 3.06
N ILE A 52 -4.79 1.87 1.74
CA ILE A 52 -3.98 2.82 0.97
C ILE A 52 -4.20 2.63 -0.54
N GLU A 53 -4.20 3.74 -1.27
CA GLU A 53 -4.40 3.71 -2.71
C GLU A 53 -3.22 4.36 -3.44
N LEU A 54 -2.65 3.63 -4.39
CA LEU A 54 -1.52 4.14 -5.16
C LEU A 54 -1.89 4.34 -6.62
N PRO A 55 -1.53 5.51 -7.17
CA PRO A 55 -1.83 5.84 -8.57
C PRO A 55 -1.00 5.01 -9.55
N LYS A 56 -0.09 4.21 -9.02
CA LYS A 56 0.76 3.36 -9.84
C LYS A 56 -0.06 2.64 -10.91
N GLY A 57 0.53 2.43 -12.08
CA GLY A 57 -0.16 1.75 -13.16
C GLY A 57 0.68 0.65 -13.78
N MET A 58 1.29 -0.17 -12.93
CA MET A 58 2.12 -1.27 -13.41
C MET A 58 2.62 -2.12 -12.24
N PRO A 59 1.69 -2.83 -11.58
CA PRO A 59 2.02 -3.69 -10.44
C PRO A 59 2.81 -4.92 -10.85
N GLY A 60 2.97 -5.85 -9.91
CA GLY A 60 3.71 -7.07 -10.20
C GLY A 60 5.20 -6.90 -9.98
N GLU A 61 5.62 -5.70 -9.62
CA GLU A 61 7.03 -5.41 -9.38
C GLU A 61 7.46 -5.94 -8.02
N VAL A 62 6.69 -5.60 -6.99
CA VAL A 62 7.00 -6.03 -5.62
C VAL A 62 6.52 -7.46 -5.38
N LEU A 63 5.42 -7.83 -6.05
CA LEU A 63 4.86 -9.17 -5.90
C LEU A 63 5.81 -10.22 -6.46
N GLN A 64 6.69 -9.79 -7.35
CA GLN A 64 7.65 -10.71 -7.97
C GLN A 64 8.77 -11.05 -6.99
N HIS A 65 9.48 -10.03 -6.52
CA HIS A 65 10.58 -10.23 -5.58
C HIS A 65 10.04 -10.54 -4.18
N PHE A 66 9.18 -9.67 -3.68
CA PHE A 66 8.59 -9.84 -2.35
C PHE A 66 7.34 -10.70 -2.42
N THR A 67 7.42 -11.80 -3.17
CA THR A 67 6.29 -12.71 -3.32
C THR A 67 5.97 -13.42 -2.01
N ARG A 68 7.01 -13.77 -1.27
CA ARG A 68 6.85 -14.45 0.01
C ARG A 68 7.33 -13.58 1.17
N THR A 69 8.20 -12.63 0.86
CA THR A 69 8.74 -11.73 1.86
C THR A 69 7.92 -10.44 1.95
N ARG A 70 7.39 -10.17 3.14
CA ARG A 70 6.59 -8.98 3.35
C ARG A 70 6.70 -8.50 4.80
N ILE A 71 6.05 -7.38 5.11
CA ILE A 71 6.07 -6.83 6.45
C ILE A 71 5.03 -5.72 6.61
N LEU A 72 4.98 -5.13 7.80
CA LEU A 72 4.03 -4.07 8.07
C LEU A 72 3.82 -3.18 6.85
N ASN A 73 4.92 -2.86 6.17
CA ASN A 73 4.86 -2.02 4.98
C ASN A 73 4.37 -2.82 3.78
N LYS A 74 5.13 -3.84 3.41
CA LYS A 74 4.76 -4.69 2.28
C LYS A 74 3.43 -5.40 2.53
N PRO A 75 2.83 -5.92 1.45
CA PRO A 75 1.55 -6.62 1.52
C PRO A 75 1.67 -7.98 2.22
N MET A 76 1.76 -7.95 3.54
CA MET A 76 1.89 -9.17 4.34
C MET A 76 0.67 -10.06 4.14
N ASN A 77 -0.49 -9.57 4.57
CA ASN A 77 -1.73 -10.33 4.45
C ASN A 77 -2.88 -9.42 4.03
N MET A 78 -2.64 -8.59 3.03
CA MET A 78 -3.65 -7.67 2.53
C MET A 78 -4.50 -8.33 1.44
N GLN A 79 -5.55 -7.64 1.02
CA GLN A 79 -6.44 -8.16 -0.01
C GLN A 79 -6.98 -7.03 -0.89
N LEU A 80 -7.37 -7.36 -2.11
CA LEU A 80 -7.90 -6.37 -3.04
C LEU A 80 -9.40 -6.20 -2.86
N LEU A 81 -9.80 -5.02 -2.40
CA LEU A 81 -11.22 -4.72 -2.18
C LEU A 81 -11.74 -3.74 -3.22
N GLY A 82 -10.84 -2.91 -3.74
CA GLY A 82 -11.23 -1.93 -4.74
C GLY A 82 -11.28 -2.52 -6.13
N ASP A 83 -11.05 -1.68 -7.14
CA ASP A 83 -11.08 -2.12 -8.52
C ASP A 83 -10.62 -1.01 -9.46
N ALA A 84 -9.59 -1.28 -10.26
CA ALA A 84 -9.06 -0.31 -11.19
C ALA A 84 -10.17 0.27 -12.07
N GLN A 85 -10.32 1.60 -12.03
CA GLN A 85 -11.34 2.28 -12.81
C GLN A 85 -11.26 1.88 -14.27
N MET A 1 2.24 9.69 -12.05
CA MET A 1 2.97 9.19 -13.20
C MET A 1 2.86 7.67 -13.30
N ALA A 2 1.75 7.20 -13.87
CA ALA A 2 1.53 5.77 -14.03
C ALA A 2 1.57 5.36 -15.50
N ASP A 3 1.32 4.09 -15.76
CA ASP A 3 1.32 3.56 -17.13
C ASP A 3 -0.09 3.47 -17.67
N VAL A 4 -1.04 3.17 -16.80
CA VAL A 4 -2.43 3.03 -17.20
C VAL A 4 -3.36 3.76 -16.22
N GLY A 5 -3.05 3.65 -14.93
CA GLY A 5 -3.86 4.30 -13.92
C GLY A 5 -4.41 3.33 -12.90
N ASP A 6 -3.70 2.22 -12.69
CA ASP A 6 -4.13 1.21 -11.75
C ASP A 6 -4.44 1.83 -10.38
N MET A 7 -5.72 1.99 -10.09
CA MET A 7 -6.15 2.58 -8.82
C MET A 7 -7.09 1.63 -8.08
N GLN A 8 -6.67 1.23 -6.88
CA GLN A 8 -7.47 0.32 -6.07
C GLN A 8 -7.20 0.53 -4.58
N LEU A 9 -7.95 -0.15 -3.74
CA LEU A 9 -7.80 -0.04 -2.29
C LEU A 9 -7.41 -1.38 -1.68
N TYR A 10 -6.17 -1.47 -1.20
CA TYR A 10 -5.69 -2.69 -0.58
C TYR A 10 -5.50 -2.51 0.93
N ARG A 11 -6.14 -3.39 1.69
CA ARG A 11 -6.04 -3.33 3.15
C ARG A 11 -5.15 -4.45 3.69
N ILE A 12 -4.22 -4.09 4.56
CA ILE A 12 -3.30 -5.06 5.15
C ILE A 12 -3.77 -5.48 6.54
N GLU A 13 -3.15 -6.53 7.07
CA GLU A 13 -3.50 -7.04 8.39
C GLU A 13 -2.54 -6.50 9.45
N VAL A 14 -2.34 -5.19 9.45
CA VAL A 14 -1.44 -4.55 10.41
C VAL A 14 -1.98 -3.20 10.84
N GLY A 15 -1.85 -2.89 12.13
CA GLY A 15 -2.33 -1.63 12.65
C GLY A 15 -1.49 -1.14 13.82
N ARG A 16 -1.99 -0.10 14.49
CA ARG A 16 -1.28 0.47 15.64
C ARG A 16 -1.01 -0.60 16.70
N ASP A 17 -1.96 -1.51 16.87
CA ASP A 17 -1.82 -2.58 17.84
C ASP A 17 -0.75 -3.59 17.40
N ASP A 18 -0.41 -3.55 16.12
CA ASP A 18 0.60 -4.44 15.56
C ASP A 18 1.97 -3.78 15.54
N GLY A 19 1.99 -2.49 15.19
CA GLY A 19 3.25 -1.76 15.15
C GLY A 19 3.38 -0.95 13.88
N VAL A 20 2.27 -0.42 13.40
CA VAL A 20 2.28 0.40 12.18
C VAL A 20 1.41 1.64 12.34
N GLU A 21 1.79 2.71 11.64
CA GLU A 21 1.04 3.96 11.71
C GLU A 21 0.67 4.45 10.31
N VAL A 22 0.12 5.65 10.25
CA VAL A 22 -0.28 6.24 8.97
C VAL A 22 0.92 6.76 8.20
N ARG A 23 1.93 7.23 8.93
CA ARG A 23 3.15 7.75 8.31
C ARG A 23 4.16 6.63 8.08
N HIS A 24 3.81 5.43 8.49
CA HIS A 24 4.69 4.27 8.33
C HIS A 24 4.54 3.67 6.94
N ILE A 25 3.31 3.27 6.60
CA ILE A 25 3.04 2.68 5.31
C ILE A 25 3.13 3.71 4.19
N VAL A 26 2.91 4.97 4.55
CA VAL A 26 2.97 6.07 3.58
C VAL A 26 4.41 6.47 3.30
N GLY A 27 5.14 6.83 4.36
CA GLY A 27 6.53 7.23 4.22
C GLY A 27 7.38 6.16 3.57
N ALA A 28 6.91 4.92 3.62
CA ALA A 28 7.63 3.80 3.04
C ALA A 28 7.43 3.73 1.53
N ILE A 29 6.17 3.58 1.12
CA ILE A 29 5.84 3.50 -0.30
C ILE A 29 6.11 4.84 -1.00
N ALA A 30 6.19 5.90 -0.21
CA ALA A 30 6.44 7.23 -0.75
C ALA A 30 7.94 7.51 -0.85
N ASN A 31 8.73 6.71 -0.14
CA ASN A 31 10.18 6.86 -0.14
C ASN A 31 10.84 5.84 -1.06
N GLU A 32 10.15 4.72 -1.27
CA GLU A 32 10.67 3.66 -2.13
C GLU A 32 10.68 4.10 -3.59
N GLY A 33 9.63 4.80 -4.00
CA GLY A 33 9.54 5.28 -5.37
C GLY A 33 9.42 6.78 -5.45
N ASP A 34 8.48 7.26 -6.26
CA ASP A 34 8.27 8.70 -6.44
C ASP A 34 6.99 9.14 -5.75
N ILE A 35 6.18 8.18 -5.34
CA ILE A 35 4.91 8.47 -4.68
C ILE A 35 5.11 9.44 -3.52
N SER A 36 4.19 10.39 -3.38
CA SER A 36 4.27 11.38 -2.30
C SER A 36 3.14 11.17 -1.29
N SER A 37 3.26 11.85 -0.15
CA SER A 37 2.25 11.74 0.89
C SER A 37 0.92 12.33 0.44
N ARG A 38 0.97 13.23 -0.54
CA ARG A 38 -0.23 13.87 -1.06
C ARG A 38 -0.75 13.11 -2.28
N TYR A 39 0.17 12.51 -3.04
CA TYR A 39 -0.21 11.76 -4.22
C TYR A 39 -1.06 10.55 -3.86
N ILE A 40 -0.72 9.90 -2.75
CA ILE A 40 -1.45 8.73 -2.30
C ILE A 40 -2.94 9.03 -2.16
N GLY A 41 -3.77 8.04 -2.49
CA GLY A 41 -5.21 8.22 -2.40
C GLY A 41 -5.71 8.22 -0.97
N ASN A 42 -6.60 7.29 -0.65
CA ASN A 42 -7.16 7.18 0.69
C ASN A 42 -6.37 6.19 1.53
N ILE A 43 -5.88 6.65 2.68
CA ILE A 43 -5.12 5.79 3.57
C ILE A 43 -5.82 5.62 4.91
N LYS A 44 -5.89 4.37 5.39
CA LYS A 44 -6.55 4.07 6.65
C LYS A 44 -5.56 3.43 7.63
N LEU A 45 -5.81 3.60 8.92
CA LEU A 45 -4.96 3.03 9.95
C LEU A 45 -5.78 2.57 11.15
N PHE A 46 -6.17 1.30 11.14
CA PHE A 46 -6.96 0.73 12.22
C PHE A 46 -6.05 0.12 13.30
N ALA A 47 -6.65 -0.65 14.19
CA ALA A 47 -5.89 -1.29 15.27
C ALA A 47 -4.99 -2.39 14.72
N SER A 48 -5.48 -3.11 13.72
CA SER A 48 -4.72 -4.20 13.12
C SER A 48 -4.96 -4.25 11.61
N HIS A 49 -5.18 -3.09 11.01
CA HIS A 49 -5.41 -2.99 9.58
C HIS A 49 -5.04 -1.61 9.05
N SER A 50 -4.90 -1.50 7.73
CA SER A 50 -4.54 -0.24 7.11
C SER A 50 -4.74 -0.31 5.60
N THR A 51 -5.38 0.72 5.04
CA THR A 51 -5.63 0.77 3.61
C THR A 51 -4.79 1.86 2.94
N ILE A 52 -4.72 1.81 1.61
CA ILE A 52 -3.93 2.79 0.86
C ILE A 52 -4.13 2.60 -0.64
N GLU A 53 -4.23 3.71 -1.36
CA GLU A 53 -4.42 3.67 -2.80
C GLU A 53 -3.24 4.32 -3.53
N LEU A 54 -2.59 3.56 -4.40
CA LEU A 54 -1.44 4.07 -5.15
C LEU A 54 -1.82 4.31 -6.61
N PRO A 55 -1.43 5.47 -7.14
CA PRO A 55 -1.71 5.85 -8.53
C PRO A 55 -0.91 5.01 -9.53
N LYS A 56 -0.02 4.18 -9.01
CA LYS A 56 0.81 3.32 -9.87
C LYS A 56 -0.04 2.66 -10.95
N GLY A 57 0.57 2.44 -12.11
CA GLY A 57 -0.14 1.82 -13.21
C GLY A 57 0.63 0.66 -13.81
N MET A 58 1.18 -0.20 -12.95
CA MET A 58 1.94 -1.35 -13.39
C MET A 58 2.38 -2.21 -12.20
N PRO A 59 1.41 -2.84 -11.54
CA PRO A 59 1.67 -3.70 -10.38
C PRO A 59 2.38 -4.99 -10.76
N GLY A 60 2.50 -5.91 -9.81
CA GLY A 60 3.16 -7.18 -10.06
C GLY A 60 4.66 -7.09 -9.90
N GLU A 61 5.14 -5.91 -9.53
CA GLU A 61 6.58 -5.69 -9.34
C GLU A 61 7.03 -6.20 -7.98
N VAL A 62 6.41 -5.69 -6.93
CA VAL A 62 6.75 -6.10 -5.56
C VAL A 62 6.12 -7.45 -5.23
N LEU A 63 4.95 -7.69 -5.78
CA LEU A 63 4.23 -8.95 -5.53
C LEU A 63 4.98 -10.13 -6.13
N GLN A 64 5.83 -9.84 -7.12
CA GLN A 64 6.61 -10.89 -7.78
C GLN A 64 7.87 -11.21 -6.98
N HIS A 65 8.71 -10.19 -6.77
CA HIS A 65 9.95 -10.37 -6.02
C HIS A 65 9.67 -10.59 -4.54
N PHE A 66 8.93 -9.65 -3.95
CA PHE A 66 8.59 -9.73 -2.52
C PHE A 66 7.29 -10.51 -2.33
N THR A 67 7.17 -11.65 -3.02
CA THR A 67 5.99 -12.48 -2.91
C THR A 67 5.95 -13.23 -1.59
N ARG A 68 7.12 -13.53 -1.05
CA ARG A 68 7.22 -14.24 0.22
C ARG A 68 7.79 -13.33 1.31
N THR A 69 8.49 -12.29 0.90
CA THR A 69 9.09 -11.34 1.83
C THR A 69 8.23 -10.09 1.97
N ARG A 70 7.68 -9.88 3.16
CA ARG A 70 6.84 -8.72 3.43
C ARG A 70 6.95 -8.29 4.88
N ILE A 71 6.27 -7.20 5.22
CA ILE A 71 6.28 -6.69 6.59
C ILE A 71 5.19 -5.64 6.79
N LEU A 72 5.13 -5.08 7.99
CA LEU A 72 4.14 -4.07 8.32
C LEU A 72 3.88 -3.15 7.13
N ASN A 73 4.95 -2.76 6.44
CA ASN A 73 4.84 -1.89 5.28
C ASN A 73 4.36 -2.67 4.06
N LYS A 74 5.15 -3.65 3.64
CA LYS A 74 4.80 -4.48 2.49
C LYS A 74 3.50 -5.25 2.73
N PRO A 75 2.91 -5.76 1.65
CA PRO A 75 1.65 -6.52 1.72
C PRO A 75 1.84 -7.88 2.37
N MET A 76 1.97 -7.88 3.70
CA MET A 76 2.16 -9.12 4.45
C MET A 76 0.94 -10.03 4.31
N ASN A 77 -0.25 -9.45 4.50
CA ASN A 77 -1.50 -10.21 4.40
C ASN A 77 -2.65 -9.30 4.02
N MET A 78 -2.57 -8.72 2.83
CA MET A 78 -3.62 -7.83 2.34
C MET A 78 -4.41 -8.49 1.21
N GLN A 79 -5.49 -7.83 0.80
CA GLN A 79 -6.34 -8.36 -0.27
C GLN A 79 -6.92 -7.22 -1.11
N LEU A 80 -7.16 -7.50 -2.39
CA LEU A 80 -7.71 -6.51 -3.30
C LEU A 80 -9.22 -6.40 -3.13
N LEU A 81 -9.69 -5.22 -2.74
CA LEU A 81 -11.11 -4.98 -2.55
C LEU A 81 -11.62 -3.92 -3.52
N GLY A 82 -10.72 -3.05 -3.96
CA GLY A 82 -11.10 -1.99 -4.89
C GLY A 82 -11.07 -2.46 -6.33
N ASP A 83 -10.90 -1.51 -7.25
CA ASP A 83 -10.85 -1.82 -8.68
C ASP A 83 -10.42 -0.62 -9.48
N ALA A 84 -9.73 -0.86 -10.60
CA ALA A 84 -9.25 0.21 -11.46
C ALA A 84 -10.41 0.85 -12.23
N GLN A 85 -10.63 2.14 -11.98
CA GLN A 85 -11.71 2.86 -12.65
C GLN A 85 -11.58 2.75 -14.16
#